data_7DGX
# 
_entry.id   7DGX 
# 
_audit_conform.dict_name       mmcif_pdbx.dic 
_audit_conform.dict_version    5.380 
_audit_conform.dict_location   http://mmcif.pdb.org/dictionaries/ascii/mmcif_pdbx.dic 
# 
loop_
_database_2.database_id 
_database_2.database_code 
_database_2.pdbx_database_accession 
_database_2.pdbx_DOI 
PDB   7DGX         pdb_00007dgx 10.2210/pdb7dgx/pdb 
WWPDB D_1300019361 ?            ?                   
# 
_pdbx_database_status.status_code                     REL 
_pdbx_database_status.status_code_sf                  REL 
_pdbx_database_status.status_code_mr                  ? 
_pdbx_database_status.entry_id                        7DGX 
_pdbx_database_status.recvd_initial_deposition_date   2020-11-12 
_pdbx_database_status.SG_entry                        N 
_pdbx_database_status.deposit_site                    PDBJ 
_pdbx_database_status.process_site                    PDBJ 
_pdbx_database_status.status_code_cs                  ? 
_pdbx_database_status.status_code_nmr_data            ? 
_pdbx_database_status.methods_development_category    ? 
_pdbx_database_status.pdb_format_compatible           Y 
# 
loop_
_audit_author.name 
_audit_author.pdbx_ordinal 
_audit_author.identifier_ORCID 
'Parihar, P.S.' 1 ? 
'Karade, S.S.'  2 ? 
'Pratap, J.V.'  3 ? 
# 
_citation.abstract                  ? 
_citation.abstract_id_CAS           ? 
_citation.book_id_ISBN              ? 
_citation.book_publisher            ? 
_citation.book_publisher_city       ? 
_citation.book_title                ? 
_citation.coordinate_linkage        ? 
_citation.country                   UK 
_citation.database_id_Medline       ? 
_citation.details                   ? 
_citation.id                        primary 
_citation.journal_abbrev            'Curr Res Struct Biol' 
_citation.journal_id_ASTM           ? 
_citation.journal_id_CSD            ? 
_citation.journal_id_ISSN           2665-928X 
_citation.journal_full              ? 
_citation.journal_issue             ? 
_citation.journal_volume            3 
_citation.language                  ? 
_citation.page_first                268 
_citation.page_last                 276 
_citation.title                     'Structural insights into kinetoplastid coronin oligomerization domain and F-actin interaction' 
_citation.year                      2021 
_citation.database_id_CSD           ? 
_citation.pdbx_database_id_DOI      10.1016/j.crstbi.2021.10.002 
_citation.pdbx_database_id_PubMed   ? 
_citation.unpublished_flag          ? 
# 
loop_
_citation_author.citation_id 
_citation_author.name 
_citation_author.ordinal 
_citation_author.identifier_ORCID 
primary 'Parihar, P.S.'       1 ? 
primary 'Singh, A.'           2 ? 
primary 'Karade, S.S.'        3 ? 
primary 'Sahasrabuddhe, A.A.' 4 ? 
primary 'Pratap, J.V.'        5 ? 
# 
_cell.angle_alpha                  90.00 
_cell.angle_alpha_esd              ? 
_cell.angle_beta                   90.00 
_cell.angle_beta_esd               ? 
_cell.angle_gamma                  90.00 
_cell.angle_gamma_esd              ? 
_cell.entry_id                     7DGX 
_cell.details                      ? 
_cell.formula_units_Z              ? 
_cell.length_a                     93.376 
_cell.length_a_esd                 ? 
_cell.length_b                     93.376 
_cell.length_b_esd                 ? 
_cell.length_c                     82.959 
_cell.length_c_esd                 ? 
_cell.volume                       ? 
_cell.volume_esd                   ? 
_cell.Z_PDB                        32 
_cell.reciprocal_angle_alpha       ? 
_cell.reciprocal_angle_beta        ? 
_cell.reciprocal_angle_gamma       ? 
_cell.reciprocal_angle_alpha_esd   ? 
_cell.reciprocal_angle_beta_esd    ? 
_cell.reciprocal_angle_gamma_esd   ? 
_cell.reciprocal_length_a          ? 
_cell.reciprocal_length_b          ? 
_cell.reciprocal_length_c          ? 
_cell.reciprocal_length_a_esd      ? 
_cell.reciprocal_length_b_esd      ? 
_cell.reciprocal_length_c_esd      ? 
_cell.pdbx_unique_axis             ? 
# 
_symmetry.entry_id                         7DGX 
_symmetry.cell_setting                     ? 
_symmetry.Int_Tables_number                97 
_symmetry.space_group_name_Hall            ? 
_symmetry.space_group_name_H-M             'I 4 2 2' 
_symmetry.pdbx_full_space_group_name_H-M   ? 
# 
loop_
_entity.id 
_entity.type 
_entity.src_method 
_entity.pdbx_description 
_entity.formula_weight 
_entity.pdbx_number_of_molecules 
_entity.pdbx_ec 
_entity.pdbx_mutation 
_entity.pdbx_fragment 
_entity.details 
1 polymer man Coronin 6006.911 2  ? ? 'coiled coil domain' ? 
2 water   nat water   18.015   44 ? ? ?                    ? 
# 
_entity_poly.entity_id                      1 
_entity_poly.type                           'polypeptide(L)' 
_entity_poly.nstd_linkage                   no 
_entity_poly.nstd_monomer                   no 
_entity_poly.pdbx_seq_one_letter_code       EFSQLLALASLLGQQQAEVQRCREDLQKKESLVMETIAKIKALALEHHHHHH 
_entity_poly.pdbx_seq_one_letter_code_can   EFSQLLALASLLGQQQAEVQRCREDLQKKESLVMETIAKIKALALEHHHHHH 
_entity_poly.pdbx_strand_id                 A,B 
_entity_poly.pdbx_target_identifier         ? 
# 
loop_
_entity_poly_seq.entity_id 
_entity_poly_seq.num 
_entity_poly_seq.mon_id 
_entity_poly_seq.hetero 
1 1  GLU n 
1 2  PHE n 
1 3  SER n 
1 4  GLN n 
1 5  LEU n 
1 6  LEU n 
1 7  ALA n 
1 8  LEU n 
1 9  ALA n 
1 10 SER n 
1 11 LEU n 
1 12 LEU n 
1 13 GLY n 
1 14 GLN n 
1 15 GLN n 
1 16 GLN n 
1 17 ALA n 
1 18 GLU n 
1 19 VAL n 
1 20 GLN n 
1 21 ARG n 
1 22 CYS n 
1 23 ARG n 
1 24 GLU n 
1 25 ASP n 
1 26 LEU n 
1 27 GLN n 
1 28 LYS n 
1 29 LYS n 
1 30 GLU n 
1 31 SER n 
1 32 LEU n 
1 33 VAL n 
1 34 MET n 
1 35 GLU n 
1 36 THR n 
1 37 ILE n 
1 38 ALA n 
1 39 LYS n 
1 40 ILE n 
1 41 LYS n 
1 42 ALA n 
1 43 LEU n 
1 44 ALA n 
1 45 LEU n 
1 46 GLU n 
1 47 HIS n 
1 48 HIS n 
1 49 HIS n 
1 50 HIS n 
1 51 HIS n 
1 52 HIS n 
# 
_entity_src_gen.entity_id                          1 
_entity_src_gen.pdbx_src_id                        1 
_entity_src_gen.pdbx_alt_source_flag               sample 
_entity_src_gen.pdbx_seq_type                      'Biological sequence' 
_entity_src_gen.pdbx_beg_seq_num                   1 
_entity_src_gen.pdbx_end_seq_num                   52 
_entity_src_gen.gene_src_common_name               ? 
_entity_src_gen.gene_src_genus                     ? 
_entity_src_gen.pdbx_gene_src_gene                 ? 
_entity_src_gen.gene_src_species                   ? 
_entity_src_gen.gene_src_strain                    ? 
_entity_src_gen.gene_src_tissue                    ? 
_entity_src_gen.gene_src_tissue_fraction           ? 
_entity_src_gen.gene_src_details                   ? 
_entity_src_gen.pdbx_gene_src_fragment             ? 
_entity_src_gen.pdbx_gene_src_scientific_name      'Trypanosoma brucei' 
_entity_src_gen.pdbx_gene_src_ncbi_taxonomy_id     5691 
_entity_src_gen.pdbx_gene_src_variant              ? 
_entity_src_gen.pdbx_gene_src_cell_line            ? 
_entity_src_gen.pdbx_gene_src_atcc                 ? 
_entity_src_gen.pdbx_gene_src_organ                ? 
_entity_src_gen.pdbx_gene_src_organelle            ? 
_entity_src_gen.pdbx_gene_src_cell                 ? 
_entity_src_gen.pdbx_gene_src_cellular_location    ? 
_entity_src_gen.host_org_common_name               ? 
_entity_src_gen.pdbx_host_org_scientific_name      'Escherichia coli' 
_entity_src_gen.pdbx_host_org_ncbi_taxonomy_id     562 
_entity_src_gen.host_org_genus                     ? 
_entity_src_gen.pdbx_host_org_gene                 ? 
_entity_src_gen.pdbx_host_org_organ                ? 
_entity_src_gen.host_org_species                   ? 
_entity_src_gen.pdbx_host_org_tissue               ? 
_entity_src_gen.pdbx_host_org_tissue_fraction      ? 
_entity_src_gen.pdbx_host_org_strain               ? 
_entity_src_gen.pdbx_host_org_variant              ? 
_entity_src_gen.pdbx_host_org_cell_line            ? 
_entity_src_gen.pdbx_host_org_atcc                 ? 
_entity_src_gen.pdbx_host_org_culture_collection   ? 
_entity_src_gen.pdbx_host_org_cell                 ? 
_entity_src_gen.pdbx_host_org_organelle            ? 
_entity_src_gen.pdbx_host_org_cellular_location    ? 
_entity_src_gen.pdbx_host_org_vector_type          ? 
_entity_src_gen.pdbx_host_org_vector               ? 
_entity_src_gen.host_org_details                   ? 
_entity_src_gen.expression_system_id               ? 
_entity_src_gen.plasmid_name                       ? 
_entity_src_gen.plasmid_details                    ? 
_entity_src_gen.pdbx_description                   ? 
# 
_struct_ref.id                         1 
_struct_ref.db_name                    UNP 
_struct_ref.db_code                    Q57W63_TRYB2 
_struct_ref.pdbx_db_accession          Q57W63 
_struct_ref.pdbx_db_isoform            ? 
_struct_ref.entity_id                  1 
_struct_ref.pdbx_seq_one_letter_code   SQLLALASLLGQQQAEVQRCREDLQKKESLVMETIAKIKALA 
_struct_ref.pdbx_align_begin           477 
# 
loop_
_struct_ref_seq.align_id 
_struct_ref_seq.ref_id 
_struct_ref_seq.pdbx_PDB_id_code 
_struct_ref_seq.pdbx_strand_id 
_struct_ref_seq.seq_align_beg 
_struct_ref_seq.pdbx_seq_align_beg_ins_code 
_struct_ref_seq.seq_align_end 
_struct_ref_seq.pdbx_seq_align_end_ins_code 
_struct_ref_seq.pdbx_db_accession 
_struct_ref_seq.db_align_beg 
_struct_ref_seq.pdbx_db_align_beg_ins_code 
_struct_ref_seq.db_align_end 
_struct_ref_seq.pdbx_db_align_end_ins_code 
_struct_ref_seq.pdbx_auth_seq_align_beg 
_struct_ref_seq.pdbx_auth_seq_align_end 
1 1 7DGX A 3 ? 44 ? Q57W63 477 ? 518 ? 477 518 
2 1 7DGX B 3 ? 44 ? Q57W63 477 ? 518 ? 477 518 
# 
loop_
_struct_ref_seq_dif.align_id 
_struct_ref_seq_dif.pdbx_pdb_id_code 
_struct_ref_seq_dif.mon_id 
_struct_ref_seq_dif.pdbx_pdb_strand_id 
_struct_ref_seq_dif.seq_num 
_struct_ref_seq_dif.pdbx_pdb_ins_code 
_struct_ref_seq_dif.pdbx_seq_db_name 
_struct_ref_seq_dif.pdbx_seq_db_accession_code 
_struct_ref_seq_dif.db_mon_id 
_struct_ref_seq_dif.pdbx_seq_db_seq_num 
_struct_ref_seq_dif.details 
_struct_ref_seq_dif.pdbx_auth_seq_num 
_struct_ref_seq_dif.pdbx_ordinal 
1 7DGX GLU A 1  ? UNP Q57W63 ? ? 'expression tag' 475 1  
1 7DGX PHE A 2  ? UNP Q57W63 ? ? 'expression tag' 476 2  
1 7DGX LEU A 45 ? UNP Q57W63 ? ? 'expression tag' 519 3  
1 7DGX GLU A 46 ? UNP Q57W63 ? ? 'expression tag' 520 4  
1 7DGX HIS A 47 ? UNP Q57W63 ? ? 'expression tag' 521 5  
1 7DGX HIS A 48 ? UNP Q57W63 ? ? 'expression tag' 522 6  
1 7DGX HIS A 49 ? UNP Q57W63 ? ? 'expression tag' 523 7  
1 7DGX HIS A 50 ? UNP Q57W63 ? ? 'expression tag' 524 8  
1 7DGX HIS A 51 ? UNP Q57W63 ? ? 'expression tag' 525 9  
1 7DGX HIS A 52 ? UNP Q57W63 ? ? 'expression tag' 526 10 
2 7DGX GLU B 1  ? UNP Q57W63 ? ? 'expression tag' 475 11 
2 7DGX PHE B 2  ? UNP Q57W63 ? ? 'expression tag' 476 12 
2 7DGX LEU B 45 ? UNP Q57W63 ? ? 'expression tag' 519 13 
2 7DGX GLU B 46 ? UNP Q57W63 ? ? 'expression tag' 520 14 
2 7DGX HIS B 47 ? UNP Q57W63 ? ? 'expression tag' 521 15 
2 7DGX HIS B 48 ? UNP Q57W63 ? ? 'expression tag' 522 16 
2 7DGX HIS B 49 ? UNP Q57W63 ? ? 'expression tag' 523 17 
2 7DGX HIS B 50 ? UNP Q57W63 ? ? 'expression tag' 524 18 
2 7DGX HIS B 51 ? UNP Q57W63 ? ? 'expression tag' 525 19 
2 7DGX HIS B 52 ? UNP Q57W63 ? ? 'expression tag' 526 20 
# 
loop_
_chem_comp.id 
_chem_comp.type 
_chem_comp.mon_nstd_flag 
_chem_comp.name 
_chem_comp.pdbx_synonyms 
_chem_comp.formula 
_chem_comp.formula_weight 
ALA 'L-peptide linking' y ALANINE         ? 'C3 H7 N O2'     89.093  
ARG 'L-peptide linking' y ARGININE        ? 'C6 H15 N4 O2 1' 175.209 
ASP 'L-peptide linking' y 'ASPARTIC ACID' ? 'C4 H7 N O4'     133.103 
CYS 'L-peptide linking' y CYSTEINE        ? 'C3 H7 N O2 S'   121.158 
GLN 'L-peptide linking' y GLUTAMINE       ? 'C5 H10 N2 O3'   146.144 
GLU 'L-peptide linking' y 'GLUTAMIC ACID' ? 'C5 H9 N O4'     147.129 
GLY 'peptide linking'   y GLYCINE         ? 'C2 H5 N O2'     75.067  
HIS 'L-peptide linking' y HISTIDINE       ? 'C6 H10 N3 O2 1' 156.162 
HOH non-polymer         . WATER           ? 'H2 O'           18.015  
ILE 'L-peptide linking' y ISOLEUCINE      ? 'C6 H13 N O2'    131.173 
LEU 'L-peptide linking' y LEUCINE         ? 'C6 H13 N O2'    131.173 
LYS 'L-peptide linking' y LYSINE          ? 'C6 H15 N2 O2 1' 147.195 
MET 'L-peptide linking' y METHIONINE      ? 'C5 H11 N O2 S'  149.211 
PHE 'L-peptide linking' y PHENYLALANINE   ? 'C9 H11 N O2'    165.189 
SER 'L-peptide linking' y SERINE          ? 'C3 H7 N O3'     105.093 
THR 'L-peptide linking' y THREONINE       ? 'C4 H9 N O3'     119.119 
VAL 'L-peptide linking' y VALINE          ? 'C5 H11 N O2'    117.146 
# 
_exptl.absorpt_coefficient_mu     ? 
_exptl.absorpt_correction_T_max   ? 
_exptl.absorpt_correction_T_min   ? 
_exptl.absorpt_correction_type    ? 
_exptl.absorpt_process_details    ? 
_exptl.entry_id                   7DGX 
_exptl.crystals_number            1 
_exptl.details                    ? 
_exptl.method                     'X-RAY DIFFRACTION' 
_exptl.method_details             ? 
# 
_exptl_crystal.colour                      ? 
_exptl_crystal.density_diffrn              ? 
_exptl_crystal.density_Matthews            3.99 
_exptl_crystal.density_method              ? 
_exptl_crystal.density_percent_sol         69.19 
_exptl_crystal.description                 ? 
_exptl_crystal.F_000                       ? 
_exptl_crystal.id                          1 
_exptl_crystal.preparation                 ? 
_exptl_crystal.size_max                    ? 
_exptl_crystal.size_mid                    ? 
_exptl_crystal.size_min                    ? 
_exptl_crystal.size_rad                    ? 
_exptl_crystal.colour_lustre               ? 
_exptl_crystal.colour_modifier             ? 
_exptl_crystal.colour_primary              ? 
_exptl_crystal.density_meas                ? 
_exptl_crystal.density_meas_esd            ? 
_exptl_crystal.density_meas_gt             ? 
_exptl_crystal.density_meas_lt             ? 
_exptl_crystal.density_meas_temp           ? 
_exptl_crystal.density_meas_temp_esd       ? 
_exptl_crystal.density_meas_temp_gt        ? 
_exptl_crystal.density_meas_temp_lt        ? 
_exptl_crystal.pdbx_crystal_image_url      ? 
_exptl_crystal.pdbx_crystal_image_format   ? 
_exptl_crystal.pdbx_mosaicity              ? 
_exptl_crystal.pdbx_mosaicity_esd          ? 
# 
_exptl_crystal_grow.apparatus       ? 
_exptl_crystal_grow.atmosphere      ? 
_exptl_crystal_grow.crystal_id      1 
_exptl_crystal_grow.details         ? 
_exptl_crystal_grow.method          'VAPOR DIFFUSION, HANGING DROP' 
_exptl_crystal_grow.method_ref      ? 
_exptl_crystal_grow.pH              7.5 
_exptl_crystal_grow.pressure        ? 
_exptl_crystal_grow.pressure_esd    ? 
_exptl_crystal_grow.seeding         ? 
_exptl_crystal_grow.seeding_ref     ? 
_exptl_crystal_grow.temp            300 
_exptl_crystal_grow.temp_details    ? 
_exptl_crystal_grow.temp_esd        ? 
_exptl_crystal_grow.time            ? 
_exptl_crystal_grow.pdbx_details    '3M NaCl, 0.1 M HEPESE 7.5' 
_exptl_crystal_grow.pdbx_pH_range   6.5-7.8 
# 
_diffrn.ambient_environment              ? 
_diffrn.ambient_temp                     273 
_diffrn.ambient_temp_details             ? 
_diffrn.ambient_temp_esd                 ? 
_diffrn.crystal_id                       1 
_diffrn.crystal_support                  ? 
_diffrn.crystal_treatment                ? 
_diffrn.details                          ? 
_diffrn.id                               1 
_diffrn.ambient_pressure                 ? 
_diffrn.ambient_pressure_esd             ? 
_diffrn.ambient_pressure_gt              ? 
_diffrn.ambient_pressure_lt              ? 
_diffrn.ambient_temp_gt                  ? 
_diffrn.ambient_temp_lt                  ? 
_diffrn.pdbx_serial_crystal_experiment   N 
# 
_diffrn_detector.details                      'single-crystal Si with Rh coating' 
_diffrn_detector.detector                     CCD 
_diffrn_detector.diffrn_id                    1 
_diffrn_detector.type                         'MAR CCD 130 mm' 
_diffrn_detector.area_resol_mean              ? 
_diffrn_detector.dtime                        ? 
_diffrn_detector.pdbx_frames_total            ? 
_diffrn_detector.pdbx_collection_time_total   ? 
_diffrn_detector.pdbx_collection_date         2018-06-10 
_diffrn_detector.pdbx_frequency               ? 
# 
_diffrn_radiation.collimation                      ? 
_diffrn_radiation.diffrn_id                        1 
_diffrn_radiation.filter_edge                      ? 
_diffrn_radiation.inhomogeneity                    ? 
_diffrn_radiation.monochromator                    ? 
_diffrn_radiation.polarisn_norm                    ? 
_diffrn_radiation.polarisn_ratio                   ? 
_diffrn_radiation.probe                            ? 
_diffrn_radiation.type                             ? 
_diffrn_radiation.xray_symbol                      ? 
_diffrn_radiation.wavelength_id                    1 
_diffrn_radiation.pdbx_monochromatic_or_laue_m_l   M 
_diffrn_radiation.pdbx_wavelength_list             ? 
_diffrn_radiation.pdbx_wavelength                  ? 
_diffrn_radiation.pdbx_diffrn_protocol             'SINGLE WAVELENGTH' 
_diffrn_radiation.pdbx_analyzer                    ? 
_diffrn_radiation.pdbx_scattering_type             x-ray 
# 
_diffrn_radiation_wavelength.id           1 
_diffrn_radiation_wavelength.wavelength   0.987 
_diffrn_radiation_wavelength.wt           1.0 
# 
_diffrn_source.current                     ? 
_diffrn_source.details                     ? 
_diffrn_source.diffrn_id                   1 
_diffrn_source.power                       ? 
_diffrn_source.size                        ? 
_diffrn_source.source                      SYNCHROTRON 
_diffrn_source.target                      ? 
_diffrn_source.type                        'RRCAT INDUS-2 BEAMLINE PX-BL21' 
_diffrn_source.voltage                     ? 
_diffrn_source.take-off_angle              ? 
_diffrn_source.pdbx_wavelength_list        0.987 
_diffrn_source.pdbx_wavelength             ? 
_diffrn_source.pdbx_synchrotron_beamline   PX-BL21 
_diffrn_source.pdbx_synchrotron_site       'RRCAT INDUS-2' 
# 
_reflns.B_iso_Wilson_estimate            ? 
_reflns.entry_id                         7DGX 
_reflns.data_reduction_details           ? 
_reflns.data_reduction_method            ? 
_reflns.d_resolution_high                2.056 
_reflns.d_resolution_low                 24.060 
_reflns.details                          ? 
_reflns.limit_h_max                      ? 
_reflns.limit_h_min                      ? 
_reflns.limit_k_max                      ? 
_reflns.limit_k_min                      ? 
_reflns.limit_l_max                      ? 
_reflns.limit_l_min                      ? 
_reflns.number_all                       ? 
_reflns.number_obs                       11685 
_reflns.observed_criterion               ? 
_reflns.observed_criterion_F_max         ? 
_reflns.observed_criterion_F_min         ? 
_reflns.observed_criterion_I_max         ? 
_reflns.observed_criterion_I_min         ? 
_reflns.observed_criterion_sigma_F       ? 
_reflns.observed_criterion_sigma_I       ? 
_reflns.percent_possible_obs             99.0 
_reflns.R_free_details                   ? 
_reflns.Rmerge_F_all                     ? 
_reflns.Rmerge_F_obs                     ? 
_reflns.Friedel_coverage                 ? 
_reflns.number_gt                        ? 
_reflns.threshold_expression             ? 
_reflns.pdbx_redundancy                  1.100 
_reflns.pdbx_Rmerge_I_obs                ? 
_reflns.pdbx_Rmerge_I_all                ? 
_reflns.pdbx_Rsym_value                  ? 
_reflns.pdbx_netI_over_av_sigmaI         ? 
_reflns.pdbx_netI_over_sigmaI            1.5900 
_reflns.pdbx_res_netI_over_av_sigmaI_2   ? 
_reflns.pdbx_res_netI_over_sigmaI_2      ? 
_reflns.pdbx_chi_squared                 ? 
_reflns.pdbx_scaling_rejects             ? 
_reflns.pdbx_d_res_high_opt              ? 
_reflns.pdbx_d_res_low_opt               ? 
_reflns.pdbx_d_res_opt_method            ? 
_reflns.phase_calculation_details        ? 
_reflns.pdbx_Rrim_I_all                  ? 
_reflns.pdbx_Rpim_I_all                  ? 
_reflns.pdbx_d_opt                       ? 
_reflns.pdbx_number_measured_all         ? 
_reflns.pdbx_diffrn_id                   1 
_reflns.pdbx_ordinal                     1 
_reflns.pdbx_CC_half                     1 
_reflns.pdbx_CC_star                     ? 
_reflns.pdbx_R_split                     ? 
# 
_reflns_shell.d_res_high                  2.06 
_reflns_shell.d_res_low                   2.13 
_reflns_shell.meanI_over_sigI_all         ? 
_reflns_shell.meanI_over_sigI_obs         ? 
_reflns_shell.number_measured_all         ? 
_reflns_shell.number_measured_obs         ? 
_reflns_shell.number_possible             ? 
_reflns_shell.number_unique_all           ? 
_reflns_shell.number_unique_obs           1145 
_reflns_shell.percent_possible_all        ? 
_reflns_shell.percent_possible_obs        ? 
_reflns_shell.Rmerge_F_all                ? 
_reflns_shell.Rmerge_F_obs                ? 
_reflns_shell.Rmerge_I_all                ? 
_reflns_shell.Rmerge_I_obs                ? 
_reflns_shell.meanI_over_sigI_gt          ? 
_reflns_shell.meanI_over_uI_all           ? 
_reflns_shell.meanI_over_uI_gt            ? 
_reflns_shell.number_measured_gt          ? 
_reflns_shell.number_unique_gt            ? 
_reflns_shell.percent_possible_gt         ? 
_reflns_shell.Rmerge_F_gt                 ? 
_reflns_shell.Rmerge_I_gt                 ? 
_reflns_shell.pdbx_redundancy             ? 
_reflns_shell.pdbx_Rsym_value             ? 
_reflns_shell.pdbx_chi_squared            ? 
_reflns_shell.pdbx_netI_over_sigmaI_all   ? 
_reflns_shell.pdbx_netI_over_sigmaI_obs   ? 
_reflns_shell.pdbx_Rrim_I_all             ? 
_reflns_shell.pdbx_Rpim_I_all             ? 
_reflns_shell.pdbx_rejects                ? 
_reflns_shell.pdbx_ordinal                1 
_reflns_shell.pdbx_diffrn_id              1 
_reflns_shell.pdbx_CC_half                1 
_reflns_shell.pdbx_CC_star                ? 
_reflns_shell.pdbx_R_split                ? 
# 
_refine.aniso_B[1][1]                            ? 
_refine.aniso_B[1][2]                            ? 
_refine.aniso_B[1][3]                            ? 
_refine.aniso_B[2][2]                            ? 
_refine.aniso_B[2][3]                            ? 
_refine.aniso_B[3][3]                            ? 
_refine.B_iso_max                                ? 
_refine.B_iso_mean                               ? 
_refine.B_iso_min                                ? 
_refine.correlation_coeff_Fo_to_Fc               ? 
_refine.correlation_coeff_Fo_to_Fc_free          ? 
_refine.details                                  ? 
_refine.diff_density_max                         ? 
_refine.diff_density_max_esd                     ? 
_refine.diff_density_min                         ? 
_refine.diff_density_min_esd                     ? 
_refine.diff_density_rms                         ? 
_refine.diff_density_rms_esd                     ? 
_refine.entry_id                                 7DGX 
_refine.pdbx_refine_id                           'X-RAY DIFFRACTION' 
_refine.ls_abs_structure_details                 ? 
_refine.ls_abs_structure_Flack                   ? 
_refine.ls_abs_structure_Flack_esd               ? 
_refine.ls_abs_structure_Rogers                  ? 
_refine.ls_abs_structure_Rogers_esd              ? 
_refine.ls_d_res_high                            2.06 
_refine.ls_d_res_low                             24.06 
_refine.ls_extinction_coef                       ? 
_refine.ls_extinction_coef_esd                   ? 
_refine.ls_extinction_expression                 ? 
_refine.ls_extinction_method                     ? 
_refine.ls_goodness_of_fit_all                   ? 
_refine.ls_goodness_of_fit_all_esd               ? 
_refine.ls_goodness_of_fit_obs                   ? 
_refine.ls_goodness_of_fit_obs_esd               ? 
_refine.ls_hydrogen_treatment                    ? 
_refine.ls_matrix_type                           ? 
_refine.ls_number_constraints                    ? 
_refine.ls_number_parameters                     ? 
_refine.ls_number_reflns_all                     ? 
_refine.ls_number_reflns_obs                     11610 
_refine.ls_number_reflns_R_free                  552 
_refine.ls_number_reflns_R_work                  ? 
_refine.ls_number_restraints                     ? 
_refine.ls_percent_reflns_obs                    99.14 
_refine.ls_percent_reflns_R_free                 4.750 
_refine.ls_R_factor_all                          ? 
_refine.ls_R_factor_obs                          0.228 
_refine.ls_R_factor_R_free                       0.245 
_refine.ls_R_factor_R_free_error                 ? 
_refine.ls_R_factor_R_free_error_details         ? 
_refine.ls_R_factor_R_work                       0.227 
_refine.ls_R_Fsqd_factor_obs                     ? 
_refine.ls_R_I_factor_obs                        ? 
_refine.ls_redundancy_reflns_all                 ? 
_refine.ls_redundancy_reflns_obs                 ? 
_refine.ls_restrained_S_all                      ? 
_refine.ls_restrained_S_obs                      ? 
_refine.ls_shift_over_esd_max                    ? 
_refine.ls_shift_over_esd_mean                   ? 
_refine.ls_structure_factor_coef                 ? 
_refine.ls_weighting_details                     ? 
_refine.ls_weighting_scheme                      ? 
_refine.ls_wR_factor_all                         ? 
_refine.ls_wR_factor_obs                         ? 
_refine.ls_wR_factor_R_free                      ? 
_refine.ls_wR_factor_R_work                      ? 
_refine.occupancy_max                            ? 
_refine.occupancy_min                            ? 
_refine.solvent_model_details                    'FLAT BULK SOLVENT MODEL' 
_refine.solvent_model_param_bsol                 ? 
_refine.solvent_model_param_ksol                 ? 
_refine.pdbx_R_complete                          ? 
_refine.ls_R_factor_gt                           ? 
_refine.ls_goodness_of_fit_gt                    ? 
_refine.ls_goodness_of_fit_ref                   ? 
_refine.ls_shift_over_su_max                     ? 
_refine.ls_shift_over_su_max_lt                  ? 
_refine.ls_shift_over_su_mean                    ? 
_refine.ls_shift_over_su_mean_lt                 ? 
_refine.pdbx_ls_sigma_I                          ? 
_refine.pdbx_ls_sigma_F                          1.360 
_refine.pdbx_ls_sigma_Fsqd                       ? 
_refine.pdbx_data_cutoff_high_absF               ? 
_refine.pdbx_data_cutoff_high_rms_absF           ? 
_refine.pdbx_data_cutoff_low_absF                ? 
_refine.pdbx_isotropic_thermal_model             ? 
_refine.pdbx_ls_cross_valid_method               'FREE R-VALUE' 
_refine.pdbx_method_to_determine_struct          'MOLECULAR REPLACEMENT' 
_refine.pdbx_starting_model                      5CX2 
_refine.pdbx_stereochemistry_target_values       ML 
_refine.pdbx_R_Free_selection_details            ? 
_refine.pdbx_stereochem_target_val_spec_case     ? 
_refine.pdbx_overall_ESU_R                       ? 
_refine.pdbx_overall_ESU_R_Free                  ? 
_refine.pdbx_solvent_vdw_probe_radii             1.11 
_refine.pdbx_solvent_ion_probe_radii             ? 
_refine.pdbx_solvent_shrinkage_radii             0.90 
_refine.pdbx_real_space_R                        ? 
_refine.pdbx_density_correlation                 ? 
_refine.pdbx_pd_number_of_powder_patterns        ? 
_refine.pdbx_pd_number_of_points                 ? 
_refine.pdbx_pd_meas_number_of_points            ? 
_refine.pdbx_pd_proc_ls_prof_R_factor            ? 
_refine.pdbx_pd_proc_ls_prof_wR_factor           ? 
_refine.pdbx_pd_Marquardt_correlation_coeff      ? 
_refine.pdbx_pd_Fsqrd_R_factor                   ? 
_refine.pdbx_pd_ls_matrix_band_width             ? 
_refine.pdbx_overall_phase_error                 37.200 
_refine.pdbx_overall_SU_R_free_Cruickshank_DPI   ? 
_refine.pdbx_overall_SU_R_free_Blow_DPI          ? 
_refine.pdbx_overall_SU_R_Blow_DPI               ? 
_refine.pdbx_TLS_residual_ADP_flag               ? 
_refine.pdbx_diffrn_id                           1 
_refine.overall_SU_B                             ? 
_refine.overall_SU_ML                            0.250 
_refine.overall_SU_R_Cruickshank_DPI             ? 
_refine.overall_SU_R_free                        ? 
_refine.overall_FOM_free_R_set                   ? 
_refine.overall_FOM_work_R_set                   ? 
_refine.pdbx_average_fsc_overall                 ? 
_refine.pdbx_average_fsc_work                    ? 
_refine.pdbx_average_fsc_free                    ? 
# 
_refine_hist.pdbx_refine_id                   'X-RAY DIFFRACTION' 
_refine_hist.cycle_id                         LAST 
_refine_hist.details                          ? 
_refine_hist.d_res_high                       2.06 
_refine_hist.d_res_low                        24.06 
_refine_hist.number_atoms_solvent             44 
_refine_hist.number_atoms_total               807 
_refine_hist.number_reflns_all                ? 
_refine_hist.number_reflns_obs                ? 
_refine_hist.number_reflns_R_free             ? 
_refine_hist.number_reflns_R_work             ? 
_refine_hist.R_factor_all                     ? 
_refine_hist.R_factor_obs                     ? 
_refine_hist.R_factor_R_free                  ? 
_refine_hist.R_factor_R_work                  ? 
_refine_hist.pdbx_number_residues_total       ? 
_refine_hist.pdbx_B_iso_mean_ligand           ? 
_refine_hist.pdbx_B_iso_mean_solvent          ? 
_refine_hist.pdbx_number_atoms_protein        763 
_refine_hist.pdbx_number_atoms_nucleic_acid   0 
_refine_hist.pdbx_number_atoms_ligand         0 
_refine_hist.pdbx_number_atoms_lipid          ? 
_refine_hist.pdbx_number_atoms_carb           ? 
_refine_hist.pdbx_pseudo_atom_details         ? 
# 
loop_
_refine_ls_restr.pdbx_refine_id 
_refine_ls_restr.criterion 
_refine_ls_restr.dev_ideal 
_refine_ls_restr.dev_ideal_target 
_refine_ls_restr.number 
_refine_ls_restr.rejects 
_refine_ls_restr.type 
_refine_ls_restr.weight 
_refine_ls_restr.pdbx_restraint_function 
'X-RAY DIFFRACTION' ? 0.001 ? 768  ? f_bond_d           ? ? 
'X-RAY DIFFRACTION' ? 0.192 ? 1030 ? f_angle_d          ? ? 
'X-RAY DIFFRACTION' ? 1.266 ? 483  ? f_dihedral_angle_d ? ? 
'X-RAY DIFFRACTION' ? 0.023 ? 125  ? f_chiral_restr     ? ? 
'X-RAY DIFFRACTION' ? 0.001 ? 132  ? f_plane_restr      ? ? 
# 
loop_
_refine_ls_shell.pdbx_refine_id 
_refine_ls_shell.d_res_high 
_refine_ls_shell.d_res_low 
_refine_ls_shell.number_reflns_all 
_refine_ls_shell.number_reflns_obs 
_refine_ls_shell.number_reflns_R_free 
_refine_ls_shell.number_reflns_R_work 
_refine_ls_shell.percent_reflns_obs 
_refine_ls_shell.percent_reflns_R_free 
_refine_ls_shell.R_factor_all 
_refine_ls_shell.R_factor_obs 
_refine_ls_shell.R_factor_R_free 
_refine_ls_shell.R_factor_R_free_error 
_refine_ls_shell.R_factor_R_work 
_refine_ls_shell.redundancy_reflns_all 
_refine_ls_shell.redundancy_reflns_obs 
_refine_ls_shell.wR_factor_all 
_refine_ls_shell.wR_factor_obs 
_refine_ls_shell.wR_factor_R_free 
_refine_ls_shell.wR_factor_R_work 
_refine_ls_shell.pdbx_R_complete 
_refine_ls_shell.pdbx_total_number_of_bins_used 
_refine_ls_shell.pdbx_phase_error 
_refine_ls_shell.pdbx_fsc_work 
_refine_ls_shell.pdbx_fsc_free 
'X-RAY DIFFRACTION' 2.06   2.134   . . 133 2673 98.00  . . . 0.4229 . 0.3080 . . . . . . . . . . . 
'X-RAY DIFFRACTION' 2.2630 2.5901  . . 146 2717 99.00  . . . 0.2651 . 0.2408 . . . . . . . . . . . 
'X-RAY DIFFRACTION' 2.5901 3.2621  . . 139 2765 100.00 . . . 0.2799 . 0.2604 . . . . . . . . . . . 
'X-RAY DIFFRACTION' 3.2621 24.0600 . . 134 2903 100.00 . . . 0.2123 . 0.2055 . . . . . . . . . . . 
# 
_struct.entry_id                     7DGX 
_struct.title                        'Structure of coiled coil domain of Trypanosoma brucei coronin' 
_struct.pdbx_model_details           ? 
_struct.pdbx_formula_weight          ? 
_struct.pdbx_formula_weight_method   ? 
_struct.pdbx_model_type_details      ? 
_struct.pdbx_CASP_flag               N 
# 
_struct_keywords.entry_id        7DGX 
_struct_keywords.text            
'Coroni Coiled coli domain, Actin binding cytoskeleton protein, structural protein forming complex, CONTRACTILE PROTEIN' 
_struct_keywords.pdbx_keywords   'CONTRACTILE PROTEIN' 
# 
loop_
_struct_asym.id 
_struct_asym.pdbx_blank_PDB_chainid_flag 
_struct_asym.pdbx_modified 
_struct_asym.entity_id 
_struct_asym.details 
A N N 1 ? 
B N N 1 ? 
C N N 2 ? 
D N N 2 ? 
# 
loop_
_struct_conf.conf_type_id 
_struct_conf.id 
_struct_conf.pdbx_PDB_helix_id 
_struct_conf.beg_label_comp_id 
_struct_conf.beg_label_asym_id 
_struct_conf.beg_label_seq_id 
_struct_conf.pdbx_beg_PDB_ins_code 
_struct_conf.end_label_comp_id 
_struct_conf.end_label_asym_id 
_struct_conf.end_label_seq_id 
_struct_conf.pdbx_end_PDB_ins_code 
_struct_conf.beg_auth_comp_id 
_struct_conf.beg_auth_asym_id 
_struct_conf.beg_auth_seq_id 
_struct_conf.end_auth_comp_id 
_struct_conf.end_auth_asym_id 
_struct_conf.end_auth_seq_id 
_struct_conf.pdbx_PDB_helix_class 
_struct_conf.details 
_struct_conf.pdbx_PDB_helix_length 
HELX_P HELX_P1 AA1 PHE A 2 ? HIS A 47 ? PHE A 476 HIS A 521 1 ? 46 
HELX_P HELX_P2 AA2 GLN B 4 ? HIS B 52 ? GLN B 478 HIS B 526 1 ? 49 
# 
_struct_conf_type.id          HELX_P 
_struct_conf_type.criteria    ? 
_struct_conf_type.reference   ? 
# 
_atom_sites.entry_id                    7DGX 
_atom_sites.Cartn_transf_matrix[1][1]   ? 
_atom_sites.Cartn_transf_matrix[1][2]   ? 
_atom_sites.Cartn_transf_matrix[1][3]   ? 
_atom_sites.Cartn_transf_matrix[2][1]   ? 
_atom_sites.Cartn_transf_matrix[2][2]   ? 
_atom_sites.Cartn_transf_matrix[2][3]   ? 
_atom_sites.Cartn_transf_matrix[3][1]   ? 
_atom_sites.Cartn_transf_matrix[3][2]   ? 
_atom_sites.Cartn_transf_matrix[3][3]   ? 
_atom_sites.Cartn_transf_vector[1]      ? 
_atom_sites.Cartn_transf_vector[2]      ? 
_atom_sites.Cartn_transf_vector[3]      ? 
_atom_sites.fract_transf_matrix[1][1]   -0.00940125 
_atom_sites.fract_transf_matrix[1][2]   -0.00185794 
_atom_sites.fract_transf_matrix[1][3]   0.00477988 
_atom_sites.fract_transf_matrix[2][1]   -0.00505370 
_atom_sites.fract_transf_matrix[2][2]   0.00166043 
_atom_sites.fract_transf_matrix[2][3]   -0.00929440 
_atom_sites.fract_transf_matrix[3][1]   0.00098084 
_atom_sites.fract_transf_matrix[3][2]   -0.01172316 
_atom_sites.fract_transf_matrix[3][3]   -0.00262764 
_atom_sites.fract_transf_vector[1]      -0.021705 
_atom_sites.fract_transf_vector[2]      0.325390 
_atom_sites.fract_transf_vector[3]      -0.047992 
_atom_sites.solution_primary            ? 
_atom_sites.solution_secondary          ? 
_atom_sites.solution_hydrogens          ? 
_atom_sites.special_details             ? 
# 
loop_
_atom_type.symbol 
C 
N 
O 
S 
# 
loop_
_atom_site.group_PDB 
_atom_site.id 
_atom_site.type_symbol 
_atom_site.label_atom_id 
_atom_site.label_alt_id 
_atom_site.label_comp_id 
_atom_site.label_asym_id 
_atom_site.label_entity_id 
_atom_site.label_seq_id 
_atom_site.pdbx_PDB_ins_code 
_atom_site.Cartn_x 
_atom_site.Cartn_y 
_atom_site.Cartn_z 
_atom_site.occupancy 
_atom_site.B_iso_or_equiv 
_atom_site.pdbx_formal_charge 
_atom_site.auth_seq_id 
_atom_site.auth_comp_id 
_atom_site.auth_asym_id 
_atom_site.auth_atom_id 
_atom_site.pdbx_PDB_model_num 
ATOM   1   N N   . GLU A 1 1  ? 29.316  -6.497  -18.693 1.00 94.09  ? 475 GLU A N   1 
ATOM   2   C CA  . GLU A 1 1  ? 28.973  -5.274  -17.978 1.00 100.64 ? 475 GLU A CA  1 
ATOM   3   C C   . GLU A 1 1  ? 27.503  -5.277  -17.567 1.00 94.35  ? 475 GLU A C   1 
ATOM   4   O O   . GLU A 1 1  ? 26.611  -5.271  -18.415 1.00 91.83  ? 475 GLU A O   1 
ATOM   5   C CB  . GLU A 1 1  ? 29.282  -4.047  -18.839 1.00 105.84 ? 475 GLU A CB  1 
ATOM   6   C CG  . GLU A 1 1  ? 28.841  -2.730  -18.225 1.00 101.78 ? 475 GLU A CG  1 
ATOM   7   C CD  . GLU A 1 1  ? 27.722  -2.072  -19.005 1.00 104.09 ? 475 GLU A CD  1 
ATOM   8   O OE1 . GLU A 1 1  ? 27.446  -0.878  -18.761 1.00 108.15 ? 475 GLU A OE1 1 
ATOM   9   O OE2 . GLU A 1 1  ? 27.118  -2.747  -19.863 1.00 102.57 ? 475 GLU A OE2 1 
ATOM   10  N N   . PHE A 1 2  ? 27.260  -5.284  -16.256 1.00 86.55  ? 476 PHE A N   1 
ATOM   11  C CA  . PHE A 1 2  ? 25.915  -5.345  -15.699 1.00 81.10  ? 476 PHE A CA  1 
ATOM   12  C C   . PHE A 1 2  ? 25.505  -4.027  -15.048 1.00 80.67  ? 476 PHE A C   1 
ATOM   13  O O   . PHE A 1 2  ? 24.763  -4.021  -14.062 1.00 84.22  ? 476 PHE A O   1 
ATOM   14  C CB  . PHE A 1 2  ? 25.806  -6.484  -14.687 1.00 76.48  ? 476 PHE A CB  1 
ATOM   15  C CG  . PHE A 1 2  ? 26.051  -7.848  -15.270 1.00 82.49  ? 476 PHE A CG  1 
ATOM   16  C CD1 . PHE A 1 2  ? 27.342  -8.309  -15.474 1.00 88.04  ? 476 PHE A CD1 1 
ATOM   17  C CD2 . PHE A 1 2  ? 24.990  -8.675  -15.598 1.00 83.55  ? 476 PHE A CD2 1 
ATOM   18  C CE1 . PHE A 1 2  ? 27.568  -9.565  -16.005 1.00 94.83  ? 476 PHE A CE1 1 
ATOM   19  C CE2 . PHE A 1 2  ? 25.211  -9.932  -16.128 1.00 85.92  ? 476 PHE A CE2 1 
ATOM   20  C CZ  . PHE A 1 2  ? 26.502  -10.377 -16.332 1.00 91.12  ? 476 PHE A CZ  1 
ATOM   21  N N   . SER A 1 3  ? 25.979  -2.902  -15.588 1.00 76.81  ? 477 SER A N   1 
ATOM   22  C CA  . SER A 1 3  ? 25.718  -1.612  -14.956 1.00 86.78  ? 477 SER A CA  1 
ATOM   23  C C   . SER A 1 3  ? 24.232  -1.275  -14.967 1.00 77.15  ? 477 SER A C   1 
ATOM   24  O O   . SER A 1 3  ? 23.709  -0.710  -13.999 1.00 69.14  ? 477 SER A O   1 
ATOM   25  C CB  . SER A 1 3  ? 26.523  -0.514  -15.653 1.00 95.48  ? 477 SER A CB  1 
ATOM   26  O OG  . SER A 1 3  ? 25.936  -0.160  -16.893 1.00 100.05 ? 477 SER A OG  1 
ATOM   27  N N   . GLN A 1 4  ? 23.533  -1.615  -16.054 1.00 76.28  ? 478 GLN A N   1 
ATOM   28  C CA  . GLN A 1 4  ? 22.107  -1.317  -16.133 1.00 76.79  ? 478 GLN A CA  1 
ATOM   29  C C   . GLN A 1 4  ? 21.308  -2.182  -15.166 1.00 69.42  ? 478 GLN A C   1 
ATOM   30  O O   . GLN A 1 4  ? 20.352  -1.706  -14.543 1.00 59.96  ? 478 GLN A O   1 
ATOM   31  C CB  . GLN A 1 4  ? 21.608  -1.504  -17.566 1.00 81.41  ? 478 GLN A CB  1 
ATOM   32  C CG  . GLN A 1 4  ? 20.144  -1.141  -17.760 1.00 94.36  ? 478 GLN A CG  1 
ATOM   33  C CD  . GLN A 1 4  ? 19.713  -1.168  -19.217 1.00 106.88 ? 478 GLN A CD  1 
ATOM   34  O OE1 . GLN A 1 4  ? 20.505  -1.473  -20.111 1.00 112.78 ? 478 GLN A OE1 1 
ATOM   35  N NE2 . GLN A 1 4  ? 18.451  -0.836  -19.463 1.00 107.19 ? 478 GLN A NE2 1 
ATOM   36  N N   . LEU A 1 5  ? 21.686  -3.454  -15.024 1.00 69.18  ? 479 LEU A N   1 
ATOM   37  C CA  . LEU A 1 5  ? 21.016  -4.322  -14.059 1.00 63.03  ? 479 LEU A CA  1 
ATOM   38  C C   . LEU A 1 5  ? 21.288  -3.869  -12.631 1.00 64.84  ? 479 LEU A C   1 
ATOM   39  O O   . LEU A 1 5  ? 20.374  -3.839  -11.799 1.00 52.83  ? 479 LEU A O   1 
ATOM   40  C CB  . LEU A 1 5  ? 21.463  -5.771  -14.258 1.00 63.32  ? 479 LEU A CB  1 
ATOM   41  C CG  . LEU A 1 5  ? 20.688  -6.842  -13.488 1.00 66.61  ? 479 LEU A CG  1 
ATOM   42  C CD1 . LEU A 1 5  ? 20.455  -8.065  -14.366 1.00 57.56  ? 479 LEU A CD1 1 
ATOM   43  C CD2 . LEU A 1 5  ? 21.417  -7.234  -12.208 1.00 67.45  ? 479 LEU A CD2 1 
ATOM   44  N N   . LEU A 1 6  ? 22.540  -3.514  -12.330 1.00 62.15  ? 480 LEU A N   1 
ATOM   45  C CA  . LEU A 1 6  ? 22.878  -3.063  -10.983 1.00 62.23  ? 480 LEU A CA  1 
ATOM   46  C C   . LEU A 1 6  ? 22.187  -1.747  -10.653 1.00 61.07  ? 480 LEU A C   1 
ATOM   47  O O   . LEU A 1 6  ? 21.786  -1.517  -9.506  1.00 61.24  ? 480 LEU A O   1 
ATOM   48  C CB  . LEU A 1 6  ? 24.393  -2.927  -10.841 1.00 52.72  ? 480 LEU A CB  1 
ATOM   49  C CG  . LEU A 1 6  ? 25.194  -4.229  -10.899 1.00 60.73  ? 480 LEU A CG  1 
ATOM   50  C CD1 . LEU A 1 6  ? 26.681  -3.938  -11.032 1.00 58.73  ? 480 LEU A CD1 1 
ATOM   51  C CD2 . LEU A 1 6  ? 24.915  -5.083  -9.672  1.00 61.15  ? 480 LEU A CD2 1 
ATOM   52  N N   . ALA A 1 7  ? 22.036  -0.868  -11.648 1.00 62.42  ? 481 ALA A N   1 
ATOM   53  C CA  . ALA A 1 7  ? 21.326  0.387   -11.421 1.00 61.81  ? 481 ALA A CA  1 
ATOM   54  C C   . ALA A 1 7  ? 19.848  0.141   -11.145 1.00 59.78  ? 481 ALA A C   1 
ATOM   55  O O   . ALA A 1 7  ? 19.234  0.850   -10.339 1.00 60.59  ? 481 ALA A O   1 
ATOM   56  C CB  . ALA A 1 7  ? 21.501  1.316   -12.621 1.00 58.65  ? 481 ALA A CB  1 
ATOM   57  N N   . LEU A 1 8  ? 19.260  -0.860  -11.803 1.00 58.77  ? 482 LEU A N   1 
ATOM   58  C CA  . LEU A 1 8  ? 17.863  -1.192  -11.546 1.00 62.78  ? 482 LEU A CA  1 
ATOM   59  C C   . LEU A 1 8  ? 17.699  -1.867  -10.190 1.00 59.37  ? 482 LEU A C   1 
ATOM   60  O O   . LEU A 1 8  ? 16.710  -1.629  -9.488  1.00 54.61  ? 482 LEU A O   1 
ATOM   61  C CB  . LEU A 1 8  ? 17.320  -2.083  -12.662 1.00 54.48  ? 482 LEU A CB  1 
ATOM   62  C CG  . LEU A 1 8  ? 17.078  -1.398  -14.008 1.00 60.54  ? 482 LEU A CG  1 
ATOM   63  C CD1 . LEU A 1 8  ? 16.818  -2.428  -15.096 1.00 62.13  ? 482 LEU A CD1 1 
ATOM   64  C CD2 . LEU A 1 8  ? 15.922  -0.415  -13.908 1.00 61.97  ? 482 LEU A CD2 1 
ATOM   65  N N   . ALA A 1 9  ? 18.657  -2.717  -9.809  1.00 52.77  ? 483 ALA A N   1 
ATOM   66  C CA  . ALA A 1 9  ? 18.601  -3.350  -8.496  1.00 50.50  ? 483 ALA A CA  1 
ATOM   67  C C   . ALA A 1 9  ? 18.739  -2.319  -7.384  1.00 56.01  ? 483 ALA A C   1 
ATOM   68  O O   . ALA A 1 9  ? 18.106  -2.443  -6.329  1.00 56.87  ? 483 ALA A O   1 
ATOM   69  C CB  . ALA A 1 9  ? 19.688  -4.417  -8.380  1.00 46.08  ? 483 ALA A CB  1 
ATOM   70  N N   . SER A 1 10 ? 19.563  -1.291  -7.603  1.00 56.80  ? 484 SER A N   1 
ATOM   71  C CA  . SER A 1 10 ? 19.689  -0.222  -6.616  1.00 65.09  ? 484 SER A CA  1 
ATOM   72  C C   . SER A 1 10 ? 18.401  0.585   -6.512  1.00 60.48  ? 484 SER A C   1 
ATOM   73  O O   . SER A 1 10 ? 18.012  1.005   -5.416  1.00 58.56  ? 484 SER A O   1 
ATOM   74  C CB  . SER A 1 10 ? 20.867  0.685   -6.974  1.00 67.76  ? 484 SER A CB  1 
ATOM   75  O OG  . SER A 1 10 ? 20.988  1.752   -6.050  1.00 62.46  ? 484 SER A OG  1 
ATOM   76  N N   . LEU A 1 11 ? 17.727  0.812   -7.642  1.00 51.78  ? 485 LEU A N   1 
ATOM   77  C CA  . LEU A 1 11 ? 16.455  1.525   -7.616  1.00 55.01  ? 485 LEU A CA  1 
ATOM   78  C C   . LEU A 1 11 ? 15.368  0.684   -6.958  1.00 55.48  ? 485 LEU A C   1 
ATOM   79  O O   . LEU A 1 11 ? 14.487  1.221   -6.274  1.00 55.51  ? 485 LEU A O   1 
ATOM   80  C CB  . LEU A 1 11 ? 16.047  1.917   -9.037  1.00 49.57  ? 485 LEU A CB  1 
ATOM   81  C CG  . LEU A 1 11 ? 14.608  2.394   -9.246  1.00 60.23  ? 485 LEU A CG  1 
ATOM   82  C CD1 . LEU A 1 11 ? 14.414  3.796   -8.688  1.00 58.48  ? 485 LEU A CD1 1 
ATOM   83  C CD2 . LEU A 1 11 ? 14.233  2.340   -10.719 1.00 65.40  ? 485 LEU A CD2 1 
ATOM   84  N N   . LEU A 1 12 ? 15.418  -0.637  -7.147  1.00 50.93  ? 486 LEU A N   1 
ATOM   85  C CA  . LEU A 1 12 ? 14.408  -1.514  -6.566  1.00 53.66  ? 486 LEU A CA  1 
ATOM   86  C C   . LEU A 1 12 ? 14.414  -1.437  -5.043  1.00 50.73  ? 486 LEU A C   1 
ATOM   87  O O   . LEU A 1 12 ? 13.353  -1.473  -4.408  1.00 52.28  ? 486 LEU A O   1 
ATOM   88  C CB  . LEU A 1 12 ? 14.636  -2.952  -7.030  1.00 49.85  ? 486 LEU A CB  1 
ATOM   89  C CG  . LEU A 1 12 ? 13.733  -4.026  -6.420  1.00 45.60  ? 486 LEU A CG  1 
ATOM   90  C CD1 . LEU A 1 12 ? 12.277  -3.757  -6.763  1.00 42.42  ? 486 LEU A CD1 1 
ATOM   91  C CD2 . LEU A 1 12 ? 14.154  -5.410  -6.892  1.00 47.01  ? 486 LEU A CD2 1 
ATOM   92  N N   . GLY A 1 13 ? 15.600  -1.329  -4.441  1.00 49.70  ? 487 GLY A N   1 
ATOM   93  C CA  . GLY A 1 13 ? 15.672  -1.206  -2.994  1.00 52.23  ? 487 GLY A CA  1 
ATOM   94  C C   . GLY A 1 13 ? 14.994  0.050   -2.482  1.00 50.40  ? 487 GLY A C   1 
ATOM   95  O O   . GLY A 1 13 ? 14.324  0.027   -1.447  1.00 62.06  ? 487 GLY A O   1 
ATOM   96  N N   . GLN A 1 14 ? 15.155  1.162   -3.202  1.00 60.71  ? 488 GLN A N   1 
ATOM   97  C CA  . GLN A 1 14 ? 14.474  2.393   -2.817  1.00 55.08  ? 488 GLN A CA  1 
ATOM   98  C C   . GLN A 1 14 ? 12.968  2.273   -3.012  1.00 52.44  ? 488 GLN A C   1 
ATOM   99  O O   . GLN A 1 14 ? 12.189  2.717   -2.161  1.00 52.74  ? 488 GLN A O   1 
ATOM   100 C CB  . GLN A 1 14 ? 15.027  3.572   -3.620  1.00 53.64  ? 488 GLN A CB  1 
ATOM   101 C CG  . GLN A 1 14 ? 14.294  4.885   -3.380  1.00 74.61  ? 488 GLN A CG  1 
ATOM   102 C CD  . GLN A 1 14 ? 14.039  5.656   -4.661  1.00 84.48  ? 488 GLN A CD  1 
ATOM   103 O OE1 . GLN A 1 14 ? 14.924  6.343   -5.172  1.00 78.28  ? 488 GLN A OE1 1 
ATOM   104 N NE2 . GLN A 1 14 ? 12.824  5.547   -5.186  1.00 86.46  ? 488 GLN A NE2 1 
ATOM   105 N N   . GLN A 1 15 ? 12.555  1.646   -4.100  1.00 49.36  ? 489 GLN A N   1 
ATOM   106 C CA  . GLN A 1 15 ? 11.120  1.500   -4.402  1.00 56.09  ? 489 GLN A CA  1 
ATOM   107 C C   . GLN A 1 15 ? 10.478  0.581   -3.371  1.00 55.76  ? 489 GLN A C   1 
ATOM   108 O O   . GLN A 1 15 ? 9.423   0.887   -2.900  1.00 48.84  ? 489 GLN A O   1 
ATOM   109 C CB  . GLN A 1 15 ? 10.935  1.005   -5.830  1.00 49.14  ? 489 GLN A CB  1 
ATOM   110 C CG  . GLN A 1 15 ? 11.281  2.021   -6.890  1.00 57.71  ? 489 GLN A CG  1 
ATOM   111 C CD  . GLN A 1 15 ? 11.167  1.521   -8.306  1.00 59.01  ? 489 GLN A CD  1 
ATOM   112 O OE1 . GLN A 1 15 ? 10.840  2.255   -9.213  1.00 53.09  ? 489 GLN A OE1 1 
ATOM   113 N NE2 . GLN A 1 15 ? 11.476  0.269   -8.520  1.00 56.79  ? 489 GLN A NE2 1 
ATOM   114 N N   . GLN A 1 16 ? 11.123  -0.518  -3.050  1.00 49.43  ? 490 GLN A N   1 
ATOM   115 C CA  . GLN A 1 16 ? 10.562  -1.448  -2.078  1.00 51.95  ? 490 GLN A CA  1 
ATOM   116 C C   . GLN A 1 16 ? 10.478  -0.816  -0.694  1.00 52.96  ? 490 GLN A C   1 
ATOM   117 O O   . GLN A 1 16 ? 9.501   -1.032  0.033   1.00 51.68  ? 490 GLN A O   1 
ATOM   118 C CB  . GLN A 1 16 ? 11.394  -2.730  -2.033  1.00 55.48  ? 490 GLN A CB  1 
ATOM   119 C CG  . GLN A 1 16 ? 10.752  -3.911  -2.743  1.00 62.96  ? 490 GLN A CG  1 
ATOM   120 C CD  . GLN A 1 16 ? 9.449   -4.341  -2.100  1.00 66.12  ? 490 GLN A CD  1 
ATOM   121 O OE1 . GLN A 1 16 ? 8.384   -4.255  -2.713  1.00 66.10  ? 490 GLN A OE1 1 
ATOM   122 N NE2 . GLN A 1 16 ? 9.525   -4.808  -0.859  1.00 69.96  ? 490 GLN A NE2 1 
ATOM   123 N N   . ALA A 1 17 ? 11.489  -0.031  -0.315  1.00 54.22  ? 491 ALA A N   1 
ATOM   124 C CA  . ALA A 1 17 ? 11.461  0.635   0.984   1.00 49.94  ? 491 ALA A CA  1 
ATOM   125 C C   . ALA A 1 17 ? 10.301  1.619   1.072   1.00 61.38  ? 491 ALA A C   1 
ATOM   126 O O   . ALA A 1 17 ? 9.707   1.797   2.142   1.00 61.06  ? 491 ALA A O   1 
ATOM   127 C CB  . ALA A 1 17 ? 12.789  1.346   1.240   1.00 56.75  ? 491 ALA A CB  1 
ATOM   128 N N   . GLU A 1 18 ? 9.963   2.266   -0.044  1.00 56.94  ? 492 GLU A N   1 
ATOM   129 C CA  . GLU A 1 18 ? 8.815   3.167   -0.059  1.00 52.10  ? 492 GLU A CA  1 
ATOM   130 C C   . GLU A 1 18 ? 7.506   2.391   0.024   1.00 47.95  ? 492 GLU A C   1 
ATOM   131 O O   . GLU A 1 18 ? 6.538   2.860   0.635   1.00 52.24  ? 492 GLU A O   1 
ATOM   132 C CB  . GLU A 1 18 ? 8.852   4.038   -1.315  1.00 51.45  ? 492 GLU A CB  1 
ATOM   133 C CG  . GLU A 1 18 ? 7.635   4.929   -1.503  1.00 63.29  ? 492 GLU A CG  1 
ATOM   134 C CD  . GLU A 1 18 ? 7.528   6.009   -0.442  1.00 74.79  ? 492 GLU A CD  1 
ATOM   135 O OE1 . GLU A 1 18 ? 6.405   6.510   -0.216  1.00 72.05  ? 492 GLU A OE1 1 
ATOM   136 O OE2 . GLU A 1 18 ? 8.562   6.359   0.163   1.00 78.77  ? 492 GLU A OE2 1 
ATOM   137 N N   . VAL A 1 19 ? 7.461   1.201   -0.578  1.00 51.20  ? 493 VAL A N   1 
ATOM   138 C CA  . VAL A 1 19 ? 6.253   0.379   -0.519  1.00 50.33  ? 493 VAL A CA  1 
ATOM   139 C C   . VAL A 1 19 ? 5.974   -0.047  0.916   1.00 52.69  ? 493 VAL A C   1 
ATOM   140 O O   . VAL A 1 19 ? 4.840   0.045   1.402   1.00 49.29  ? 493 VAL A O   1 
ATOM   141 C CB  . VAL A 1 19 ? 6.385   -0.835  -1.458  1.00 47.73  ? 493 VAL A CB  1 
ATOM   142 C CG1 . VAL A 1 19 ? 5.462   -1.961  -1.014  1.00 46.48  ? 493 VAL A CG1 1 
ATOM   143 C CG2 . VAL A 1 19 ? 6.087   -0.429  -2.892  1.00 43.17  ? 493 VAL A CG2 1 
ATOM   144 N N   . GLN A 1 20 ? 7.008   -0.517  1.621   1.00 55.41  ? 494 GLN A N   1 
ATOM   145 C CA  . GLN A 1 20 ? 6.829   -0.922  3.012   1.00 54.00  ? 494 GLN A CA  1 
ATOM   146 C C   . GLN A 1 20 ? 6.453   0.259   3.895   1.00 56.28  ? 494 GLN A C   1 
ATOM   147 O O   . GLN A 1 20 ? 5.682   0.098   4.849   1.00 53.78  ? 494 GLN A O   1 
ATOM   148 C CB  . GLN A 1 20 ? 8.100   -1.594  3.534   1.00 59.08  ? 494 GLN A CB  1 
ATOM   149 C CG  . GLN A 1 20 ? 8.682   -2.644  2.599   1.00 80.29  ? 494 GLN A CG  1 
ATOM   150 C CD  . GLN A 1 20 ? 8.089   -4.022  2.816   1.00 80.47  ? 494 GLN A CD  1 
ATOM   151 O OE1 . GLN A 1 20 ? 6.934   -4.160  3.223   1.00 64.29  ? 494 GLN A OE1 1 
ATOM   152 N NE2 . GLN A 1 20 ? 8.879   -5.055  2.543   1.00 81.81  ? 494 GLN A NE2 1 
ATOM   153 N N   . ARG A 1 21 ? 6.981   1.448   3.598   1.00 52.40  ? 495 ARG A N   1 
ATOM   154 C CA  . ARG A 1 21 ? 6.589   2.636   4.350   1.00 55.35  ? 495 ARG A CA  1 
ATOM   155 C C   . ARG A 1 21 ? 5.119   2.967   4.121   1.00 52.18  ? 495 ARG A C   1 
ATOM   156 O O   . ARG A 1 21 ? 4.403   3.332   5.061   1.00 55.25  ? 495 ARG A O   1 
ATOM   157 C CB  . ARG A 1 21 ? 7.471   3.822   3.960   1.00 57.78  ? 495 ARG A CB  1 
ATOM   158 C CG  . ARG A 1 21 ? 8.785   3.902   4.719   1.00 75.23  ? 495 ARG A CG  1 
ATOM   159 C CD  . ARG A 1 21 ? 9.463   5.246   4.502   1.00 85.34  ? 495 ARG A CD  1 
ATOM   160 N NE  . ARG A 1 21 ? 9.822   5.458   3.101   1.00 90.02  ? 495 ARG A NE  1 
ATOM   161 C CZ  . ARG A 1 21 ? 11.000  5.139   2.575   1.00 83.13  ? 495 ARG A CZ  1 
ATOM   162 N NH1 . ARG A 1 21 ? 11.942  4.594   3.334   1.00 71.71  ? 495 ARG A NH1 1 
ATOM   163 N NH2 . ARG A 1 21 ? 11.239  5.367   1.291   1.00 81.84  ? 495 ARG A NH2 1 
ATOM   164 N N   . CYS A 1 22 ? 4.652   2.844   2.876   1.00 48.46  ? 496 CYS A N   1 
ATOM   165 C CA  . CYS A 1 22 ? 3.245   3.098   2.586   1.00 56.24  ? 496 CYS A CA  1 
ATOM   166 C C   . CYS A 1 22 ? 2.345   2.033   3.198   1.00 54.28  ? 496 CYS A C   1 
ATOM   167 O O   . CYS A 1 22 ? 1.209   2.332   3.583   1.00 52.01  ? 496 CYS A O   1 
ATOM   168 C CB  . CYS A 1 22 ? 3.026   3.176   1.075   1.00 57.15  ? 496 CYS A CB  1 
ATOM   169 S SG  . CYS A 1 22 ? 3.729   4.647   0.298   1.00 61.32  ? 496 CYS A SG  1 
ATOM   170 N N   . ARG A 1 23 ? 2.828   0.792   3.292   1.00 48.95  ? 497 ARG A N   1 
ATOM   171 C CA  . ARG A 1 23 ? 2.042   -0.253  3.937   1.00 48.54  ? 497 ARG A CA  1 
ATOM   172 C C   . ARG A 1 23 ? 1.869   0.028   5.423   1.00 48.72  ? 497 ARG A C   1 
ATOM   173 O O   . ARG A 1 23 ? 0.805   -0.240  5.992   1.00 47.54  ? 497 ARG A O   1 
ATOM   174 C CB  . ARG A 1 23 ? 2.694   -1.618  3.715   1.00 50.22  ? 497 ARG A CB  1 
ATOM   175 C CG  . ARG A 1 23 ? 2.430   -2.208  2.339   1.00 48.24  ? 497 ARG A CG  1 
ATOM   176 C CD  . ARG A 1 23 ? 3.204   -3.499  2.121   1.00 47.45  ? 497 ARG A CD  1 
ATOM   177 N NE  . ARG A 1 23 ? 3.043   -3.999  0.759   1.00 48.06  ? 497 ARG A NE  1 
ATOM   178 C CZ  . ARG A 1 23 ? 3.846   -4.893  0.191   1.00 50.64  ? 497 ARG A CZ  1 
ATOM   179 N NH1 . ARG A 1 23 ? 4.871   -5.391  0.869   1.00 45.07  ? 497 ARG A NH1 1 
ATOM   180 N NH2 . ARG A 1 23 ? 3.624   -5.289  -1.055  1.00 47.79  ? 497 ARG A NH2 1 
ATOM   181 N N   . GLU A 1 24 ? 2.906   0.571   6.069   1.00 45.10  ? 498 GLU A N   1 
ATOM   182 C CA  . GLU A 1 24 ? 2.775   0.971   7.466   1.00 48.05  ? 498 GLU A CA  1 
ATOM   183 C C   . GLU A 1 24 ? 1.757   2.093   7.618   1.00 53.20  ? 498 GLU A C   1 
ATOM   184 O O   . GLU A 1 24 ? 0.991   2.119   8.588   1.00 59.64  ? 498 GLU A O   1 
ATOM   185 C CB  . GLU A 1 24 ? 4.134   1.400   8.019   1.00 57.63  ? 498 GLU A CB  1 
ATOM   186 C CG  . GLU A 1 24 ? 5.168   0.288   8.074   1.00 78.96  ? 498 GLU A CG  1 
ATOM   187 C CD  . GLU A 1 24 ? 6.555   0.800   8.413   1.00 95.47  ? 498 GLU A CD  1 
ATOM   188 O OE1 . GLU A 1 24 ? 6.694   2.014   8.675   1.00 100.48 ? 498 GLU A OE1 1 
ATOM   189 O OE2 . GLU A 1 24 ? 7.505   -0.011  8.416   1.00 100.22 ? 498 GLU A OE2 1 
ATOM   190 N N   . ASP A 1 25 ? 1.737   3.031   6.668   1.00 52.90  ? 499 ASP A N   1 
ATOM   191 C CA  . ASP A 1 25 ? 0.752   4.107   6.712   1.00 55.62  ? 499 ASP A CA  1 
ATOM   192 C C   . ASP A 1 25 ? -0.660  3.568   6.533   1.00 54.69  ? 499 ASP A C   1 
ATOM   193 O O   . ASP A 1 25 ? -1.601  4.040   7.181   1.00 53.17  ? 499 ASP A O   1 
ATOM   194 C CB  . ASP A 1 25 ? 1.064   5.150   5.639   1.00 61.21  ? 499 ASP A CB  1 
ATOM   195 C CG  . ASP A 1 25 ? 2.319   5.947   5.944   1.00 78.14  ? 499 ASP A CG  1 
ATOM   196 O OD1 . ASP A 1 25 ? 2.653   6.099   7.137   1.00 85.88  ? 499 ASP A OD1 1 
ATOM   197 O OD2 . ASP A 1 25 ? 2.969   6.421   4.989   1.00 79.53  ? 499 ASP A OD2 1 
ATOM   198 N N   . LEU A 1 26 ? -0.827  2.574   5.657   1.00 45.62  ? 500 LEU A N   1 
ATOM   199 C CA  . LEU A 1 26 ? -2.153  2.012   5.419   1.00 47.46  ? 500 LEU A CA  1 
ATOM   200 C C   . LEU A 1 26 ? -2.677  1.283   6.650   1.00 53.73  ? 500 LEU A C   1 
ATOM   201 O O   . LEU A 1 26 ? -3.873  1.352   6.955   1.00 51.68  ? 500 LEU A O   1 
ATOM   202 C CB  . LEU A 1 26 ? -2.114  1.072   4.214   1.00 45.52  ? 500 LEU A CB  1 
ATOM   203 C CG  . LEU A 1 26 ? -3.452  0.459   3.799   1.00 50.58  ? 500 LEU A CG  1 
ATOM   204 C CD1 . LEU A 1 26 ? -4.440  1.548   3.411   1.00 58.32  ? 500 LEU A CD1 1 
ATOM   205 C CD2 . LEU A 1 26 ? -3.264  -0.533  2.662   1.00 54.23  ? 500 LEU A CD2 1 
ATOM   206 N N   . GLN A 1 27 ? -1.784  0.616   7.355   1.00 52.49  ? 501 GLN A N   1 
ATOM   207 C CA  . GLN A 1 27 ? -2.201  -0.133  8.549   1.00 50.65  ? 501 GLN A CA  1 
ATOM   208 C C   . GLN A 1 27 ? -2.680  0.854   9.612   1.00 49.14  ? 501 GLN A C   1 
ATOM   209 O O   . GLN A 1 27 ? -3.669  0.597   10.201  1.00 51.35  ? 501 GLN A O   1 
ATOM   210 C CB  . GLN A 1 27 ? -1.076  -1.050  9.015   1.00 62.81  ? 501 GLN A CB  1 
ATOM   211 C CG  . GLN A 1 27 ? -0.873  -2.296  8.154   1.00 86.78  ? 501 GLN A CG  1 
ATOM   212 C CD  . GLN A 1 27 ? -1.740  -3.480  8.513   1.00 98.73  ? 501 GLN A CD  1 
ATOM   213 O OE1 . GLN A 1 27 ? -2.753  -3.346  9.177   1.00 107.94 ? 501 GLN A OE1 1 
ATOM   214 N NE2 . GLN A 1 27 ? -1.364  -4.660  8.064   1.00 90.55  ? 501 GLN A NE2 1 
ATOM   215 N N   . LYS A 1 28 ? -1.989  1.959   9.796   1.00 49.12  ? 502 LYS A N   1 
ATOM   216 C CA  . LYS A 1 28 ? -2.379  2.941   10.801  1.00 49.38  ? 502 LYS A CA  1 
ATOM   217 C C   . LYS A 1 28 ? -3.716  3.586   10.454  1.00 43.19  ? 502 LYS A C   1 
ATOM   218 O O   . LYS A 1 28 ? -4.541  3.835   11.341  1.00 61.31  ? 502 LYS A O   1 
ATOM   219 C CB  . LYS A 1 28 ? -1.291  4.004   10.945  1.00 48.11  ? 502 LYS A CB  1 
ATOM   220 N N   . LYS A 1 29 ? -3.949  3.861   9.169   1.00 50.47  ? 503 LYS A N   1 
ATOM   221 C CA  . LYS A 1 29 ? -5.212  4.468   8.764   1.00 54.73  ? 503 LYS A CA  1 
ATOM   222 C C   . LYS A 1 29 ? -6.362  3.472   8.832   1.00 56.83  ? 503 LYS A C   1 
ATOM   223 O O   . LYS A 1 29 ? -7.495  3.858   9.141   1.00 49.43  ? 503 LYS A O   1 
ATOM   224 C CB  . LYS A 1 29 ? -5.087  5.047   7.355   1.00 53.70  ? 503 LYS A CB  1 
ATOM   225 C CG  . LYS A 1 29 ? -4.067  6.169   7.247   1.00 55.45  ? 503 LYS A CG  1 
ATOM   226 C CD  . LYS A 1 29 ? -3.840  6.583   5.804   1.00 65.09  ? 503 LYS A CD  1 
ATOM   227 C CE  . LYS A 1 29 ? -2.848  7.733   5.717   1.00 61.10  ? 503 LYS A CE  1 
ATOM   228 N NZ  . LYS A 1 29 ? -3.343  8.939   6.435   1.00 67.16  ? 503 LYS A NZ  1 
ATOM   229 N N   . GLU A 1 30 ? -6.095  2.195   8.550   1.00 47.50  ? 504 GLU A N   1 
ATOM   230 C CA  . GLU A 1 30 ? -7.132  1.178   8.689   1.00 43.48  ? 504 GLU A CA  1 
ATOM   231 C C   . GLU A 1 30 ? -7.499  0.964   10.152  1.00 43.40  ? 504 GLU A C   1 
ATOM   232 O O   . GLU A 1 30 ? -8.667  0.722   10.475  1.00 48.58  ? 504 GLU A O   1 
ATOM   233 C CB  . GLU A 1 30 ? -6.670  -0.136  8.056   1.00 47.95  ? 504 GLU A CB  1 
ATOM   234 C CG  . GLU A 1 30 ? -6.846  -0.204  6.549   1.00 46.06  ? 504 GLU A CG  1 
ATOM   235 C CD  . GLU A 1 30 ? -6.579  -1.591  5.997   1.00 53.92  ? 504 GLU A CD  1 
ATOM   236 O OE1 . GLU A 1 30 ? -6.036  -2.432  6.744   1.00 51.53  ? 504 GLU A OE1 1 
ATOM   237 O OE2 . GLU A 1 30 ? -6.909  -1.838  4.818   1.00 52.30  ? 504 GLU A OE2 1 
ATOM   238 N N   . SER A 1 31 ? -6.511  1.046   11.048  1.00 44.97  ? 505 SER A N   1 
ATOM   239 C CA  . SER A 1 31 ? -6.790  0.899   12.473  1.00 49.53  ? 505 SER A CA  1 
ATOM   240 C C   . SER A 1 31 ? -7.701  2.012   12.973  1.00 45.45  ? 505 SER A C   1 
ATOM   241 O O   . SER A 1 31 ? -8.554  1.786   13.839  1.00 49.58  ? 505 SER A O   1 
ATOM   242 C CB  . SER A 1 31 ? -5.481  0.878   13.264  1.00 54.89  ? 505 SER A CB  1 
ATOM   243 O OG  . SER A 1 31 ? -5.725  0.703   14.648  1.00 70.35  ? 505 SER A OG  1 
ATOM   244 N N   . LEU A 1 32 ? -7.534  3.224   12.438  1.00 55.59  ? 506 LEU A N   1 
ATOM   245 C CA  . LEU A 1 32 ? -8.423  4.322   12.805  1.00 46.81  ? 506 LEU A CA  1 
ATOM   246 C C   . LEU A 1 32 ? -9.847  4.051   12.340  1.00 46.20  ? 506 LEU A C   1 
ATOM   247 O O   . LEU A 1 32 ? -10.811 4.376   13.043  1.00 48.79  ? 506 LEU A O   1 
ATOM   248 C CB  . LEU A 1 32 ? -7.906  5.634   12.217  1.00 50.82  ? 506 LEU A CB  1 
ATOM   249 C CG  . LEU A 1 32 ? -6.643  6.208   12.862  1.00 58.78  ? 506 LEU A CG  1 
ATOM   250 C CD1 . LEU A 1 32 ? -5.990  7.232   11.947  1.00 55.88  ? 506 LEU A CD1 1 
ATOM   251 C CD2 . LEU A 1 32 ? -6.968  6.820   14.215  1.00 60.71  ? 506 LEU A CD2 1 
ATOM   252 N N   . VAL A 1 33 ? -9.998  3.454   11.155  1.00 48.53  ? 507 VAL A N   1 
ATOM   253 C CA  . VAL A 1 33 ? -11.324 3.085   10.665  1.00 45.26  ? 507 VAL A CA  1 
ATOM   254 C C   . VAL A 1 33 ? -11.971 2.078   11.605  1.00 58.88  ? 507 VAL A C   1 
ATOM   255 O O   . VAL A 1 33 ? -13.130 2.232   12.010  1.00 46.48  ? 507 VAL A O   1 
ATOM   256 C CB  . VAL A 1 33 ? -11.230 2.536   9.228   1.00 51.46  ? 507 VAL A CB  1 
ATOM   257 C CG1 . VAL A 1 33 ? -12.484 1.749   8.874   1.00 46.04  ? 507 VAL A CG1 1 
ATOM   258 C CG2 . VAL A 1 33 ? -11.005 3.667   8.239   1.00 49.42  ? 507 VAL A CG2 1 
ATOM   259 N N   . MET A 1 34 ? -11.225 1.033   11.975  1.00 53.12  ? 508 MET A N   1 
ATOM   260 C CA  . MET A 1 34 ? -11.765 0.013   12.869  1.00 48.09  ? 508 MET A CA  1 
ATOM   261 C C   . MET A 1 34 ? -12.089 0.582   14.243  1.00 50.86  ? 508 MET A C   1 
ATOM   262 O O   . MET A 1 34 ? -12.985 0.076   14.928  1.00 53.55  ? 508 MET A O   1 
ATOM   263 C CB  . MET A 1 34 ? -10.780 -1.150  12.991  1.00 45.22  ? 508 MET A CB  1 
ATOM   264 C CG  . MET A 1 34 ? -10.443 -1.814  11.667  1.00 55.33  ? 508 MET A CG  1 
ATOM   265 S SD  . MET A 1 34 ? -11.909 -2.346  10.761  1.00 61.99  ? 508 MET A SD  1 
ATOM   266 C CE  . MET A 1 34 ? -12.618 -3.511  11.922  1.00 71.78  ? 508 MET A CE  1 
ATOM   267 N N   . GLU A 1 35 ? -11.374 1.628   14.666  1.00 55.10  ? 509 GLU A N   1 
ATOM   268 C CA  . GLU A 1 35 ? -11.703 2.281   15.929  1.00 56.39  ? 509 GLU A CA  1 
ATOM   269 C C   . GLU A 1 35 ? -13.071 2.946   15.862  1.00 56.67  ? 509 GLU A C   1 
ATOM   270 O O   . GLU A 1 35 ? -13.857 2.863   16.814  1.00 58.14  ? 509 GLU A O   1 
ATOM   271 C CB  . GLU A 1 35 ? -10.626 3.304   16.290  1.00 73.36  ? 509 GLU A CB  1 
ATOM   272 C CG  . GLU A 1 35 ? -9.490  2.744   17.132  1.00 87.29  ? 509 GLU A CG  1 
ATOM   273 C CD  . GLU A 1 35 ? -8.557  3.825   17.642  1.00 100.04 ? 509 GLU A CD  1 
ATOM   274 O OE1 . GLU A 1 35 ? -7.591  4.165   16.927  1.00 103.39 ? 509 GLU A OE1 1 
ATOM   275 O OE2 . GLU A 1 35 ? -8.789  4.334   18.758  1.00 104.04 ? 509 GLU A OE2 1 
ATOM   276 N N   . THR A 1 36 ? -13.375 3.610   14.744  1.00 56.50  ? 510 THR A N   1 
ATOM   277 C CA  . THR A 1 36 ? -14.695 4.207   14.572  1.00 55.11  ? 510 THR A CA  1 
ATOM   278 C C   . THR A 1 36 ? -15.767 3.134   14.425  1.00 54.86  ? 510 THR A C   1 
ATOM   279 O O   . THR A 1 36 ? -16.890 3.299   14.913  1.00 51.56  ? 510 THR A O   1 
ATOM   280 C CB  . THR A 1 36 ? -14.695 5.139   13.359  1.00 54.27  ? 510 THR A CB  1 
ATOM   281 O OG1 . THR A 1 36 ? -13.661 6.120   13.507  1.00 57.92  ? 510 THR A OG1 1 
ATOM   282 C CG2 . THR A 1 36 ? -16.038 5.845   13.222  1.00 51.78  ? 510 THR A CG2 1 
ATOM   283 N N   . ILE A 1 37 ? -15.434 2.027   13.755  1.00 51.75  ? 511 ILE A N   1 
ATOM   284 C CA  . ILE A 1 37 ? -16.376 0.918   13.619  1.00 50.20  ? 511 ILE A CA  1 
ATOM   285 C C   . ILE A 1 37 ? -16.760 0.383   14.992  1.00 49.00  ? 511 ILE A C   1 
ATOM   286 O O   . ILE A 1 37 ? -17.937 0.122   15.271  1.00 56.54  ? 511 ILE A O   1 
ATOM   287 C CB  . ILE A 1 37 ? -15.777 -0.186  12.730  1.00 51.89  ? 511 ILE A CB  1 
ATOM   288 C CG1 . ILE A 1 37 ? -15.676 0.285   11.277  1.00 52.17  ? 511 ILE A CG1 1 
ATOM   289 C CG2 . ILE A 1 37 ? -16.604 -1.462  12.827  1.00 49.48  ? 511 ILE A CG2 1 
ATOM   290 C CD1 . ILE A 1 37 ? -17.010 0.403   10.577  1.00 55.23  ? 511 ILE A CD1 1 
ATOM   291 N N   . ALA A 1 38 ? -15.770 0.217   15.872  1.00 48.84  ? 512 ALA A N   1 
ATOM   292 C CA  . ALA A 1 38 ? -16.046 -0.270  17.219  1.00 53.37  ? 512 ALA A CA  1 
ATOM   293 C C   . ALA A 1 38 ? -16.944 0.687   17.991  1.00 59.01  ? 512 ALA A C   1 
ATOM   294 O O   . ALA A 1 38 ? -17.769 0.247   18.800  1.00 56.56  ? 512 ALA A O   1 
ATOM   295 C CB  . ALA A 1 38 ? -14.736 -0.496  17.975  1.00 61.38  ? 512 ALA A CB  1 
ATOM   296 N N   . LYS A 1 39 ? -16.802 1.994   17.757  1.00 55.32  ? 513 LYS A N   1 
ATOM   297 C CA  . LYS A 1 39 ? -17.686 2.956   18.406  1.00 54.17  ? 513 LYS A CA  1 
ATOM   298 C C   . LYS A 1 39 ? -19.109 2.837   17.878  1.00 52.99  ? 513 LYS A C   1 
ATOM   299 O O   . LYS A 1 39 ? -20.073 2.950   18.644  1.00 64.57  ? 513 LYS A O   1 
ATOM   300 C CB  . LYS A 1 39 ? -17.155 4.376   18.205  1.00 62.18  ? 513 LYS A CB  1 
ATOM   301 C CG  . LYS A 1 39 ? -16.168 4.825   19.268  1.00 72.76  ? 513 LYS A CG  1 
ATOM   302 C CD  . LYS A 1 39 ? -14.961 5.506   18.645  1.00 81.59  ? 513 LYS A CD  1 
ATOM   303 C CE  . LYS A 1 39 ? -14.650 6.819   19.341  1.00 91.32  ? 513 LYS A CE  1 
ATOM   304 N NZ  . LYS A 1 39 ? -13.449 7.482   18.764  1.00 86.88  ? 513 LYS A NZ  1 
ATOM   305 N N   . ILE A 1 40 ? -19.260 2.612   16.570  1.00 48.66  ? 514 ILE A N   1 
ATOM   306 C CA  . ILE A 1 40 ? -20.586 2.409   15.997  1.00 55.12  ? 514 ILE A CA  1 
ATOM   307 C C   . ILE A 1 40 ? -21.204 1.123   16.530  1.00 59.55  ? 514 ILE A C   1 
ATOM   308 O O   . ILE A 1 40 ? -22.397 1.077   16.854  1.00 59.06  ? 514 ILE A O   1 
ATOM   309 C CB  . ILE A 1 40 ? -20.505 2.406   14.459  1.00 56.85  ? 514 ILE A CB  1 
ATOM   310 C CG1 . ILE A 1 40 ? -20.042 3.769   13.942  1.00 55.50  ? 514 ILE A CG1 1 
ATOM   311 C CG2 . ILE A 1 40 ? -21.849 2.028   13.850  1.00 52.01  ? 514 ILE A CG2 1 
ATOM   312 C CD1 . ILE A 1 40 ? -19.767 3.793   12.453  1.00 50.59  ? 514 ILE A CD1 1 
ATOM   313 N N   . LYS A 1 41 ? -20.401 0.061   16.635  1.00 56.78  ? 515 LYS A N   1 
ATOM   314 C CA  . LYS A 1 41 ? -20.911 -1.214  17.126  1.00 55.35  ? 515 LYS A CA  1 
ATOM   315 C C   . LYS A 1 41 ? -21.342 -1.115  18.583  1.00 62.25  ? 515 LYS A C   1 
ATOM   316 O O   . LYS A 1 41 ? -22.391 -1.650  18.966  1.00 65.15  ? 515 LYS A O   1 
ATOM   317 C CB  . LYS A 1 41 ? -19.847 -2.299  16.945  1.00 52.50  ? 515 LYS A CB  1 
ATOM   318 C CG  . LYS A 1 41 ? -20.005 -3.508  17.852  1.00 57.41  ? 515 LYS A CG  1 
ATOM   319 C CD  . LYS A 1 41 ? -18.945 -4.552  17.540  1.00 50.06  ? 515 LYS A CD  1 
ATOM   320 C CE  . LYS A 1 41 ? -18.535 -5.324  18.783  1.00 63.65  ? 515 LYS A CE  1 
ATOM   321 N NZ  . LYS A 1 41 ? -17.495 -6.346  18.475  1.00 59.25  ? 515 LYS A NZ  1 
ATOM   322 N N   . ALA A 1 42 ? -20.549 -0.430  19.412  1.00 63.42  ? 516 ALA A N   1 
ATOM   323 C CA  . ALA A 1 42 ? -20.917 -0.261  20.814  1.00 60.64  ? 516 ALA A CA  1 
ATOM   324 C C   . ALA A 1 42 ? -22.212 0.528   20.952  1.00 70.61  ? 516 ALA A C   1 
ATOM   325 O O   . ALA A 1 42 ? -23.040 0.232   21.821  1.00 77.17  ? 516 ALA A O   1 
ATOM   326 C CB  . ALA A 1 42 ? -19.784 0.427   21.575  1.00 71.19  ? 516 ALA A CB  1 
ATOM   327 N N   . LEU A 1 43 ? -22.403 1.541   20.102  1.00 69.15  ? 517 LEU A N   1 
ATOM   328 C CA  . LEU A 1 43 ? -23.666 2.271   20.094  1.00 72.32  ? 517 LEU A CA  1 
ATOM   329 C C   . LEU A 1 43 ? -24.815 1.369   19.664  1.00 65.67  ? 517 LEU A C   1 
ATOM   330 O O   . LEU A 1 43 ? -25.914 1.436   20.225  1.00 70.70  ? 517 LEU A O   1 
ATOM   331 C CB  . LEU A 1 43 ? -23.561 3.486   19.171  1.00 63.76  ? 517 LEU A CB  1 
ATOM   332 C CG  . LEU A 1 43 ? -24.462 4.692   19.456  1.00 83.83  ? 517 LEU A CG  1 
ATOM   333 C CD1 . LEU A 1 43 ? -23.799 5.969   18.966  1.00 69.16  ? 517 LEU A CD1 1 
ATOM   334 C CD2 . LEU A 1 43 ? -25.831 4.522   18.814  1.00 98.75  ? 517 LEU A CD2 1 
ATOM   335 N N   . ALA A 1 44 ? -24.575 0.513   18.667  1.00 59.93  ? 518 ALA A N   1 
ATOM   336 C CA  . ALA A 1 44 ? -25.621 -0.387  18.191  1.00 68.73  ? 518 ALA A CA  1 
ATOM   337 C C   . ALA A 1 44 ? -25.997 -1.411  19.254  1.00 72.70  ? 518 ALA A C   1 
ATOM   338 O O   . ALA A 1 44 ? -27.180 -1.720  19.439  1.00 78.23  ? 518 ALA A O   1 
ATOM   339 C CB  . ALA A 1 44 ? -25.165 -1.085  16.911  1.00 59.13  ? 518 ALA A CB  1 
ATOM   340 N N   . LEU A 1 45 ? -25.002 -1.946  19.969  1.00 76.32  ? 519 LEU A N   1 
ATOM   341 C CA  . LEU A 1 45 ? -25.280 -2.949  20.993  1.00 78.32  ? 519 LEU A CA  1 
ATOM   342 C C   . LEU A 1 45 ? -26.070 -2.367  22.156  1.00 80.08  ? 519 LEU A C   1 
ATOM   343 O O   . LEU A 1 45 ? -26.835 -3.088  22.807  1.00 79.39  ? 519 LEU A O   1 
ATOM   344 C CB  . LEU A 1 45 ? -23.973 -3.560  21.496  1.00 68.80  ? 519 LEU A CB  1 
ATOM   345 C CG  . LEU A 1 45 ? -23.328 -4.628  20.611  1.00 65.79  ? 519 LEU A CG  1 
ATOM   346 C CD1 . LEU A 1 45 ? -21.944 -4.990  21.125  1.00 69.90  ? 519 LEU A CD1 1 
ATOM   347 C CD2 . LEU A 1 45 ? -24.213 -5.861  20.530  1.00 70.12  ? 519 LEU A CD2 1 
ATOM   348 N N   . GLU A 1 46 ? -25.904 -1.072  22.434  1.00 72.18  ? 520 GLU A N   1 
ATOM   349 C CA  . GLU A 1 46 ? -26.608 -0.460  23.556  1.00 82.97  ? 520 GLU A CA  1 
ATOM   350 C C   . GLU A 1 46 ? -28.100 -0.327  23.271  1.00 94.67  ? 520 GLU A C   1 
ATOM   351 O O   . GLU A 1 46 ? -28.932 -0.620  24.137  1.00 105.31 ? 520 GLU A O   1 
ATOM   352 C CB  . GLU A 1 46 ? -25.998 0.906   23.873  1.00 95.45  ? 520 GLU A CB  1 
ATOM   353 C CG  . GLU A 1 46 ? -26.811 1.742   24.849  1.00 111.42 ? 520 GLU A CG  1 
ATOM   354 C CD  . GLU A 1 46 ? -26.149 1.863   26.207  1.00 126.30 ? 520 GLU A CD  1 
ATOM   355 O OE1 . GLU A 1 46 ? -25.446 0.914   26.614  1.00 130.93 ? 520 GLU A OE1 1 
ATOM   356 O OE2 . GLU A 1 46 ? -26.330 2.907   26.868  1.00 130.98 ? 520 GLU A OE2 1 
ATOM   357 N N   . HIS A 1 47 ? -28.457 0.109   22.066  1.00 96.53  ? 521 HIS A N   1 
ATOM   358 C CA  . HIS A 1 47 ? -29.845 0.356   21.702  1.00 97.34  ? 521 HIS A CA  1 
ATOM   359 C C   . HIS A 1 47 ? -30.538 -0.868  21.113  1.00 111.20 ? 521 HIS A C   1 
ATOM   360 O O   . HIS A 1 47 ? -31.664 -0.748  20.621  1.00 122.28 ? 521 HIS A O   1 
ATOM   361 C CB  . HIS A 1 47 ? -29.928 1.524   20.714  1.00 86.19  ? 521 HIS A CB  1 
ATOM   362 N N   . HIS A 1 48 ? -29.899 -2.036  21.154  1.00 109.24 ? 522 HIS A N   1 
ATOM   363 C CA  . HIS A 1 48 ? -30.485 -3.259  20.617  1.00 104.70 ? 522 HIS A CA  1 
ATOM   364 C C   . HIS A 1 48 ? -30.777 -4.312  21.672  1.00 111.76 ? 522 HIS A C   1 
ATOM   365 O O   . HIS A 1 48 ? -31.761 -5.043  21.537  1.00 113.55 ? 522 HIS A O   1 
ATOM   366 C CB  . HIS A 1 48 ? -29.564 -3.868  19.552  1.00 97.34  ? 522 HIS A CB  1 
ATOM   367 C CG  . HIS A 1 48 ? -30.134 -5.080  18.882  1.00 107.97 ? 522 HIS A CG  1 
ATOM   368 N ND1 . HIS A 1 48 ? -29.747 -6.362  19.206  1.00 114.56 ? 522 HIS A ND1 1 
ATOM   369 C CD2 . HIS A 1 48 ? -31.064 -5.204  17.906  1.00 112.52 ? 522 HIS A CD2 1 
ATOM   370 C CE1 . HIS A 1 48 ? -30.412 -7.224  18.459  1.00 116.57 ? 522 HIS A CE1 1 
ATOM   371 N NE2 . HIS A 1 48 ? -31.219 -6.546  17.661  1.00 116.51 ? 522 HIS A NE2 1 
ATOM   372 N N   . HIS A 1 49 ? -29.955 -4.410  22.712  1.00 115.77 ? 523 HIS A N   1 
ATOM   373 C CA  . HIS A 1 49 ? -30.161 -5.406  23.758  1.00 113.93 ? 523 HIS A CA  1 
ATOM   374 C C   . HIS A 1 49 ? -30.593 -4.749  25.066  1.00 121.00 ? 523 HIS A C   1 
ATOM   375 O O   . HIS A 1 49 ? -31.321 -3.756  25.061  1.00 123.21 ? 523 HIS A O   1 
ATOM   376 C CB  . HIS A 1 49 ? -28.887 -6.224  23.975  1.00 104.71 ? 523 HIS A CB  1 
ATOM   377 C CG  . HIS A 1 49 ? -28.435 -6.972  22.760  1.00 105.57 ? 523 HIS A CG  1 
ATOM   378 N ND1 . HIS A 1 49 ? -28.998 -8.169  22.370  1.00 106.65 ? 523 HIS A ND1 1 
ATOM   379 C CD2 . HIS A 1 49 ? -27.475 -6.693  21.846  1.00 105.65 ? 523 HIS A CD2 1 
ATOM   380 C CE1 . HIS A 1 49 ? -28.404 -8.594  21.269  1.00 107.12 ? 523 HIS A CE1 1 
ATOM   381 N NE2 . HIS A 1 49 ? -27.476 -7.718  20.931  1.00 104.32 ? 523 HIS A NE2 1 
ATOM   382 N N   . SER B 1 3  ? -27.391 13.250  16.182  1.00 114.82 ? 477 SER B N   1 
ATOM   383 C CA  . SER B 1 3  ? -27.074 12.068  16.975  1.00 107.35 ? 477 SER B CA  1 
ATOM   384 C C   . SER B 1 3  ? -25.599 11.703  16.857  1.00 89.64  ? 477 SER B C   1 
ATOM   385 O O   . SER B 1 3  ? -24.916 12.132  15.927  1.00 80.86  ? 477 SER B O   1 
ATOM   386 C CB  . SER B 1 3  ? -27.940 10.883  16.540  1.00 109.16 ? 477 SER B CB  1 
ATOM   387 O OG  . SER B 1 3  ? -27.279 9.652   16.772  1.00 113.98 ? 477 SER B OG  1 
ATOM   388 N N   . GLN B 1 4  ? -25.112 10.905  17.811  1.00 78.72  ? 478 GLN B N   1 
ATOM   389 C CA  . GLN B 1 4  ? -23.725 10.453  17.756  1.00 70.90  ? 478 GLN B CA  1 
ATOM   390 C C   . GLN B 1 4  ? -23.472 9.574   16.540  1.00 66.82  ? 478 GLN B C   1 
ATOM   391 O O   . GLN B 1 4  ? -22.333 9.478   16.069  1.00 76.65  ? 478 GLN B O   1 
ATOM   392 C CB  . GLN B 1 4  ? -23.366 9.703   19.038  1.00 67.15  ? 478 GLN B CB  1 
ATOM   393 N N   . LEU B 1 5  ? -24.520 8.991   16.003  1.00 60.92  ? 479 LEU B N   1 
ATOM   394 C CA  . LEU B 1 5  ? -24.381 8.120   14.827  1.00 68.29  ? 479 LEU B CA  1 
ATOM   395 C C   . LEU B 1 5  ? -23.968 8.966   13.628  1.00 61.63  ? 479 LEU B C   1 
ATOM   396 O O   . LEU B 1 5  ? -23.213 8.516   12.824  1.00 57.83  ? 479 LEU B O   1 
ATOM   397 C CB  . LEU B 1 5  ? -25.734 7.459   14.601  1.00 66.90  ? 479 LEU B CB  1 
ATOM   398 C CG  . LEU B 1 5  ? -25.724 5.955   14.391  1.00 74.10  ? 479 LEU B CG  1 
ATOM   399 C CD1 . LEU B 1 5  ? -24.632 5.307   15.201  1.00 70.04  ? 479 LEU B CD1 1 
ATOM   400 C CD2 . LEU B 1 5  ? -27.051 5.359   14.753  1.00 67.94  ? 479 LEU B CD2 1 
ATOM   401 N N   . LEU B 1 6  ? -24.487 10.168  13.526  1.00 55.73  ? 480 LEU B N   1 
ATOM   402 C CA  . LEU B 1 6  ? -24.141 11.035  12.404  1.00 52.52  ? 480 LEU B CA  1 
ATOM   403 C C   . LEU B 1 6  ? -22.669 11.429  12.441  1.00 57.15  ? 480 LEU B C   1 
ATOM   404 O O   . LEU B 1 6  ? -22.001 11.455  11.400  1.00 63.31  ? 480 LEU B O   1 
ATOM   405 C CB  . LEU B 1 6  ? -25.026 12.281  12.411  1.00 55.24  ? 480 LEU B CB  1 
ATOM   406 C CG  . LEU B 1 6  ? -24.695 13.366  11.384  1.00 56.60  ? 480 LEU B CG  1 
ATOM   407 C CD1 . LEU B 1 6  ? -24.793 12.814  9.971   1.00 60.17  ? 480 LEU B CD1 1 
ATOM   408 C CD2 . LEU B 1 6  ? -25.611 14.568  11.560  1.00 63.78  ? 480 LEU B CD2 1 
ATOM   409 N N   . ALA B 1 7  ? -22.146 11.739  13.629  1.00 58.86  ? 481 ALA B N   1 
ATOM   410 C CA  . ALA B 1 7  ? -20.744 12.125  13.741  1.00 49.90  ? 481 ALA B CA  1 
ATOM   411 C C   . ALA B 1 7  ? -19.819 10.956  13.428  1.00 46.09  ? 481 ALA B C   1 
ATOM   412 O O   . ALA B 1 7  ? -18.818 11.122  12.723  1.00 59.22  ? 481 ALA B O   1 
ATOM   413 C CB  . ALA B 1 7  ? -20.462 12.678  15.138  1.00 54.46  ? 481 ALA B CB  1 
ATOM   414 N N   . LEU B 1 8  ? -20.138 9.764   13.940  1.00 51.31  ? 482 LEU B N   1 
ATOM   415 C CA  . LEU B 1 8  ? -19.284 8.607   13.692  1.00 51.73  ? 482 LEU B CA  1 
ATOM   416 C C   . LEU B 1 8  ? -19.353 8.169   12.234  1.00 49.00  ? 482 LEU B C   1 
ATOM   417 O O   . LEU B 1 8  ? -18.339 7.755   11.658  1.00 53.88  ? 482 LEU B O   1 
ATOM   418 C CB  . LEU B 1 8  ? -19.672 7.458   14.624  1.00 53.10  ? 482 LEU B CB  1 
ATOM   419 C CG  . LEU B 1 8  ? -19.513 7.718   16.124  1.00 57.86  ? 482 LEU B CG  1 
ATOM   420 C CD1 . LEU B 1 8  ? -20.295 6.698   16.940  1.00 64.50  ? 482 LEU B CD1 1 
ATOM   421 C CD2 . LEU B 1 8  ? -18.042 7.706   16.519  1.00 56.88  ? 482 LEU B CD2 1 
ATOM   422 N N   . ALA B 1 9  ? -20.535 8.254   11.618  1.00 48.66  ? 483 ALA B N   1 
ATOM   423 C CA  . ALA B 1 9  ? -20.651 7.905   10.205  1.00 54.70  ? 483 ALA B CA  1 
ATOM   424 C C   . ALA B 1 9  ? -19.895 8.896   9.329   1.00 62.45  ? 483 ALA B C   1 
ATOM   425 O O   . ALA B 1 9  ? -19.275 8.506   8.332   1.00 59.51  ? 483 ALA B O   1 
ATOM   426 C CB  . ALA B 1 9  ? -22.121 7.838   9.795   1.00 54.03  ? 483 ALA B CB  1 
ATOM   427 N N   . SER B 1 10 ? -19.937 10.183  9.684   1.00 48.33  ? 484 SER B N   1 
ATOM   428 C CA  . SER B 1 10 ? -19.167 11.177  8.943   1.00 46.61  ? 484 SER B CA  1 
ATOM   429 C C   . SER B 1 10 ? -17.670 10.946  9.110   1.00 49.45  ? 484 SER B C   1 
ATOM   430 O O   . SER B 1 10 ? -16.909 11.028  8.139   1.00 52.27  ? 484 SER B O   1 
ATOM   431 C CB  . SER B 1 10 ? -19.547 12.585  9.403   1.00 62.98  ? 484 SER B CB  1 
ATOM   432 O OG  . SER B 1 10 ? -18.573 13.532  9.002   1.00 65.60  ? 484 SER B OG  1 
ATOM   433 N N   . LEU B 1 11 ? -17.232 10.653  10.337  1.00 44.80  ? 485 LEU B N   1 
ATOM   434 C CA  . LEU B 1 11 ? -15.818 10.375  10.569  1.00 53.41  ? 485 LEU B CA  1 
ATOM   435 C C   . LEU B 1 11 ? -15.385 9.099   9.861   1.00 52.62  ? 485 LEU B C   1 
ATOM   436 O O   . LEU B 1 11 ? -14.279 9.030   9.311   1.00 60.61  ? 485 LEU B O   1 
ATOM   437 C CB  . LEU B 1 11 ? -15.544 10.276  12.069  1.00 42.80  ? 485 LEU B CB  1 
ATOM   438 C CG  . LEU B 1 11 ? -14.131 9.843   12.468  1.00 52.07  ? 485 LEU B CG  1 
ATOM   439 C CD1 . LEU B 1 11 ? -13.115 10.909  12.085  1.00 49.07  ? 485 LEU B CD1 1 
ATOM   440 C CD2 . LEU B 1 11 ? -14.059 9.531   13.956  1.00 43.57  ? 485 LEU B CD2 1 
ATOM   441 N N   . LEU B 1 12 ? -16.245 8.077   9.862   1.00 49.87  ? 486 LEU B N   1 
ATOM   442 C CA  . LEU B 1 12 ? -15.912 6.827   9.184   1.00 50.68  ? 486 LEU B CA  1 
ATOM   443 C C   . LEU B 1 12 ? -15.733 7.042   7.687   1.00 47.32  ? 486 LEU B C   1 
ATOM   444 O O   . LEU B 1 12 ? -14.792 6.510   7.085   1.00 50.97  ? 486 LEU B O   1 
ATOM   445 C CB  . LEU B 1 12 ? -16.996 5.783   9.451   1.00 50.58  ? 486 LEU B CB  1 
ATOM   446 C CG  . LEU B 1 12 ? -16.915 4.486   8.642   1.00 51.14  ? 486 LEU B CG  1 
ATOM   447 C CD1 . LEU B 1 12 ? -15.649 3.719   8.986   1.00 46.18  ? 486 LEU B CD1 1 
ATOM   448 C CD2 . LEU B 1 12 ? -18.149 3.631   8.878   1.00 43.26  ? 486 LEU B CD2 1 
ATOM   449 N N   . GLY B 1 13 ? -16.623 7.820   7.069   1.00 46.44  ? 487 GLY B N   1 
ATOM   450 C CA  . GLY B 1 13 ? -16.482 8.104   5.651   1.00 56.55  ? 487 GLY B CA  1 
ATOM   451 C C   . GLY B 1 13 ? -15.209 8.864   5.333   1.00 59.50  ? 487 GLY B C   1 
ATOM   452 O O   . GLY B 1 13 ? -14.549 8.596   4.325   1.00 51.95  ? 487 GLY B O   1 
ATOM   453 N N   . GLN B 1 14 ? -14.825 9.759   6.217   1.00 56.26  ? 488 GLN B N   1 
ATOM   454 C CA  . GLN B 1 14 ? -13.592 10.522  5.970   1.00 47.10  ? 488 GLN B CA  1 
ATOM   455 C C   . GLN B 1 14 ? -12.389 9.606   6.167   1.00 45.40  ? 488 GLN B C   1 
ATOM   456 O O   . GLN B 1 14 ? -11.467 9.706   5.425   1.00 48.79  ? 488 GLN B O   1 
ATOM   457 C CB  . GLN B 1 14 ? -13.489 11.638  6.989   1.00 53.54  ? 488 GLN B CB  1 
ATOM   458 C CG  . GLN B 1 14 ? -13.800 13.009  6.443   1.00 74.79  ? 488 GLN B CG  1 
ATOM   459 C CD  . GLN B 1 14 ? -13.403 14.049  7.459   1.00 95.07  ? 488 GLN B CD  1 
ATOM   460 O OE1 . GLN B 1 14 ? -14.006 15.104  7.531   1.00 95.52  ? 488 GLN B OE1 1 
ATOM   461 N NE2 . GLN B 1 14 ? -12.391 13.759  8.262   1.00 104.63 ? 488 GLN B NE2 1 
ATOM   462 N N   . GLN B 1 15 ? -12.405 8.801   7.210   1.00 43.16  ? 489 GLN B N   1 
ATOM   463 C CA  . GLN B 1 15 ? -11.276 7.912   7.460   1.00 46.02  ? 489 GLN B CA  1 
ATOM   464 C C   . GLN B 1 15 ? -11.159 6.845   6.378   1.00 53.05  ? 489 GLN B C   1 
ATOM   465 O O   . GLN B 1 15 ? -10.048 6.485   5.972   1.00 52.45  ? 489 GLN B O   1 
ATOM   466 C CB  . GLN B 1 15 ? -11.412 7.270   8.840   1.00 47.24  ? 489 GLN B CB  1 
ATOM   467 C CG  . GLN B 1 15 ? -11.169 8.227   9.998   1.00 48.97  ? 489 GLN B CG  1 
ATOM   468 C CD  . GLN B 1 15 ? -11.525 7.622   11.340  1.00 50.29  ? 489 GLN B CD  1 
ATOM   469 O OE1 . GLN B 1 15 ? -12.382 6.744   11.429  1.00 55.10  ? 489 GLN B OE1 1 
ATOM   470 N NE2 . GLN B 1 15 ? -10.866 8.092   12.395  1.00 46.74  ? 489 GLN B NE2 1 
ATOM   471 N N   . GLN B 1 16 ? -12.294 6.327   5.901   1.00 56.77  ? 490 GLN B N   1 
ATOM   472 C CA  . GLN B 1 16 ? -12.256 5.353   4.814   1.00 57.72  ? 490 GLN B CA  1 
ATOM   473 C C   . GLN B 1 16 ? -11.782 5.988   3.513   1.00 56.55  ? 490 GLN B C   1 
ATOM   474 O O   . GLN B 1 16 ? -11.146 5.319   2.693   1.00 53.37  ? 490 GLN B O   1 
ATOM   475 C CB  . GLN B 1 16 ? -13.635 4.716   4.627   1.00 54.45  ? 490 GLN B CB  1 
ATOM   476 C CG  . GLN B 1 16 ? -13.668 3.575   3.620   1.00 68.60  ? 490 GLN B CG  1 
ATOM   477 C CD  . GLN B 1 16 ? -12.767 2.420   4.015   1.00 72.53  ? 490 GLN B CD  1 
ATOM   478 O OE1 . GLN B 1 16 ? -12.586 2.133   5.199   1.00 62.76  ? 490 GLN B OE1 1 
ATOM   479 N NE2 . GLN B 1 16 ? -12.196 1.750   3.020   1.00 78.77  ? 490 GLN B NE2 1 
ATOM   480 N N   . ALA B 1 17 ? -12.081 7.274   3.310   1.00 53.64  ? 491 ALA B N   1 
ATOM   481 C CA  . ALA B 1 17 ? -11.573 7.970   2.132   1.00 53.48  ? 491 ALA B CA  1 
ATOM   482 C C   . ALA B 1 17 ? -10.058 8.112   2.190   1.00 54.83  ? 491 ALA B C   1 
ATOM   483 O O   . ALA B 1 17 ? -9.381  8.036   1.159   1.00 49.98  ? 491 ALA B O   1 
ATOM   484 C CB  . ALA B 1 17 ? -12.239 9.339   2.003   1.00 56.68  ? 491 ALA B CB  1 
ATOM   485 N N   . GLU B 1 18 ? -9.508  8.320   3.390   1.00 57.78  ? 492 GLU B N   1 
ATOM   486 C CA  . GLU B 1 18 ? -8.058  8.397   3.532   1.00 50.62  ? 492 GLU B CA  1 
ATOM   487 C C   . GLU B 1 18 ? -7.409  7.040   3.297   1.00 50.56  ? 492 GLU B C   1 
ATOM   488 O O   . GLU B 1 18 ? -6.297  6.961   2.763   1.00 50.47  ? 492 GLU B O   1 
ATOM   489 C CB  . GLU B 1 18 ? -7.694  8.934   4.917   1.00 59.83  ? 492 GLU B CB  1 
ATOM   490 C CG  . GLU B 1 18 ? -7.160  10.357  4.918   1.00 85.15  ? 492 GLU B CG  1 
ATOM   491 C CD  . GLU B 1 18 ? -5.739  10.455  4.394   1.00 94.71  ? 492 GLU B CD  1 
ATOM   492 O OE1 . GLU B 1 18 ? -5.240  11.589  4.237   1.00 100.80 ? 492 GLU B OE1 1 
ATOM   493 O OE2 . GLU B 1 18 ? -5.119  9.401   4.140   1.00 87.99  ? 492 GLU B OE2 1 
ATOM   494 N N   . VAL B 1 19 ? -8.089  5.961   3.694   1.00 51.02  ? 493 VAL B N   1 
ATOM   495 C CA  . VAL B 1 19 ? -7.560  4.619   3.465   1.00 46.62  ? 493 VAL B CA  1 
ATOM   496 C C   . VAL B 1 19 ? -7.478  4.328   1.972   1.00 47.91  ? 493 VAL B C   1 
ATOM   497 O O   . VAL B 1 19 ? -6.486  3.774   1.484   1.00 58.29  ? 493 VAL B O   1 
ATOM   498 C CB  . VAL B 1 19 ? -8.419  3.574   4.203   1.00 52.84  ? 493 VAL B CB  1 
ATOM   499 C CG1 . VAL B 1 19 ? -8.162  2.177   3.655   1.00 53.94  ? 493 VAL B CG1 1 
ATOM   500 C CG2 . VAL B 1 19 ? -8.147  3.623   5.699   1.00 44.04  ? 493 VAL B CG2 1 
ATOM   501 N N   . GLN B 1 20 ? -8.516  4.709   1.223   1.00 49.01  ? 494 GLN B N   1 
ATOM   502 C CA  . GLN B 1 20 ? -8.525  4.451   -0.213  1.00 62.79  ? 494 GLN B CA  1 
ATOM   503 C C   . GLN B 1 20 ? -7.480  5.290   -0.937  1.00 63.54  ? 494 GLN B C   1 
ATOM   504 O O   . GLN B 1 20 ? -6.854  4.820   -1.894  1.00 54.69  ? 494 GLN B O   1 
ATOM   505 C CB  . GLN B 1 20 ? -9.918  4.713   -0.784  1.00 71.49  ? 494 GLN B CB  1 
ATOM   506 C CG  . GLN B 1 20 ? -10.162 4.065   -2.137  1.00 96.05  ? 494 GLN B CG  1 
ATOM   507 C CD  . GLN B 1 20 ? -9.576  2.669   -2.229  1.00 113.07 ? 494 GLN B CD  1 
ATOM   508 O OE1 . GLN B 1 20 ? -8.751  2.386   -3.098  1.00 113.56 ? 494 GLN B OE1 1 
ATOM   509 N NE2 . GLN B 1 20 ? -10.005 1.785   -1.335  1.00 116.66 ? 494 GLN B NE2 1 
ATOM   510 N N   . ARG B 1 21 ? -7.283  6.538   -0.501  1.00 52.52  ? 495 ARG B N   1 
ATOM   511 C CA  . ARG B 1 21 ? -6.229  7.361   -1.085  1.00 51.98  ? 495 ARG B CA  1 
ATOM   512 C C   . ARG B 1 21 ? -4.856  6.754   -0.831  1.00 57.69  ? 495 ARG B C   1 
ATOM   513 O O   . ARG B 1 21 ? -3.996  6.748   -1.720  1.00 58.09  ? 495 ARG B O   1 
ATOM   514 C CB  . ARG B 1 21 ? -6.298  8.782   -0.523  1.00 55.48  ? 495 ARG B CB  1 
ATOM   515 C CG  . ARG B 1 21 ? -7.329  9.671   -1.195  1.00 73.48  ? 495 ARG B CG  1 
ATOM   516 C CD  . ARG B 1 21 ? -7.097  11.136  -0.855  1.00 79.52  ? 495 ARG B CD  1 
ATOM   517 N NE  . ARG B 1 21 ? -7.309  11.412  0.563   1.00 71.41  ? 495 ARG B NE  1 
ATOM   518 C CZ  . ARG B 1 21 ? -8.495  11.666  1.104   1.00 74.18  ? 495 ARG B CZ  1 
ATOM   519 N NH1 . ARG B 1 21 ? -9.584  11.678  0.347   1.00 72.10  ? 495 ARG B NH1 1 
ATOM   520 N NH2 . ARG B 1 21 ? -8.595  11.908  2.404   1.00 72.39  ? 495 ARG B NH2 1 
ATOM   521 N N   . CYS B 1 22 ? -4.633  6.233   0.378   1.00 55.99  ? 496 CYS B N   1 
ATOM   522 C CA  . CYS B 1 22 ? -3.359  5.595   0.686   1.00 55.74  ? 496 CYS B CA  1 
ATOM   523 C C   . CYS B 1 22 ? -3.199  4.284   -0.073  1.00 50.48  ? 496 CYS B C   1 
ATOM   524 O O   . CYS B 1 22 ? -2.097  3.950   -0.522  1.00 60.60  ? 496 CYS B O   1 
ATOM   525 C CB  . CYS B 1 22 ? -3.241  5.363   2.191   1.00 52.38  ? 496 CYS B CB  1 
ATOM   526 S SG  . CYS B 1 22 ? -1.755  4.472   2.697   1.00 58.82  ? 496 CYS B SG  1 
ATOM   527 N N   . ARG B 1 23 ? -4.290  3.528   -0.228  1.00 53.90  ? 497 ARG B N   1 
ATOM   528 C CA  . ARG B 1 23 ? -4.212  2.253   -0.934  1.00 52.05  ? 497 ARG B CA  1 
ATOM   529 C C   . ARG B 1 23 ? -3.918  2.458   -2.415  1.00 57.82  ? 497 ARG B C   1 
ATOM   530 O O   . ARG B 1 23 ? -3.109  1.727   -3.000  1.00 51.53  ? 497 ARG B O   1 
ATOM   531 C CB  . ARG B 1 23 ? -5.510  1.468   -0.746  1.00 55.54  ? 497 ARG B CB  1 
ATOM   532 C CG  . ARG B 1 23 ? -5.645  0.263   -1.662  1.00 62.57  ? 497 ARG B CG  1 
ATOM   533 C CD  . ARG B 1 23 ? -6.811  -0.621  -1.252  1.00 65.24  ? 497 ARG B CD  1 
ATOM   534 N NE  . ARG B 1 23 ? -6.645  -1.152  0.098   1.00 63.02  ? 497 ARG B NE  1 
ATOM   535 C CZ  . ARG B 1 23 ? -7.495  -0.935  1.095   1.00 68.05  ? 497 ARG B CZ  1 
ATOM   536 N NH1 . ARG B 1 23 ? -8.578  -0.195  0.898   1.00 62.89  ? 497 ARG B NH1 1 
ATOM   537 N NH2 . ARG B 1 23 ? -7.264  -1.460  2.292   1.00 60.96  ? 497 ARG B NH2 1 
ATOM   538 N N   . GLU B 1 24 ? -4.563  3.447   -3.039  1.00 48.89  ? 498 GLU B N   1 
ATOM   539 C CA  . GLU B 1 24 ? -4.311  3.717   -4.451  1.00 48.06  ? 498 GLU B CA  1 
ATOM   540 C C   . GLU B 1 24 ? -2.878  4.183   -4.675  1.00 52.54  ? 498 GLU B C   1 
ATOM   541 O O   . GLU B 1 24 ? -2.247  3.814   -5.674  1.00 53.95  ? 498 GLU B O   1 
ATOM   542 C CB  . GLU B 1 24 ? -5.304  4.755   -4.972  1.00 60.20  ? 498 GLU B CB  1 
ATOM   543 C CG  . GLU B 1 24 ? -6.690  4.199   -5.257  1.00 81.78  ? 498 GLU B CG  1 
ATOM   544 C CD  . GLU B 1 24 ? -7.676  5.274   -5.670  1.00 99.35  ? 498 GLU B CD  1 
ATOM   545 O OE1 . GLU B 1 24 ? -7.249  6.431   -5.867  1.00 102.92 ? 498 GLU B OE1 1 
ATOM   546 O OE2 . GLU B 1 24 ? -8.879  4.962   -5.796  1.00 105.63 ? 498 GLU B OE2 1 
ATOM   547 N N   . ASP B 1 25 ? -2.346  4.997   -3.760  1.00 53.78  ? 499 ASP B N   1 
ATOM   548 C CA  . ASP B 1 25 ? -0.950  5.410   -3.860  1.00 53.68  ? 499 ASP B CA  1 
ATOM   549 C C   . ASP B 1 25 ? -0.014  4.225   -3.662  1.00 53.31  ? 499 ASP B C   1 
ATOM   550 O O   . ASP B 1 25 ? 1.040   4.142   -4.302  1.00 49.52  ? 499 ASP B O   1 
ATOM   551 C CB  . ASP B 1 25 ? -0.653  6.507   -2.837  1.00 62.20  ? 499 ASP B CB  1 
ATOM   552 C CG  . ASP B 1 25 ? 0.812   6.896   -2.808  1.00 66.55  ? 499 ASP B CG  1 
ATOM   553 O OD1 . ASP B 1 25 ? 1.269   7.568   -3.757  1.00 75.92  ? 499 ASP B OD1 1 
ATOM   554 O OD2 . ASP B 1 25 ? 1.507   6.532   -1.836  1.00 65.23  ? 499 ASP B OD2 1 
ATOM   555 N N   . LEU B 1 26 ? -0.390  3.294   -2.783  1.00 51.45  ? 500 LEU B N   1 
ATOM   556 C CA  . LEU B 1 26 ? 0.442   2.119   -2.547  1.00 52.51  ? 500 LEU B CA  1 
ATOM   557 C C   . LEU B 1 26 ? 0.440   1.186   -3.752  1.00 44.35  ? 500 LEU B C   1 
ATOM   558 O O   . LEU B 1 26 ? 1.487   0.645   -4.126  1.00 51.56  ? 500 LEU B O   1 
ATOM   559 C CB  . LEU B 1 26 ? -0.040  1.384   -1.296  1.00 51.30  ? 500 LEU B CB  1 
ATOM   560 C CG  . LEU B 1 26 ? 0.510   -0.027  -1.073  1.00 52.02  ? 500 LEU B CG  1 
ATOM   561 C CD1 . LEU B 1 26 ? 2.015   0.011   -0.855  1.00 48.43  ? 500 LEU B CD1 1 
ATOM   562 C CD2 . LEU B 1 26 ? -0.191  -0.697  0.099   1.00 48.23  ? 500 LEU B CD2 1 
ATOM   563 N N   . GLN B 1 27 ? -0.726  0.984   -4.371  1.00 55.02  ? 501 GLN B N   1 
ATOM   564 C CA  . GLN B 1 27 ? -0.805  0.096   -5.526  1.00 51.28  ? 501 GLN B CA  1 
ATOM   565 C C   . GLN B 1 27 ? -0.012  0.637   -6.709  1.00 57.79  ? 501 GLN B C   1 
ATOM   566 O O   . GLN B 1 27 ? 0.533   -0.146  -7.496  1.00 55.00  ? 501 GLN B O   1 
ATOM   567 C CB  . GLN B 1 27 ? -2.265  -0.127  -5.920  1.00 49.90  ? 501 GLN B CB  1 
ATOM   568 C CG  . GLN B 1 27 ? -3.051  -0.949  -4.915  1.00 52.33  ? 501 GLN B CG  1 
ATOM   569 C CD  . GLN B 1 27 ? -4.505  -1.117  -5.309  1.00 62.10  ? 501 GLN B CD  1 
ATOM   570 O OE1 . GLN B 1 27 ? -4.990  -0.459  -6.230  1.00 72.05  ? 501 GLN B OE1 1 
ATOM   571 N NE2 . GLN B 1 27 ? -5.208  -2.001  -4.612  1.00 64.43  ? 501 GLN B NE2 1 
ATOM   572 N N   . LYS B 1 28 ? 0.062   1.962   -6.854  1.00 56.09  ? 502 LYS B N   1 
ATOM   573 C CA  . LYS B 1 28 ? 0.889   2.539   -7.909  1.00 55.88  ? 502 LYS B CA  1 
ATOM   574 C C   . LYS B 1 28 ? 2.367   2.273   -7.654  1.00 55.04  ? 502 LYS B C   1 
ATOM   575 O O   . LYS B 1 28 ? 3.112   1.928   -8.579  1.00 51.88  ? 502 LYS B O   1 
ATOM   576 C CB  . LYS B 1 28 ? 0.623   4.040   -8.024  1.00 50.13  ? 502 LYS B CB  1 
ATOM   577 N N   . LYS B 1 29 ? 2.809   2.422   -6.402  1.00 45.55  ? 503 LYS B N   1 
ATOM   578 C CA  . LYS B 1 29 ? 4.201   2.141   -6.072  1.00 51.43  ? 503 LYS B CA  1 
ATOM   579 C C   . LYS B 1 29 ? 4.506   0.651   -6.149  1.00 52.60  ? 503 LYS B C   1 
ATOM   580 O O   . LYS B 1 29 ? 5.646   0.267   -6.434  1.00 50.01  ? 503 LYS B O   1 
ATOM   581 C CB  . LYS B 1 29 ? 4.529   2.688   -4.682  1.00 47.78  ? 503 LYS B CB  1 
ATOM   582 C CG  . LYS B 1 29 ? 4.719   4.196   -4.653  1.00 52.93  ? 503 LYS B CG  1 
ATOM   583 C CD  . LYS B 1 29 ? 4.405   4.777   -3.285  1.00 59.22  ? 503 LYS B CD  1 
ATOM   584 C CE  . LYS B 1 29 ? 4.607   6.286   -3.273  1.00 62.55  ? 503 LYS B CE  1 
ATOM   585 N NZ  . LYS B 1 29 ? 4.064   6.916   -2.039  1.00 69.03  ? 503 LYS B NZ  1 
ATOM   586 N N   . GLU B 1 30 ? 3.508   -0.201  -5.897  1.00 48.44  ? 504 GLU B N   1 
ATOM   587 C CA  . GLU B 1 30 ? 3.704   -1.635  -6.081  1.00 50.02  ? 504 GLU B CA  1 
ATOM   588 C C   . GLU B 1 30 ? 3.895   -1.976  -7.552  1.00 46.80  ? 504 GLU B C   1 
ATOM   589 O O   . GLU B 1 30 ? 4.730   -2.822  -7.897  1.00 55.54  ? 504 GLU B O   1 
ATOM   590 C CB  . GLU B 1 30 ? 2.520   -2.409  -5.502  1.00 52.16  ? 504 GLU B CB  1 
ATOM   591 C CG  . GLU B 1 30 ? 2.513   -2.503  -3.986  1.00 50.02  ? 504 GLU B CG  1 
ATOM   592 C CD  . GLU B 1 30 ? 1.283   -3.213  -3.456  1.00 55.58  ? 504 GLU B CD  1 
ATOM   593 O OE1 . GLU B 1 30 ? 0.307   -3.365  -4.222  1.00 57.46  ? 504 GLU B OE1 1 
ATOM   594 O OE2 . GLU B 1 30 ? 1.291   -3.617  -2.275  1.00 66.60  ? 504 GLU B OE2 1 
ATOM   595 N N   . SER B 1 31 ? 3.128   -1.329  -8.435  1.00 46.56  ? 505 SER B N   1 
ATOM   596 C CA  . SER B 1 31 ? 3.294   -1.554  -9.866  1.00 55.55  ? 505 SER B CA  1 
ATOM   597 C C   . SER B 1 31 ? 4.667   -1.106  -10.346 1.00 63.84  ? 505 SER B C   1 
ATOM   598 O O   . SER B 1 31 ? 5.233   -1.714  -11.262 1.00 60.39  ? 505 SER B O   1 
ATOM   599 C CB  . SER B 1 31 ? 2.195   -0.829  -10.644 1.00 60.40  ? 505 SER B CB  1 
ATOM   600 O OG  . SER B 1 31 ? 0.921   -1.383  -10.366 1.00 71.50  ? 505 SER B OG  1 
ATOM   601 N N   . LEU B 1 32 ? 5.216   -0.048  -9.745  1.00 51.18  ? 506 LEU B N   1 
ATOM   602 C CA  . LEU B 1 32 ? 6.561   0.391   -10.103 1.00 49.98  ? 506 LEU B CA  1 
ATOM   603 C C   . LEU B 1 32 ? 7.598   -0.657  -9.719  1.00 49.08  ? 506 LEU B C   1 
ATOM   604 O O   . LEU B 1 32 ? 8.568   -0.881  -10.452 1.00 53.61  ? 506 LEU B O   1 
ATOM   605 C CB  . LEU B 1 32 ? 6.874   1.728   -9.431  1.00 49.19  ? 506 LEU B CB  1 
ATOM   606 C CG  . LEU B 1 32 ? 6.742   2.986   -10.293 1.00 64.77  ? 506 LEU B CG  1 
ATOM   607 C CD1 . LEU B 1 32 ? 5.385   3.039   -10.977 1.00 65.10  ? 506 LEU B CD1 1 
ATOM   608 C CD2 . LEU B 1 32 ? 6.972   4.236   -9.454  1.00 65.74  ? 506 LEU B CD2 1 
ATOM   609 N N   . VAL B 1 33 ? 7.410   -1.307  -8.567  1.00 46.02  ? 507 VAL B N   1 
ATOM   610 C CA  . VAL B 1 33 ? 8.313   -2.377  -8.154  1.00 46.69  ? 507 VAL B CA  1 
ATOM   611 C C   . VAL B 1 33 ? 8.234   -3.544  -9.131  1.00 45.94  ? 507 VAL B C   1 
ATOM   612 O O   . VAL B 1 33 ? 9.256   -4.140  -9.494  1.00 53.22  ? 507 VAL B O   1 
ATOM   613 C CB  . VAL B 1 33 ? 7.990   -2.815  -6.713  1.00 43.65  ? 507 VAL B CB  1 
ATOM   614 C CG1 . VAL B 1 33 ? 8.594   -4.182  -6.413  1.00 47.27  ? 507 VAL B CG1 1 
ATOM   615 C CG2 . VAL B 1 33 ? 8.486   -1.777  -5.718  1.00 44.03  ? 507 VAL B CG2 1 
ATOM   616 N N   . MET B 1 34 ? 7.022   -3.879  -9.580  1.00 48.27  ? 508 MET B N   1 
ATOM   617 C CA  . MET B 1 34 ? 6.854   -4.992  -10.509 1.00 53.78  ? 508 MET B CA  1 
ATOM   618 C C   . MET B 1 34 ? 7.545   -4.717  -11.838 1.00 57.87  ? 508 MET B C   1 
ATOM   619 O O   . MET B 1 34 ? 8.176   -5.612  -12.415 1.00 53.02  ? 508 MET B O   1 
ATOM   620 C CB  . MET B 1 34 ? 5.367   -5.271  -10.728 1.00 52.77  ? 508 MET B CB  1 
ATOM   621 C CG  . MET B 1 34 ? 4.643   -5.802  -9.503  1.00 67.71  ? 508 MET B CG  1 
ATOM   622 S SD  . MET B 1 34 ? 2.989   -6.398  -9.897  1.00 95.92  ? 508 MET B SD  1 
ATOM   623 C CE  . MET B 1 34 ? 1.991   -4.995  -9.405  1.00 89.96  ? 508 MET B CE  1 
ATOM   624 N N   . GLU B 1 35 ? 7.436   -3.486  -12.343 1.00 50.58  ? 509 GLU B N   1 
ATOM   625 C CA  . GLU B 1 35 ? 8.083   -3.148  -13.606 1.00 57.06  ? 509 GLU B CA  1 
ATOM   626 C C   . GLU B 1 35 ? 9.601   -3.201  -13.480 1.00 59.26  ? 509 GLU B C   1 
ATOM   627 O O   . GLU B 1 35 ? 10.292  -3.628  -14.413 1.00 56.67  ? 509 GLU B O   1 
ATOM   628 C CB  . GLU B 1 35 ? 7.632   -1.765  -14.076 1.00 61.80  ? 509 GLU B CB  1 
ATOM   629 C CG  . GLU B 1 35 ? 6.148   -1.671  -14.393 1.00 83.38  ? 509 GLU B CG  1 
ATOM   630 C CD  . GLU B 1 35 ? 5.700   -0.247  -14.662 1.00 99.13  ? 509 GLU B CD  1 
ATOM   631 O OE1 . GLU B 1 35 ? 6.552   0.582   -15.046 1.00 101.98 ? 509 GLU B OE1 1 
ATOM   632 O OE2 . GLU B 1 35 ? 4.498   0.043   -14.486 1.00 102.18 ? 509 GLU B OE2 1 
ATOM   633 N N   . THR B 1 36 ? 10.136  -2.774  -12.334 1.00 53.43  ? 510 THR B N   1 
ATOM   634 C CA  . THR B 1 36 ? 11.578  -2.843  -12.120 1.00 56.39  ? 510 THR B CA  1 
ATOM   635 C C   . THR B 1 36 ? 12.055  -4.288  -12.042 1.00 56.93  ? 510 THR B C   1 
ATOM   636 O O   . THR B 1 36 ? 13.102  -4.634  -12.603 1.00 63.73  ? 510 THR B O   1 
ATOM   637 C CB  . THR B 1 36 ? 11.957  -2.084  -10.847 1.00 55.96  ? 510 THR B CB  1 
ATOM   638 O OG1 . THR B 1 36 ? 11.512  -0.726  -10.947 1.00 59.57  ? 510 THR B OG1 1 
ATOM   639 C CG2 . THR B 1 36 ? 13.465  -2.103  -10.639 1.00 50.36  ? 510 THR B CG2 1 
ATOM   640 N N   . ILE B 1 37 ? 11.298  -5.147  -11.354 1.00 53.19  ? 511 ILE B N   1 
ATOM   641 C CA  . ILE B 1 37 ? 11.676  -6.553  -11.243 1.00 52.69  ? 511 ILE B CA  1 
ATOM   642 C C   . ILE B 1 37 ? 11.637  -7.224  -12.610 1.00 53.84  ? 511 ILE B C   1 
ATOM   643 O O   . ILE B 1 37 ? 12.532  -8.003  -12.963 1.00 57.06  ? 511 ILE B O   1 
ATOM   644 C CB  . ILE B 1 37 ? 10.766  -7.271  -10.229 1.00 53.00  ? 511 ILE B CB  1 
ATOM   645 C CG1 . ILE B 1 37 ? 11.066  -6.790  -8.808  1.00 50.27  ? 511 ILE B CG1 1 
ATOM   646 C CG2 . ILE B 1 37 ? 10.932  -8.781  -10.328 1.00 53.04  ? 511 ILE B CG2 1 
ATOM   647 C CD1 . ILE B 1 37 ? 10.099  -7.313  -7.771  1.00 56.05  ? 511 ILE B CD1 1 
ATOM   648 N N   . ALA B 1 38 ? 10.605  -6.929  -13.404 1.00 56.37  ? 512 ALA B N   1 
ATOM   649 C CA  . ALA B 1 38 ? 10.522  -7.491  -14.748 1.00 59.45  ? 512 ALA B CA  1 
ATOM   650 C C   . ALA B 1 38 ? 11.665  -7.005  -15.629 1.00 64.56  ? 512 ALA B C   1 
ATOM   651 O O   . ALA B 1 38 ? 12.100  -7.724  -16.535 1.00 57.20  ? 512 ALA B O   1 
ATOM   652 C CB  . ALA B 1 38 ? 9.176   -7.145  -15.382 1.00 56.77  ? 512 ALA B CB  1 
ATOM   653 N N   . LYS B 1 39 ? 12.165  -5.791  -15.379 1.00 55.16  ? 513 LYS B N   1 
ATOM   654 C CA  . LYS B 1 39 ? 13.311  -5.295  -16.135 1.00 56.93  ? 513 LYS B CA  1 
ATOM   655 C C   . LYS B 1 39 ? 14.584  -6.040  -15.758 1.00 57.35  ? 513 LYS B C   1 
ATOM   656 O O   . LYS B 1 39 ? 15.420  -6.331  -16.621 1.00 57.84  ? 513 LYS B O   1 
ATOM   657 C CB  . LYS B 1 39 ? 13.479  -3.794  -15.909 1.00 57.65  ? 513 LYS B CB  1 
ATOM   658 C CG  . LYS B 1 39 ? 12.624  -2.926  -16.817 1.00 72.64  ? 513 LYS B CG  1 
ATOM   659 C CD  . LYS B 1 39 ? 12.857  -1.449  -16.547 1.00 74.76  ? 513 LYS B CD  1 
ATOM   660 C CE  . LYS B 1 39 ? 12.122  -0.582  -17.553 1.00 81.81  ? 513 LYS B CE  1 
ATOM   661 N NZ  . LYS B 1 39 ? 12.253  0.867   -17.238 1.00 90.81  ? 513 LYS B NZ  1 
ATOM   662 N N   . ILE B 1 40 ? 14.750  -6.357  -14.471 1.00 47.84  ? 514 ILE B N   1 
ATOM   663 C CA  . ILE B 1 40 ? 15.920  -7.115  -14.035 1.00 49.72  ? 514 ILE B CA  1 
ATOM   664 C C   . ILE B 1 40 ? 15.883  -8.527  -14.606 1.00 56.48  ? 514 ILE B C   1 
ATOM   665 O O   . ILE B 1 40 ? 16.912  -9.072  -15.026 1.00 64.15  ? 514 ILE B O   1 
ATOM   666 C CB  . ILE B 1 40 ? 16.004  -7.129  -12.497 1.00 48.00  ? 514 ILE B CB  1 
ATOM   667 C CG1 . ILE B 1 40 ? 16.177  -5.709  -11.956 1.00 51.63  ? 514 ILE B CG1 1 
ATOM   668 C CG2 . ILE B 1 40 ? 17.143  -8.024  -12.028 1.00 46.18  ? 514 ILE B CG2 1 
ATOM   669 C CD1 . ILE B 1 40 ? 16.089  -5.620  -10.447 1.00 49.55  ? 514 ILE B CD1 1 
ATOM   670 N N   . LYS B 1 41 ? 14.696  -9.139  -14.637 1.00 52.47  ? 515 LYS B N   1 
ATOM   671 C CA  . LYS B 1 41 ? 14.569  -10.493 -15.167 1.00 54.34  ? 515 LYS B CA  1 
ATOM   672 C C   . LYS B 1 41 ? 14.894  -10.533 -16.655 1.00 53.98  ? 515 LYS B C   1 
ATOM   673 O O   . LYS B 1 41 ? 15.610  -11.426 -17.123 1.00 64.97  ? 515 LYS B O   1 
ATOM   674 C CB  . LYS B 1 41 ? 13.159  -11.024 -14.908 1.00 49.53  ? 515 LYS B CB  1 
ATOM   675 C CG  . LYS B 1 41 ? 12.825  -12.294 -15.673 1.00 51.31  ? 515 LYS B CG  1 
ATOM   676 C CD  . LYS B 1 41 ? 11.509  -12.892 -15.199 1.00 58.05  ? 515 LYS B CD  1 
ATOM   677 C CE  . LYS B 1 41 ? 11.106  -14.084 -16.053 1.00 71.86  ? 515 LYS B CE  1 
ATOM   678 N NZ  . LYS B 1 41 ? 10.495  -13.665 -17.344 1.00 83.96  ? 515 LYS B NZ  1 
ATOM   679 N N   . ALA B 1 42 ? 14.373  -9.569  -17.418 1.00 64.48  ? 516 ALA B N   1 
ATOM   680 C CA  . ALA B 1 42 ? 14.644  -9.534  -18.851 1.00 65.47  ? 516 ALA B CA  1 
ATOM   681 C C   . ALA B 1 42 ? 16.115  -9.257  -19.128 1.00 65.46  ? 516 ALA B C   1 
ATOM   682 O O   . ALA B 1 42 ? 16.685  -9.789  -20.090 1.00 53.63  ? 516 ALA B O   1 
ATOM   683 C CB  . ALA B 1 42 ? 13.762  -8.485  -19.528 1.00 67.43  ? 516 ALA B CB  1 
ATOM   684 N N   . LEU B 1 43 ? 16.750  -8.428  -18.296 1.00 59.81  ? 517 LEU B N   1 
ATOM   685 C CA  . LEU B 1 43 ? 18.171  -8.146  -18.474 1.00 62.65  ? 517 LEU B CA  1 
ATOM   686 C C   . LEU B 1 43 ? 19.021  -9.371  -18.160 1.00 61.47  ? 517 LEU B C   1 
ATOM   687 O O   . LEU B 1 43 ? 20.000  -9.651  -18.865 1.00 67.37  ? 517 LEU B O   1 
ATOM   688 C CB  . LEU B 1 43 ? 18.588  -6.970  -17.594 1.00 65.86  ? 517 LEU B CB  1 
ATOM   689 C CG  . LEU B 1 43 ? 18.450  -5.576  -18.207 1.00 66.44  ? 517 LEU B CG  1 
ATOM   690 C CD1 . LEU B 1 43 ? 18.983  -4.528  -17.248 1.00 71.90  ? 517 LEU B CD1 1 
ATOM   691 C CD2 . LEU B 1 43 ? 19.174  -5.503  -19.542 1.00 67.72  ? 517 LEU B CD2 1 
ATOM   692 N N   . ALA B 1 44 ? 18.668  -10.111 -17.106 1.00 53.30  ? 518 ALA B N   1 
ATOM   693 C CA  . ALA B 1 44 ? 19.405  -11.325 -16.777 1.00 61.25  ? 518 ALA B CA  1 
ATOM   694 C C   . ALA B 1 44 ? 19.260  -12.370 -17.877 1.00 60.96  ? 518 ALA B C   1 
ATOM   695 O O   . ALA B 1 44 ? 20.211  -13.098 -18.182 1.00 60.57  ? 518 ALA B O   1 
ATOM   696 C CB  . ALA B 1 44 ? 18.930  -11.882 -15.436 1.00 55.95  ? 518 ALA B CB  1 
ATOM   697 N N   . LEU B 1 45 ? 18.074  -12.457 -18.484 1.00 63.24  ? 519 LEU B N   1 
ATOM   698 C CA  . LEU B 1 45 ? 17.890  -13.359 -19.615 1.00 66.66  ? 519 LEU B CA  1 
ATOM   699 C C   . LEU B 1 45 ? 18.675  -12.889 -20.832 1.00 72.03  ? 519 LEU B C   1 
ATOM   700 O O   . LEU B 1 45 ? 19.119  -13.716 -21.638 1.00 69.75  ? 519 LEU B O   1 
ATOM   701 C CB  . LEU B 1 45 ? 16.405  -13.480 -19.955 1.00 64.34  ? 519 LEU B CB  1 
ATOM   702 C CG  . LEU B 1 45 ? 15.553  -14.320 -19.001 1.00 67.53  ? 519 LEU B CG  1 
ATOM   703 C CD1 . LEU B 1 45 ? 14.102  -14.337 -19.453 1.00 63.96  ? 519 LEU B CD1 1 
ATOM   704 C CD2 . LEU B 1 45 ? 16.101  -15.734 -18.899 1.00 61.19  ? 519 LEU B CD2 1 
ATOM   705 N N   . GLU B 1 46 ? 18.908  -11.595 -20.966 1.00 74.28  ? 520 GLU B N   1 
ATOM   706 C CA  . GLU B 1 46 ? 19.683  -11.110 -22.127 1.00 75.77  ? 520 GLU B CA  1 
ATOM   707 C C   . GLU B 1 46 ? 21.129  -11.517 -21.923 1.00 81.39  ? 520 GLU B C   1 
ATOM   708 O O   . GLU B 1 46 ? 21.710  -12.072 -22.821 1.00 89.98  ? 520 GLU B O   1 
ATOM   709 C CB  . GLU B 1 46 ? 19.689  -9.595  -22.181 1.00 85.78  ? 520 GLU B CB  1 
ATOM   710 C CG  . GLU B 1 46 ? 18.921  -9.028  -23.345 1.00 101.29 ? 520 GLU B CG  1 
ATOM   711 C CD  . GLU B 1 46 ? 18.673  -7.542  -23.234 1.00 105.35 ? 520 GLU B CD  1 
ATOM   712 O OE1 . GLU B 1 46 ? 19.642  -6.808  -23.160 1.00 102.60 ? 520 GLU B OE1 1 
ATOM   713 O OE2 . GLU B 1 46 ? 17.513  -7.138  -23.204 1.00 105.64 ? 520 GLU B OE2 1 
ATOM   714 N N   . HIS B 1 47 ? 21.676  -11.258 -20.755 1.00 77.40  ? 521 HIS B N   1 
ATOM   715 C CA  . HIS B 1 47 ? 23.075  -11.607 -20.534 1.00 87.08  ? 521 HIS B CA  1 
ATOM   716 C C   . HIS B 1 47 ? 23.307  -13.107 -20.655 1.00 88.95  ? 521 HIS B C   1 
ATOM   717 O O   . HIS B 1 47 ? 24.426  -13.539 -20.958 1.00 85.98  ? 521 HIS B O   1 
ATOM   718 C CB  . HIS B 1 47 ? 23.531  -11.111 -19.162 1.00 92.38  ? 521 HIS B CB  1 
ATOM   719 C CG  . HIS B 1 47 ? 23.767  -9.634  -19.101 1.00 117.02 ? 521 HIS B CG  1 
ATOM   720 N ND1 . HIS B 1 47 ? 24.985  -9.063  -19.407 1.00 124.55 ? 521 HIS B ND1 1 
ATOM   721 C CD2 . HIS B 1 47 ? 22.945  -8.612  -18.767 1.00 122.08 ? 521 HIS B CD2 1 
ATOM   722 C CE1 . HIS B 1 47 ? 24.900  -7.752  -19.265 1.00 126.04 ? 521 HIS B CE1 1 
ATOM   723 N NE2 . HIS B 1 47 ? 23.673  -7.453  -18.877 1.00 123.21 ? 521 HIS B NE2 1 
ATOM   724 N N   . HIS B 1 48 ? 22.272  -13.914 -20.422 1.00 87.04  ? 522 HIS B N   1 
ATOM   725 C CA  . HIS B 1 48 ? 22.418  -15.359 -20.560 1.00 76.85  ? 522 HIS B CA  1 
ATOM   726 C C   . HIS B 1 48 ? 22.433  -15.780 -22.025 1.00 74.73  ? 522 HIS B C   1 
ATOM   727 O O   . HIS B 1 48 ? 23.348  -16.485 -22.466 1.00 85.49  ? 522 HIS B O   1 
ATOM   728 C CB  . HIS B 1 48 ? 21.295  -16.078 -19.810 1.00 70.16  ? 522 HIS B CB  1 
ATOM   729 C CG  . HIS B 1 48 ? 21.248  -17.552 -20.069 1.00 75.08  ? 522 HIS B CG  1 
ATOM   730 N ND1 . HIS B 1 48 ? 21.996  -18.460 -19.351 1.00 68.92  ? 522 HIS B ND1 1 
ATOM   731 C CD2 . HIS B 1 48 ? 20.548  -18.276 -20.974 1.00 80.43  ? 522 HIS B CD2 1 
ATOM   732 C CE1 . HIS B 1 48 ? 21.757  -19.679 -19.800 1.00 82.10  ? 522 HIS B CE1 1 
ATOM   733 N NE2 . HIS B 1 48 ? 20.881  -19.595 -20.785 1.00 75.93  ? 522 HIS B NE2 1 
ATOM   734 N N   . HIS B 1 49 ? 21.427  -15.356 -22.794 1.00 82.96  ? 523 HIS B N   1 
ATOM   735 C CA  . HIS B 1 49 ? 21.327  -15.777 -24.186 1.00 95.09  ? 523 HIS B CA  1 
ATOM   736 C C   . HIS B 1 49 ? 22.327  -15.064 -25.087 1.00 108.15 ? 523 HIS B C   1 
ATOM   737 O O   . HIS B 1 49 ? 22.554  -15.518 -26.215 1.00 109.20 ? 523 HIS B O   1 
ATOM   738 C CB  . HIS B 1 49 ? 19.904  -15.552 -24.699 1.00 98.60  ? 523 HIS B CB  1 
ATOM   739 C CG  . HIS B 1 49 ? 18.904  -16.516 -24.141 1.00 106.91 ? 523 HIS B CG  1 
ATOM   740 N ND1 . HIS B 1 49 ? 19.159  -17.865 -24.018 1.00 109.90 ? 523 HIS B ND1 1 
ATOM   741 C CD2 . HIS B 1 49 ? 17.650  -16.327 -23.666 1.00 106.97 ? 523 HIS B CD2 1 
ATOM   742 C CE1 . HIS B 1 49 ? 18.105  -18.465 -23.496 1.00 110.71 ? 523 HIS B CE1 1 
ATOM   743 N NE2 . HIS B 1 49 ? 17.175  -17.555 -23.272 1.00 110.27 ? 523 HIS B NE2 1 
ATOM   744 N N   . HIS B 1 50 ? 22.926  -13.965 -24.626 1.00 110.06 ? 524 HIS B N   1 
ATOM   745 C CA  . HIS B 1 50 ? 23.950  -13.297 -25.422 1.00 110.18 ? 524 HIS B CA  1 
ATOM   746 C C   . HIS B 1 50 ? 25.227  -14.126 -25.472 1.00 121.27 ? 524 HIS B C   1 
ATOM   747 O O   . HIS B 1 50 ? 25.815  -14.317 -26.543 1.00 132.85 ? 524 HIS B O   1 
ATOM   748 C CB  . HIS B 1 50 ? 24.232  -11.903 -24.858 1.00 92.12  ? 524 HIS B CB  1 
ATOM   749 N N   . HIS B 1 51 ? 25.670  -14.627 -24.319 1.00 117.09 ? 525 HIS B N   1 
ATOM   750 C CA  . HIS B 1 51 ? 26.855  -15.478 -24.275 1.00 123.52 ? 525 HIS B CA  1 
ATOM   751 C C   . HIS B 1 51 ? 26.540  -16.882 -24.781 1.00 133.70 ? 525 HIS B C   1 
ATOM   752 O O   . HIS B 1 51 ? 27.167  -17.371 -25.726 1.00 136.40 ? 525 HIS B O   1 
ATOM   753 C CB  . HIS B 1 51 ? 27.412  -15.529 -22.850 1.00 114.00 ? 525 HIS B CB  1 
ATOM   754 N N   . HIS B 1 52 ? 25.565  -17.542 -24.162 1.00 137.80 ? 526 HIS B N   1 
ATOM   755 C CA  . HIS B 1 52 ? 25.177  -18.891 -24.556 1.00 139.76 ? 526 HIS B CA  1 
ATOM   756 C C   . HIS B 1 52 ? 24.067  -18.856 -25.601 1.00 136.70 ? 526 HIS B C   1 
ATOM   757 O O   . HIS B 1 52 ? 23.035  -19.511 -25.447 1.00 131.93 ? 526 HIS B O   1 
ATOM   758 C CB  . HIS B 1 52 ? 24.729  -19.699 -23.336 1.00 141.28 ? 526 HIS B CB  1 
ATOM   759 C CG  . HIS B 1 52 ? 25.478  -19.368 -22.083 1.00 143.52 ? 526 HIS B CG  1 
ATOM   760 N ND1 . HIS B 1 52 ? 25.204  -18.251 -21.324 1.00 143.03 ? 526 HIS B ND1 1 
ATOM   761 C CD2 . HIS B 1 52 ? 26.494  -20.008 -21.457 1.00 145.07 ? 526 HIS B CD2 1 
ATOM   762 C CE1 . HIS B 1 52 ? 26.019  -18.216 -20.285 1.00 141.10 ? 526 HIS B CE1 1 
ATOM   763 N NE2 . HIS B 1 52 ? 26.811  -19.272 -20.341 1.00 144.21 ? 526 HIS B NE2 1 
HETATM 764 O O   . HOH C 2 .  ? -32.481 -1.784  24.936  1.00 94.73  ? 601 HOH A O   1 
HETATM 765 O O   . HOH C 2 .  ? 30.166  -8.929  -19.062 1.00 91.13  ? 602 HOH A O   1 
HETATM 766 O O   . HOH C 2 .  ? -8.195  6.400   8.179   1.00 53.07  ? 603 HOH A O   1 
HETATM 767 O O   . HOH C 2 .  ? -7.998  -0.304  15.979  1.00 64.03  ? 604 HOH A O   1 
HETATM 768 O O   . HOH C 2 .  ? -8.623  -4.068  4.586   1.00 51.45  ? 605 HOH A O   1 
HETATM 769 O O   . HOH C 2 .  ? 5.710   7.375   2.467   1.00 73.72  ? 606 HOH A O   1 
HETATM 770 O O   . HOH C 2 .  ? -11.219 6.602   15.119  1.00 52.21  ? 607 HOH A O   1 
HETATM 771 O O   . HOH C 2 .  ? -18.142 -8.072  16.060  1.00 55.34  ? 608 HOH A O   1 
HETATM 772 O O   . HOH C 2 .  ? 10.425  5.301   -8.553  1.00 59.97  ? 609 HOH A O   1 
HETATM 773 O O   . HOH C 2 .  ? 9.737   8.575   4.999   1.00 79.40  ? 610 HOH A O   1 
HETATM 774 O O   . HOH C 2 .  ? -1.512  -0.224  13.086  1.00 74.14  ? 611 HOH A O   1 
HETATM 775 O O   . HOH C 2 .  ? 19.099  -2.859  -2.654  1.00 69.90  ? 612 HOH A O   1 
HETATM 776 O O   . HOH C 2 .  ? -15.695 -3.631  15.602  1.00 58.73  ? 613 HOH A O   1 
HETATM 777 O O   . HOH C 2 .  ? 1.531   -5.206  5.521   0.50 80.24  ? 614 HOH A O   1 
HETATM 778 O O   . HOH C 2 .  ? -6.920  -2.755  11.936  1.00 78.80  ? 615 HOH A O   1 
HETATM 779 O O   . HOH C 2 .  ? -29.264 -2.058  29.074  1.00 90.15  ? 616 HOH A O   1 
HETATM 780 O O   . HOH C 2 .  ? -7.325  9.086   9.179   1.00 70.77  ? 617 HOH A O   1 
HETATM 781 O O   . HOH C 2 .  ? -13.706 3.169   24.630  1.00 81.83  ? 618 HOH A O   1 
HETATM 782 O O   . HOH C 2 .  ? -15.061 4.050   26.486  1.00 91.02  ? 619 HOH A O   1 
HETATM 783 O O   . HOH D 2 .  ? -10.748 12.953  9.849   1.00 92.88  ? 601 HOH B O   1 
HETATM 784 O O   . HOH D 2 .  ? 10.533  -9.288  -17.894 1.00 58.73  ? 602 HOH B O   1 
HETATM 785 O O   . HOH D 2 .  ? 5.265   -4.822  -6.104  1.00 52.23  ? 603 HOH B O   1 
HETATM 786 O O   . HOH D 2 .  ? 7.399   -8.272  -12.386 1.00 57.77  ? 604 HOH B O   1 
HETATM 787 O O   . HOH D 2 .  ? 0.394   5.057   0.253   1.00 57.33  ? 605 HOH B O   1 
HETATM 788 O O   . HOH D 2 .  ? 22.895  -5.030  -17.648 1.00 55.47  ? 606 HOH B O   1 
HETATM 789 O O   . HOH D 2 .  ? -2.170  -4.519  -3.449  1.00 56.73  ? 607 HOH B O   1 
HETATM 790 O O   . HOH D 2 .  ? -0.655  -3.172  -6.912  1.00 55.70  ? 608 HOH B O   1 
HETATM 791 O O   . HOH D 2 .  ? 12.037  -11.706 -19.032 1.00 71.45  ? 609 HOH B O   1 
HETATM 792 O O   . HOH D 2 .  ? 4.462   9.841   -2.802  1.00 72.86  ? 610 HOH B O   1 
HETATM 793 O O   . HOH D 2 .  ? -8.815  10.257  11.760  1.00 54.70  ? 611 HOH B O   1 
HETATM 794 O O   . HOH D 2 .  ? -10.227 0.241   5.903   1.00 50.59  ? 612 HOH B O   1 
HETATM 795 O O   . HOH D 2 .  ? -3.813  2.737   -8.173  1.00 71.85  ? 613 HOH B O   1 
HETATM 796 O O   . HOH D 2 .  ? -18.469 11.027  5.164   1.00 61.61  ? 614 HOH B O   1 
HETATM 797 O O   . HOH D 2 .  ? 21.474  -20.449 -28.415 1.00 84.65  ? 615 HOH B O   1 
HETATM 798 O O   . HOH D 2 .  ? -2.091  -3.959  -1.208  0.50 78.74  ? 616 HOH B O   1 
HETATM 799 O O   . HOH D 2 .  ? -2.431  9.287   0.491   1.00 73.31  ? 617 HOH B O   1 
HETATM 800 O O   . HOH D 2 .  ? -2.397  -2.739  -9.077  1.00 68.09  ? 618 HOH B O   1 
HETATM 801 O O   . HOH D 2 .  ? -1.027  -4.366  0.819   0.50 64.40  ? 619 HOH B O   1 
HETATM 802 O O   . HOH D 2 .  ? 8.889   -10.675 -13.343 1.00 53.94  ? 620 HOH B O   1 
HETATM 803 O O   . HOH D 2 .  ? -1.306  -4.758  -8.689  1.00 71.13  ? 621 HOH B O   1 
HETATM 804 O O   . HOH D 2 .  ? 4.483   -7.248  -14.270 1.00 80.20  ? 622 HOH B O   1 
HETATM 805 O O   . HOH D 2 .  ? 9.311   -8.021  -20.202 1.00 80.79  ? 623 HOH B O   1 
HETATM 806 O O   . HOH D 2 .  ? -6.154  0.533   -10.854 1.00 80.55  ? 624 HOH B O   1 
HETATM 807 O O   . HOH D 2 .  ? -6.795  10.796  13.908  1.00 57.57  ? 625 HOH B O   1 
# 
loop_
_atom_site_anisotrop.id 
_atom_site_anisotrop.type_symbol 
_atom_site_anisotrop.pdbx_label_atom_id 
_atom_site_anisotrop.pdbx_label_alt_id 
_atom_site_anisotrop.pdbx_label_comp_id 
_atom_site_anisotrop.pdbx_label_asym_id 
_atom_site_anisotrop.pdbx_label_seq_id 
_atom_site_anisotrop.pdbx_PDB_ins_code 
_atom_site_anisotrop.U[1][1] 
_atom_site_anisotrop.U[2][2] 
_atom_site_anisotrop.U[3][3] 
_atom_site_anisotrop.U[1][2] 
_atom_site_anisotrop.U[1][3] 
_atom_site_anisotrop.U[2][3] 
_atom_site_anisotrop.pdbx_auth_seq_id 
_atom_site_anisotrop.pdbx_auth_comp_id 
_atom_site_anisotrop.pdbx_auth_asym_id 
_atom_site_anisotrop.pdbx_auth_atom_id 
1   N N   . GLU A 1  ? 1.1591 1.0116 1.4044 -0.0086 0.1689  -0.0816 475 GLU A N   
2   C CA  . GLU A 1  ? 1.2357 1.0938 1.4944 -0.0134 0.1600  -0.0839 475 GLU A CA  
3   C C   . GLU A 1  ? 1.1725 1.0233 1.3891 -0.0109 0.1412  -0.0771 475 GLU A C   
4   O O   . GLU A 1  ? 1.1600 0.9948 1.3344 -0.0097 0.1474  -0.0662 475 GLU A O   
5   C CB  . GLU A 1  ? 1.3034 1.1445 1.5736 -0.0197 0.1874  -0.0784 475 GLU A CB  
6   C CG  . GLU A 1  ? 1.2482 1.0860 1.5328 -0.0254 0.1872  -0.0802 475 GLU A CG  
7   C CD  . GLU A 1  ? 1.3013 1.1126 1.5409 -0.0198 0.1994  -0.0584 475 GLU A CD  
8   O OE1 . GLU A 1  ? 1.3521 1.1516 1.6056 -0.0226 0.2110  -0.0551 475 GLU A OE1 
9   O OE2 . GLU A 1  ? 1.2996 1.1058 1.4917 -0.0117 0.1992  -0.0456 475 GLU A OE2 
10  N N   . PHE A 2  ? 1.0637 0.9325 1.2923 -0.0090 0.1182  -0.0843 476 PHE A N   
11  C CA  . PHE A 2  ? 1.0081 0.8716 1.2018 -0.0064 0.0999  -0.0793 476 PHE A CA  
12  C C   . PHE A 2  ? 0.9981 0.8639 1.2032 -0.0116 0.0944  -0.0821 476 PHE A C   
13  O O   . PHE A 2  ? 1.0437 0.9174 1.2390 -0.0092 0.0746  -0.0842 476 PHE A O   
14  C CB  . PHE A 2  ? 0.9453 0.8234 1.1375 0.0028  0.0812  -0.0821 476 PHE A CB  
15  C CG  . PHE A 2  ? 1.0281 0.8965 1.2094 0.0082  0.0920  -0.0791 476 PHE A CG  
16  C CD1 . PHE A 2  ? 1.0845 0.9633 1.2974 0.0126  0.1036  -0.0820 476 PHE A CD1 
17  C CD2 . PHE A 2  ? 1.0602 0.9105 1.2040 0.0077  0.0930  -0.0759 476 PHE A CD2 
18  C CE1 . PHE A 2  ? 1.1774 1.0430 1.3828 0.0176  0.1181  -0.0795 476 PHE A CE1 
19  C CE2 . PHE A 2  ? 1.0957 0.9341 1.2345 0.0098  0.1085  -0.0778 476 PHE A CE2 
20  C CZ  . PHE A 2  ? 1.1500 0.9933 1.3188 0.0154  0.1220  -0.0784 476 PHE A CZ  
21  N N   . SER A 3  ? 0.9449 0.8009 1.1724 -0.0186 0.1161  -0.0822 477 SER A N   
22  C CA  . SER A 3  ? 1.0651 0.9192 1.3129 -0.0253 0.1187  -0.0884 477 SER A CA  
23  C C   . SER A 3  ? 0.9634 0.8000 1.1678 -0.0199 0.1122  -0.0725 477 SER A C   
24  O O   . SER A 3  ? 0.8582 0.6995 1.0693 -0.0227 0.1008  -0.0795 477 SER A O   
25  C CB  . SER A 3  ? 1.1686 1.0073 1.4519 -0.0335 0.1532  -0.0898 477 SER A CB  
26  O OG  . SER A 3  ? 1.2486 1.0566 1.4964 -0.0255 0.1759  -0.0639 477 SER A OG  
27  N N   . GLN A 4  ? 0.9718 0.7942 1.1324 -0.0120 0.1192  -0.0530 478 GLN A N   
28  C CA  . GLN A 4  ? 0.9938 0.8096 1.1143 -0.0049 0.1126  -0.0383 478 GLN A CA  
29  C C   . GLN A 4  ? 0.9021 0.7310 1.0046 -0.0044 0.0823  -0.0460 478 GLN A C   
30  O O   . GLN A 4  ? 0.7865 0.6142 0.8776 -0.0026 0.0720  -0.0427 478 GLN A O   
31  C CB  . GLN A 4  ? 1.0673 0.8798 1.1462 0.0050  0.1265  -0.0193 478 GLN A CB  
32  C CG  . GLN A 4  ? 1.2431 1.0601 1.2818 0.0154  0.1206  -0.0032 478 GLN A CG  
33  C CD  . GLN A 4  ? 1.4115 1.2393 1.4100 0.0287  0.1355  0.0152  478 GLN A CD  
34  O OE1 . GLN A 4  ? 1.4864 1.3142 1.4848 0.0293  0.1514  0.0159  478 GLN A OE1 
35  N NE2 . GLN A 4  ? 1.4222 1.2650 1.3857 0.0412  0.1305  0.0302  478 GLN A NE2 
36  N N   . LEU A 5  ? 0.8961 0.7350 0.9974 -0.0047 0.0718  -0.0548 479 LEU A N   
37  C CA  . LEU A 5  ? 0.8199 0.6668 0.9083 -0.0023 0.0497  -0.0600 479 LEU A CA  
38  C C   . LEU A 5  ? 0.8290 0.6893 0.9452 -0.0024 0.0351  -0.0699 479 LEU A C   
39  O O   . LEU A 5  ? 0.6810 0.5435 0.7828 0.0000  0.0200  -0.0693 479 LEU A O   
40  C CB  . LEU A 5  ? 0.8235 0.6728 0.9096 -0.0002 0.0508  -0.0647 479 LEU A CB  
41  C CG  . LEU A 5  ? 0.8705 0.7199 0.9405 0.0039  0.0379  -0.0666 479 LEU A CG  
42  C CD1 . LEU A 5  ? 0.7652 0.6054 0.8166 0.0012  0.0506  -0.0700 479 LEU A CD1 
43  C CD2 . LEU A 5  ? 0.8677 0.7312 0.9641 0.0130  0.0277  -0.0696 479 LEU A CD2 
44  N N   . LEU A 6  ? 0.7765 0.6514 0.9335 -0.0056 0.0399  -0.0815 480 LEU A N   
45  C CA  . LEU A 6  ? 0.7590 0.6602 0.9450 -0.0065 0.0254  -0.0972 480 LEU A CA  
46  C C   . LEU A 6  ? 0.7470 0.6381 0.9354 -0.0139 0.0284  -0.1003 480 LEU A C   
47  O O   . LEU A 6  ? 0.7430 0.6500 0.9339 -0.0132 0.0123  -0.1097 480 LEU A O   
48  C CB  . LEU A 6  ? 0.6132 0.5424 0.8474 -0.0101 0.0313  -0.1142 480 LEU A CB  
49  C CG  . LEU A 6  ? 0.7075 0.6540 0.9463 0.0013  0.0278  -0.1114 480 LEU A CG  
50  C CD1 . LEU A 6  ? 0.6562 0.6305 0.9449 -0.0035 0.0379  -0.1275 480 LEU A CD1 
51  C CD2 . LEU A 6  ? 0.7079 0.6799 0.9357 0.0173  0.0057  -0.1095 480 LEU A CD2 
52  N N   . ALA A 7  ? 0.7734 0.6377 0.9607 -0.0189 0.0519  -0.0905 481 ALA A N   
53  C CA  . ALA A 7  ? 0.7700 0.6181 0.9601 -0.0228 0.0617  -0.0886 481 ALA A CA  
54  C C   . ALA A 7  ? 0.7613 0.6022 0.9080 -0.0145 0.0455  -0.0744 481 ALA A C   
55  O O   . ALA A 7  ? 0.7710 0.6101 0.9211 -0.0165 0.0413  -0.0793 481 ALA A O   
56  C CB  . ALA A 7  ? 0.7376 0.5567 0.9341 -0.0237 0.0964  -0.0741 481 ALA A CB  
57  N N   . LEU A 8  ? 0.7621 0.6006 0.8704 -0.0066 0.0383  -0.0602 482 LEU A N   
58  C CA  . LEU A 8  ? 0.8253 0.6629 0.8972 -0.0007 0.0235  -0.0509 482 LEU A CA  
59  C C   . LEU A 8  ? 0.7766 0.6290 0.8501 0.0000  0.0003  -0.0627 482 LEU A C   
60  O O   . LEU A 8  ? 0.7212 0.5726 0.7809 0.0022  -0.0101 -0.0609 482 LEU A O   
61  C CB  . LEU A 8  ? 0.7317 0.5698 0.7685 0.0039  0.0251  -0.0398 482 LEU A CB  
62  C CG  . LEU A 8  ? 0.8158 0.6483 0.8360 0.0098  0.0455  -0.0225 482 LEU A CG  
63  C CD1 . LEU A 8  ? 0.8415 0.6871 0.8320 0.0120  0.0460  -0.0209 482 LEU A CD1 
64  C CD2 . LEU A 8  ? 0.8402 0.6694 0.8452 0.0179  0.0477  -0.0076 482 LEU A CD2 
65  N N   . ALA A 9  ? 0.6825 0.5503 0.7723 0.0015  -0.0060 -0.0724 483 ALA A N   
66  C CA  . ALA A 9  ? 0.6473 0.5337 0.7378 0.0084  -0.0248 -0.0790 483 ALA A CA  
67  C C   . ALA A 9  ? 0.7037 0.6080 0.8165 0.0050  -0.0326 -0.0939 483 ALA A C   
68  O O   . ALA A 9  ? 0.7152 0.6296 0.8162 0.0109  -0.0473 -0.0957 483 ALA A O   
69  C CB  . ALA A 9  ? 0.5808 0.4843 0.6858 0.0160  -0.0258 -0.0820 483 ALA A CB  
70  N N   . SER A 10 ? 0.7007 0.6095 0.8480 -0.0054 -0.0198 -0.1072 484 SER A N   
71  C CA  . SER A 10 ? 0.7908 0.7172 0.9653 -0.0134 -0.0220 -0.1287 484 SER A CA  
72  C C   . SER A 10 ? 0.7478 0.6472 0.9029 -0.0156 -0.0176 -0.1201 484 SER A C   
73  O O   . SER A 10 ? 0.7179 0.6309 0.8763 -0.0169 -0.0277 -0.1333 484 SER A O   
74  C CB  . SER A 10 ? 0.8060 0.7397 1.0290 -0.0277 -0.0021 -0.1484 484 SER A CB  
75  O OG  . SER A 10 ? 0.7221 0.6737 0.9774 -0.0397 0.0004  -0.1762 484 SER A OG  
76  N N   . LEU A 11 ? 0.6560 0.5217 0.7897 -0.0138 -0.0021 -0.0977 485 LEU A N   
77  C CA  . LEU A 11 ? 0.7106 0.5549 0.8245 -0.0111 0.0027  -0.0850 485 LEU A CA  
78  C C   . LEU A 11 ? 0.7259 0.5771 0.8049 -0.0027 -0.0204 -0.0780 485 LEU A C   
79  O O   . LEU A 11 ? 0.7301 0.5770 0.8022 -0.0018 -0.0242 -0.0781 485 LEU A O   
80  C CB  . LEU A 11 ? 0.6556 0.4746 0.7534 -0.0057 0.0247  -0.0601 485 LEU A CB  
81  C CG  . LEU A 11 ? 0.8048 0.6103 0.8735 0.0041  0.0280  -0.0392 485 LEU A CG  
82  C CD1 . LEU A 11 ? 0.7803 0.5677 0.8739 0.0005  0.0467  -0.0435 485 LEU A CD1 
83  C CD2 . LEU A 11 ? 0.8807 0.6808 0.9234 0.0156  0.0420  -0.0134 485 LEU A CD2 
84  N N   . LEU A 12 ? 0.6717 0.5314 0.7319 0.0032  -0.0322 -0.0726 486 LEU A N   
85  C CA  . LEU A 12 ? 0.7150 0.5770 0.7467 0.0103  -0.0477 -0.0664 486 LEU A CA  
86  C C   . LEU A 12 ? 0.6697 0.5494 0.7083 0.0136  -0.0623 -0.0788 486 LEU A C   
87  O O   . LEU A 12 ? 0.6971 0.5727 0.7167 0.0176  -0.0699 -0.0743 486 LEU A O   
88  C CB  . LEU A 12 ? 0.6704 0.5340 0.6895 0.0145  -0.0493 -0.0617 486 LEU A CB  
89  C CG  . LEU A 12 ? 0.6247 0.4866 0.6214 0.0211  -0.0580 -0.0572 486 LEU A CG  
90  C CD1 . LEU A 12 ? 0.5950 0.4478 0.5690 0.0184  -0.0577 -0.0501 486 LEU A CD1 
91  C CD2 . LEU A 12 ? 0.6448 0.5032 0.6384 0.0239  -0.0510 -0.0554 486 LEU A CD2 
92  N N   . GLY A 13 ? 0.6389 0.5445 0.7050 0.0128  -0.0662 -0.0957 487 GLY A N   
93  C CA  . GLY A 13 ? 0.6591 0.5945 0.7308 0.0180  -0.0809 -0.1103 487 GLY A CA  
94  C C   . GLY A 13 ? 0.6365 0.5647 0.7137 0.0092  -0.0777 -0.1209 487 GLY A C   
95  O O   . GLY A 13 ? 0.7859 0.7239 0.8485 0.0151  -0.0890 -0.1236 487 GLY A O   
96  N N   . GLN A 14 ? 0.7664 0.6749 0.8655 -0.0038 -0.0582 -0.1256 488 GLN A N   
97  C CA  . GLN A 14 ? 0.6974 0.5908 0.8047 -0.0114 -0.0475 -0.1331 488 GLN A CA  
98  C C   . GLN A 14 ? 0.6849 0.5518 0.7558 -0.0029 -0.0490 -0.1081 488 GLN A C   
99  O O   . GLN A 14 ? 0.6911 0.5569 0.7557 -0.0022 -0.0526 -0.1127 488 GLN A O   
100 C CB  . GLN A 14 ? 0.6749 0.5467 0.8166 -0.0243 -0.0178 -0.1393 488 GLN A CB  
101 C CG  . GLN A 14 ? 0.9452 0.7913 1.0986 -0.0304 0.0028  -0.1424 488 GLN A CG  
102 C CD  . GLN A 14 ? 1.0828 0.8872 1.2399 -0.0279 0.0354  -0.1178 488 GLN A CD  
103 O OE1 . GLN A 14 ? 0.9960 0.7891 1.1891 -0.0375 0.0620  -0.1269 488 GLN A OE1 
104 N NE2 . GLN A 14 ? 1.1262 0.9119 1.2471 -0.0133 0.0351  -0.0860 488 GLN A NE2 
105 N N   . GLN A 15 ? 0.6588 0.5096 0.7071 0.0033  -0.0461 -0.0842 489 GLN A N   
106 C CA  . GLN A 15 ? 0.7589 0.5959 0.7763 0.0109  -0.0480 -0.0641 489 GLN A CA  
107 C C   . GLN A 15 ? 0.7580 0.6065 0.7541 0.0169  -0.0676 -0.0654 489 GLN A C   
108 O O   . GLN A 15 ? 0.6770 0.5193 0.6594 0.0201  -0.0701 -0.0600 489 GLN A O   
109 C CB  . GLN A 15 ? 0.6787 0.5097 0.6788 0.0151  -0.0413 -0.0451 489 GLN A CB  
110 C CG  . GLN A 15 ? 0.7870 0.6043 0.8015 0.0147  -0.0176 -0.0360 489 GLN A CG  
111 C CD  . GLN A 15 ? 0.8090 0.6308 0.8025 0.0209  -0.0130 -0.0193 489 GLN A CD  
112 O OE1 . GLN A 15 ? 0.7337 0.5669 0.7168 0.0188  -0.0240 -0.0245 489 GLN A OE1 
113 N NE2 . GLN A 15 ? 0.7854 0.6001 0.7722 0.0303  0.0060  0.0009  489 GLN A NE2 
114 N N   . GLN A 16 ? 0.6733 0.5373 0.6675 0.0206  -0.0783 -0.0702 490 GLN A N   
115 C CA  . GLN A 16 ? 0.7092 0.5806 0.6841 0.0300  -0.0906 -0.0676 490 GLN A CA  
116 C C   . GLN A 16 ? 0.7155 0.6023 0.6946 0.0325  -0.0988 -0.0807 490 GLN A C   
117 O O   . GLN A 16 ? 0.7067 0.5900 0.6670 0.0388  -0.1038 -0.0752 490 GLN A O   
118 C CB  . GLN A 16 ? 0.7503 0.6330 0.7248 0.0379  -0.0937 -0.0657 490 GLN A CB  
119 C CG  . GLN A 16 ? 0.8568 0.7221 0.8133 0.0394  -0.0871 -0.0528 490 GLN A CG  
120 C CD  . GLN A 16 ? 0.9064 0.7626 0.8434 0.0439  -0.0885 -0.0462 490 GLN A CD  
121 O OE1 . GLN A 16 ? 0.9128 0.7589 0.8399 0.0369  -0.0846 -0.0427 490 GLN A OE1 
122 N NE2 . GLN A 16 ? 0.9542 0.8187 0.8853 0.0572  -0.0931 -0.0440 490 GLN A NE2 
123 N N   . ALA A 17 ? 0.7158 0.6228 0.7216 0.0264  -0.0986 -0.1012 491 ALA A N   
124 C CA  . ALA A 17 ? 0.6516 0.5817 0.6642 0.0263  -0.1055 -0.1211 491 ALA A CA  
125 C C   . ALA A 17 ? 0.8069 0.7105 0.8149 0.0200  -0.0964 -0.1191 491 ALA A C   
126 O O   . ALA A 17 ? 0.8033 0.7161 0.8007 0.0241  -0.1029 -0.1258 491 ALA A O   
127 C CB  . ALA A 17 ? 0.7146 0.6772 0.7644 0.0162  -0.1039 -0.1512 491 ALA A CB  
128 N N   . GLU A 18 ? 0.7584 0.6314 0.7734 0.0130  -0.0794 -0.1076 492 GLU A N   
129 C CA  . GLU A 18 ? 0.7069 0.5552 0.7174 0.0120  -0.0677 -0.0994 492 GLU A CA  
130 C C   . GLU A 18 ? 0.6677 0.5093 0.6448 0.0226  -0.0774 -0.0788 492 GLU A C   
131 O O   . GLU A 18 ? 0.7270 0.5613 0.6967 0.0249  -0.0760 -0.0773 492 GLU A O   
132 C CB  . GLU A 18 ? 0.7024 0.5246 0.7279 0.0082  -0.0438 -0.0870 492 GLU A CB  
133 C CG  . GLU A 18 ? 0.8622 0.6603 0.8821 0.0135  -0.0281 -0.0704 492 GLU A CG  
134 C CD  . GLU A 18 ? 1.0031 0.7946 1.0439 0.0058  -0.0169 -0.0917 492 GLU A CD  
135 O OE1 . GLU A 18 ? 0.9765 0.7528 1.0083 0.0123  -0.0095 -0.0800 492 GLU A OE1 
136 O OE2 . GLU A 18 ? 1.0397 0.8450 1.1084 -0.0071 -0.0145 -0.1226 492 GLU A OE2 
137 N N   . VAL A 19 ? 0.7136 0.5578 0.6740 0.0277  -0.0847 -0.0656 493 VAL A N   
138 C CA  . VAL A 19 ? 0.7122 0.5525 0.6477 0.0342  -0.0903 -0.0517 493 VAL A CA  
139 C C   . VAL A 19 ? 0.7430 0.5919 0.6674 0.0410  -0.1002 -0.0579 493 VAL A C   
140 O O   . VAL A 19 ? 0.7062 0.5484 0.6182 0.0442  -0.1002 -0.0524 493 VAL A O   
141 C CB  . VAL A 19 ? 0.6817 0.5235 0.6083 0.0346  -0.0909 -0.0435 493 VAL A CB  
142 C CG1 . VAL A 19 ? 0.6722 0.5127 0.5810 0.0390  -0.0942 -0.0384 493 VAL A CG1 
143 C CG2 . VAL A 19 ? 0.6249 0.4637 0.5515 0.0315  -0.0815 -0.0334 493 VAL A CG2 
144 N N   . GLN A 20 ? 0.7697 0.6380 0.6978 0.0459  -0.1078 -0.0680 494 GLN A N   
145 C CA  . GLN A 20 ? 0.7512 0.6353 0.6652 0.0579  -0.1161 -0.0710 494 GLN A CA  
146 C C   . GLN A 20 ? 0.7767 0.6666 0.6949 0.0541  -0.1168 -0.0861 494 GLN A C   
147 O O   . GLN A 20 ? 0.7505 0.6422 0.6508 0.0626  -0.1198 -0.0833 494 GLN A O   
148 C CB  . GLN A 20 ? 0.8042 0.7190 0.7214 0.0688  -0.1240 -0.0769 494 GLN A CB  
149 C CG  . GLN A 20 ? 1.0748 0.9818 0.9942 0.0712  -0.1192 -0.0648 494 GLN A CG  
150 C CD  . GLN A 20 ? 1.0886 0.9811 0.9878 0.0849  -0.1126 -0.0454 494 GLN A CD  
151 O OE1 . GLN A 20 ? 0.8939 0.7707 0.7782 0.0868  -0.1088 -0.0380 494 GLN A OE1 
152 N NE2 . GLN A 20 ? 1.1036 0.9991 1.0056 0.0943  -0.1072 -0.0371 494 GLN A NE2 
153 N N   . ARG A 21 ? 0.7189 0.6096 0.6624 0.0410  -0.1102 -0.1031 495 ARG A N   
154 C CA  . ARG A 21 ? 0.7533 0.6437 0.7062 0.0343  -0.1044 -0.1205 495 ARG A CA  
155 C C   . ARG A 21 ? 0.7276 0.5867 0.6682 0.0358  -0.0955 -0.1022 495 ARG A C   
156 O O   . ARG A 21 ? 0.7693 0.6286 0.7015 0.0383  -0.0953 -0.1079 495 ARG A O   
157 C CB  . ARG A 21 ? 0.7716 0.6622 0.7616 0.0181  -0.0905 -0.1431 495 ARG A CB  
158 C CG  . ARG A 21 ? 0.9706 0.9074 0.9804 0.0134  -0.0993 -0.1762 495 ARG A CG  
159 C CD  . ARG A 21 ? 1.0850 1.0189 1.1386 -0.0075 -0.0790 -0.2061 495 ARG A CD  
160 N NE  . ARG A 21 ? 1.1490 1.0514 1.2200 -0.0137 -0.0619 -0.1907 495 ARG A NE  
161 C CZ  . ARG A 21 ? 1.0496 0.9698 1.1391 -0.0178 -0.0637 -0.1981 495 ARG A CZ  
162 N NH1 . ARG A 21 ? 0.8857 0.8587 0.9804 -0.0154 -0.0827 -0.2204 495 ARG A NH1 
163 N NH2 . ARG A 21 ? 1.0395 0.9287 1.1414 -0.0218 -0.0457 -0.1818 495 ARG A NH2 
164 N N   . CYS A 22 ? 0.6881 0.5259 0.6270 0.0355  -0.0880 -0.0809 496 CYS A N   
165 C CA  . CYS A 22 ? 0.7962 0.6161 0.7246 0.0396  -0.0811 -0.0629 496 CYS A CA  
166 C C   . CYS A 22 ? 0.7780 0.6025 0.6817 0.0479  -0.0915 -0.0542 496 CYS A C   
167 O O   . CYS A 22 ? 0.7543 0.5711 0.6507 0.0512  -0.0878 -0.0481 496 CYS A O   
168 C CB  . CYS A 22 ? 0.8099 0.6208 0.7409 0.0403  -0.0724 -0.0438 496 CYS A CB  
169 S SG  . CYS A 22 ? 0.8584 0.6527 0.8186 0.0353  -0.0486 -0.0449 496 CYS A SG  
170 N N   . ARG A 23 ? 0.7107 0.5452 0.6039 0.0520  -0.1003 -0.0525 497 ARG A N   
171 C CA  . ARG A 23 ? 0.7124 0.5458 0.5861 0.0605  -0.1028 -0.0438 497 ARG A CA  
172 C C   . ARG A 23 ? 0.7155 0.5567 0.5788 0.0684  -0.1062 -0.0518 497 ARG A C   
173 O O   . ARG A 23 ? 0.7076 0.5409 0.5577 0.0739  -0.1029 -0.0442 497 ARG A O   
174 C CB  . ARG A 23 ? 0.7341 0.5714 0.6025 0.0652  -0.1042 -0.0387 497 ARG A CB  
175 C CG  . ARG A 23 ? 0.7101 0.5397 0.5832 0.0572  -0.0984 -0.0318 497 ARG A CG  
176 C CD  . ARG A 23 ? 0.7004 0.5296 0.5729 0.0607  -0.0949 -0.0294 497 ARG A CD  
177 N NE  . ARG A 23 ? 0.7070 0.5334 0.5858 0.0501  -0.0886 -0.0290 497 ARG A NE  
178 C CZ  . ARG A 23 ? 0.7385 0.5632 0.6223 0.0490  -0.0831 -0.0298 497 ARG A CZ  
179 N NH1 . ARG A 23 ? 0.6678 0.4935 0.5512 0.0606  -0.0833 -0.0272 497 ARG A NH1 
180 N NH2 . ARG A 23 ? 0.7002 0.5269 0.5888 0.0379  -0.0770 -0.0338 497 ARG A NH2 
181 N N   . GLU A 24 ? 0.6605 0.5222 0.5309 0.0687  -0.1121 -0.0699 498 GLU A N   
182 C CA  . GLU A 24 ? 0.6955 0.5744 0.5560 0.0754  -0.1157 -0.0829 498 GLU A CA  
183 C C   . GLU A 24 ? 0.7649 0.6252 0.6311 0.0676  -0.1063 -0.0874 498 GLU A C   
184 O O   . GLU A 24 ? 0.8515 0.7124 0.7021 0.0747  -0.1055 -0.0873 498 GLU A O   
185 C CB  . GLU A 24 ? 0.8002 0.7169 0.6727 0.0742  -0.1240 -0.1090 498 GLU A CB  
186 C CG  . GLU A 24 ? 1.0636 1.0073 0.9292 0.0879  -0.1335 -0.1030 498 GLU A CG  
187 C CD  . GLU A 24 ? 1.2509 1.2407 1.1358 0.0843  -0.1424 -0.1319 498 GLU A CD  
188 O OE1 . GLU A 24 ? 1.3044 1.3039 1.2097 0.0687  -0.1393 -0.1606 498 GLU A OE1 
189 O OE2 . GLU A 24 ? 1.3023 1.3203 1.1855 0.0967  -0.1501 -0.1276 498 GLU A OE2 
190 N N   . ASP A 25 ? 0.7596 0.6023 0.6481 0.0554  -0.0962 -0.0888 499 ASP A N   
191 C CA  . ASP A 25 ? 0.7982 0.6203 0.6946 0.0517  -0.0823 -0.0877 499 ASP A CA  
192 C C   . ASP A 25 ? 0.7962 0.6054 0.6763 0.0597  -0.0812 -0.0641 499 ASP A C   
193 O O   . ASP A 25 ? 0.7810 0.5823 0.6569 0.0626  -0.0748 -0.0636 499 ASP A O   
194 C CB  . ASP A 25 ? 0.8658 0.6706 0.7894 0.0426  -0.0662 -0.0871 499 ASP A CB  
195 C CG  . ASP A 25 ? 1.0684 0.8829 1.0176 0.0304  -0.0599 -0.1173 499 ASP A CG  
196 O OD1 . ASP A 25 ? 1.1593 0.9962 1.1076 0.0276  -0.0657 -0.1437 499 ASP A OD1 
197 O OD2 . ASP A 25 ? 1.0821 0.8859 1.0536 0.0235  -0.0477 -0.1165 499 ASP A OD2 
198 N N   . LEU A 26 ? 0.6833 0.4931 0.5570 0.0617  -0.0858 -0.0477 500 LEU A N   
199 C CA  . LEU A 26 ? 0.7109 0.5165 0.5758 0.0659  -0.0835 -0.0317 500 LEU A CA  
200 C C   . LEU A 26 ? 0.7964 0.6021 0.6431 0.0732  -0.0853 -0.0320 500 LEU A C   
201 O O   . LEU A 26 ? 0.7734 0.5734 0.6168 0.0760  -0.0794 -0.0254 500 LEU A O   
202 C CB  . LEU A 26 ? 0.6838 0.4959 0.5497 0.0629  -0.0861 -0.0224 500 LEU A CB  
203 C CG  . LEU A 26 ? 0.7466 0.5650 0.6104 0.0630  -0.0828 -0.0132 500 LEU A CG  
204 C CD1 . LEU A 26 ? 0.8402 0.6635 0.7123 0.0665  -0.0770 -0.0045 500 LEU A CD1 
205 C CD2 . LEU A 26 ? 0.7876 0.6181 0.6547 0.0568  -0.0841 -0.0127 500 LEU A CD2 
206 N N   . GLN A 27 ? 0.7816 0.5963 0.6166 0.0793  -0.0915 -0.0376 501 GLN A N   
207 C CA  . GLN A 27 ? 0.7648 0.5803 0.5793 0.0919  -0.0893 -0.0332 501 GLN A CA  
208 C C   . GLN A 27 ? 0.7472 0.5649 0.5552 0.0948  -0.0877 -0.0432 501 GLN A C   
209 O O   . GLN A 27 ? 0.7817 0.5918 0.5773 0.1021  -0.0808 -0.0357 501 GLN A O   
210 C CB  . GLN A 27 ? 0.9178 0.7490 0.7198 0.1041  -0.0946 -0.0329 501 GLN A CB  
211 C CG  . GLN A 27 ? 1.2217 1.0459 1.0298 0.1024  -0.0914 -0.0224 501 GLN A CG  
212 C CD  . GLN A 27 ? 1.3818 1.1895 1.1798 0.1118  -0.0762 -0.0061 501 GLN A CD  
213 O OE1 . GLN A 27 ? 1.5046 1.3034 1.2931 0.1174  -0.0677 -0.0008 501 GLN A OE1 
214 N NE2 . GLN A 27 ? 1.2789 1.0797 1.0819 0.1130  -0.0686 0.0009  501 GLN A NE2 
215 N N   . LYS A 28 ? 0.7397 0.5676 0.5593 0.0880  -0.0908 -0.0628 502 LYS A N   
216 C CA  . LYS A 28 ? 0.7429 0.5732 0.5602 0.0877  -0.0859 -0.0782 502 LYS A CA  
217 C C   . LYS A 28 ? 0.6698 0.4746 0.4967 0.0838  -0.0731 -0.0677 502 LYS A C   
218 O O   . LYS A 28 ? 0.9041 0.7044 0.7209 0.0888  -0.0669 -0.0690 502 LYS A O   
219 C CB  . LYS A 28 ? 0.7149 0.5618 0.5510 0.0768  -0.0868 -0.1077 502 LYS A CB  
220 N N   . LYS A 29 ? 0.7600 0.5523 0.6053 0.0774  -0.0683 -0.0557 503 LYS A N   
221 C CA  . LYS A 29 ? 0.8155 0.5933 0.6705 0.0785  -0.0564 -0.0423 503 LYS A CA  
222 C C   . LYS A 29 ? 0.8454 0.6251 0.6888 0.0847  -0.0576 -0.0266 503 LYS A C   
223 O O   . LYS A 29 ? 0.7530 0.5268 0.5984 0.0884  -0.0487 -0.0206 503 LYS A O   
224 C CB  . LYS A 29 ? 0.7973 0.5708 0.6725 0.0753  -0.0503 -0.0315 503 LYS A CB  
225 C CG  . LYS A 29 ? 0.8162 0.5804 0.7104 0.0681  -0.0403 -0.0466 503 LYS A CG  
226 C CD  . LYS A 29 ? 0.9344 0.6938 0.8450 0.0688  -0.0317 -0.0309 503 LYS A CD  
227 C CE  . LYS A 29 ? 0.8809 0.6245 0.8161 0.0607  -0.0142 -0.0462 503 LYS A CE  
228 N NZ  . LYS A 29 ? 0.9596 0.6823 0.9098 0.0598  0.0087  -0.0555 503 LYS A NZ  
229 N N   . GLU A 30 ? 0.7276 0.5144 0.5627 0.0849  -0.0648 -0.0214 504 GLU A N   
230 C CA  . GLU A 30 ? 0.6789 0.4649 0.5085 0.0877  -0.0599 -0.0117 504 GLU A CA  
231 C C   . GLU A 30 ? 0.6865 0.4650 0.4974 0.0971  -0.0542 -0.0130 504 GLU A C   
232 O O   . GLU A 30 ? 0.7537 0.5268 0.5651 0.0994  -0.0446 -0.0064 504 GLU A O   
233 C CB  . GLU A 30 ? 0.7342 0.5243 0.5635 0.0844  -0.0622 -0.0087 504 GLU A CB  
234 C CG  . GLU A 30 ? 0.6997 0.5036 0.5467 0.0751  -0.0646 -0.0066 504 GLU A CG  
235 C CD  . GLU A 30 ? 0.7976 0.6041 0.6470 0.0692  -0.0619 -0.0083 504 GLU A CD  
236 O OE1 . GLU A 30 ? 0.7758 0.5686 0.6136 0.0749  -0.0572 -0.0072 504 GLU A OE1 
237 O OE2 . GLU A 30 ? 0.7665 0.5910 0.6295 0.0604  -0.0625 -0.0108 504 GLU A OE2 
238 N N   . SER A 31 ? 0.7102 0.4939 0.5046 0.1039  -0.0597 -0.0223 505 SER A N   
239 C CA  . SER A 31 ? 0.7752 0.5597 0.5469 0.1166  -0.0546 -0.0234 505 SER A CA  
240 C C   . SER A 31 ? 0.7245 0.5018 0.5004 0.1145  -0.0473 -0.0297 505 SER A C   
241 O O   . SER A 31 ? 0.7834 0.5544 0.5461 0.1230  -0.0377 -0.0242 505 SER A O   
242 C CB  . SER A 31 ? 0.8416 0.6489 0.5952 0.1260  -0.0647 -0.0355 505 SER A CB  
243 O OG  . SER A 31 ? 1.0431 0.8598 0.7699 0.1425  -0.0602 -0.0353 505 SER A OG  
244 N N   . LEU A 32 ? 0.8470 0.6224 0.6426 0.1045  -0.0475 -0.0400 506 LEU A N   
245 C CA  . LEU A 32 ? 0.7367 0.5006 0.5411 0.1033  -0.0353 -0.0440 506 LEU A CA  
246 C C   . LEU A 32 ? 0.7286 0.4844 0.5426 0.1056  -0.0269 -0.0245 506 LEU A C   
247 O O   . LEU A 32 ? 0.7647 0.5130 0.5762 0.1103  -0.0162 -0.0228 506 LEU A O   
248 C CB  . LEU A 32 ? 0.7816 0.5394 0.6098 0.0938  -0.0298 -0.0557 506 LEU A CB  
249 C CG  . LEU A 32 ? 0.8788 0.6484 0.7063 0.0873  -0.0329 -0.0853 506 LEU A CG  
250 C CD1 . LEU A 32 ? 0.8353 0.5947 0.6933 0.0758  -0.0238 -0.0935 506 LEU A CD1 
251 C CD2 . LEU A 32 ? 0.9057 0.6783 0.7229 0.0889  -0.0243 -0.1056 506 LEU A CD2 
252 N N   . VAL A 33 ? 0.7515 0.5142 0.5780 0.1018  -0.0313 -0.0123 507 VAL A N   
253 C CA  . VAL A 33 ? 0.7037 0.4728 0.5430 0.1024  -0.0251 0.0006  507 VAL A CA  
254 C C   . VAL A 33 ? 0.8826 0.6459 0.7088 0.1064  -0.0177 0.0027  507 VAL A C   
255 O O   . VAL A 33 ? 0.7244 0.4856 0.5562 0.1094  -0.0069 0.0071  507 VAL A O   
256 C CB  . VAL A 33 ? 0.7711 0.5591 0.6250 0.0962  -0.0324 0.0065  507 VAL A CB  
257 C CG1 . VAL A 33 ? 0.6922 0.4979 0.5592 0.0937  -0.0271 0.0109  507 VAL A CG1 
258 C CG2 . VAL A 33 ? 0.7379 0.5331 0.6066 0.0976  -0.0332 0.0119  507 VAL A CG2 
259 N N   . MET A 34 ? 0.8165 0.5758 0.6259 0.1086  -0.0200 0.0019  508 MET A N   
260 C CA  . MET A 34 ? 0.7607 0.5093 0.5573 0.1159  -0.0063 0.0083  508 MET A CA  
261 C C   . MET A 34 ? 0.8052 0.5457 0.5814 0.1275  0.0008  0.0068  508 MET A C   
262 O O   . MET A 34 ? 0.8442 0.5748 0.6156 0.1336  0.0167  0.0143  508 MET A O   
263 C CB  . MET A 34 ? 0.7304 0.4750 0.5125 0.1215  -0.0060 0.0123  508 MET A CB  
264 C CG  . MET A 34 ? 0.8499 0.6007 0.6519 0.1091  -0.0099 0.0112  508 MET A CG  
265 S SD  . MET A 34 ? 0.9202 0.6794 0.7558 0.0937  0.0028  0.0089  508 MET A SD  
266 C CE  . MET A 34 ? 1.0549 0.7884 0.8839 0.1020  0.0322  0.0171  508 MET A CE  
267 N N   . GLU A 35 ? 0.8606 0.6065 0.6267 0.1293  -0.0084 -0.0055 509 GLU A N   
268 C CA  . GLU A 35 ? 0.8836 0.6269 0.6320 0.1378  -0.0011 -0.0129 509 GLU A CA  
269 C C   . GLU A 35 ? 0.8845 0.6170 0.6516 0.1344  0.0115  -0.0089 509 GLU A C   
270 O O   . GLU A 35 ? 0.9096 0.6345 0.6648 0.1425  0.0244  -0.0058 509 GLU A O   
271 C CB  . GLU A 35 ? 1.0963 0.8526 0.8383 0.1353  -0.0111 -0.0352 509 GLU A CB  
272 C CG  . GLU A 35 ? 1.2751 1.0543 0.9871 0.1474  -0.0204 -0.0426 509 GLU A CG  
273 C CD  . GLU A 35 ? 1.4296 1.2320 1.1396 0.1422  -0.0284 -0.0736 509 GLU A CD  
274 O OE1 . GLU A 35 ? 1.4633 1.2748 1.1902 0.1312  -0.0385 -0.0858 509 GLU A OE1 
275 O OE2 . GLU A 35 ? 1.4822 1.2952 1.1756 0.1478  -0.0227 -0.0887 509 GLU A OE2 
276 N N   . THR A 36 ? 0.8720 0.6067 0.6680 0.1253  0.0093  -0.0069 510 THR A N   
277 C CA  . THR A 36 ? 0.8484 0.5805 0.6648 0.1259  0.0215  0.0007  510 THR A CA  
278 C C   . THR A 36 ? 0.8403 0.5783 0.6659 0.1259  0.0288  0.0120  510 THR A C   
279 O O   . THR A 36 ? 0.7972 0.5322 0.6296 0.1298  0.0422  0.0160  510 THR A O   
280 C CB  . THR A 36 ? 0.8265 0.5659 0.6695 0.1223  0.0192  0.0052  510 THR A CB  
281 O OG1 . THR A 36 ? 0.8772 0.6060 0.7175 0.1196  0.0187  -0.0081 510 THR A OG1 
282 C CG2 . THR A 36 ? 0.7870 0.5293 0.6510 0.1285  0.0331  0.0161  510 THR A CG2 
283 N N   . ILE A 37 ? 0.7967 0.5432 0.6263 0.1200  0.0229  0.0143  511 ILE A N   
284 C CA  . ILE A 37 ? 0.7704 0.5221 0.6147 0.1157  0.0349  0.0184  511 ILE A CA  
285 C C   . ILE A 37 ? 0.7693 0.4987 0.5936 0.1252  0.0531  0.0224  511 ILE A C   
286 O O   . ILE A 37 ? 0.8603 0.5887 0.6993 0.1244  0.0697  0.0252  511 ILE A O   
287 C CB  . ILE A 37 ? 0.7866 0.5464 0.6386 0.1062  0.0300  0.0158  511 ILE A CB  
288 C CG1 . ILE A 37 ? 0.7730 0.5625 0.6469 0.0977  0.0147  0.0128  511 ILE A CG1 
289 C CG2 . ILE A 37 ? 0.7517 0.5087 0.6197 0.0998  0.0504  0.0149  511 ILE A CG2 
290 C CD1 . ILE A 37 ? 0.7898 0.6132 0.6954 0.0930  0.0186  0.0117  511 ILE A CD1 
291 N N   . ALA A 38 ? 0.7832 0.4990 0.5734 0.1362  0.0511  0.0232  512 ALA A N   
292 C CA  . ALA A 38 ? 0.8548 0.5540 0.6189 0.1511  0.0692  0.0307  512 ALA A CA  
293 C C   . ALA A 38 ? 0.9284 0.6237 0.6900 0.1556  0.0773  0.0280  512 ALA A C   
294 O O   . ALA A 38 ? 0.9037 0.5862 0.6592 0.1636  0.0982  0.0359  512 ALA A O   
295 C CB  . ALA A 38 ? 0.9685 0.6692 0.6942 0.1665  0.0617  0.0318  512 ALA A CB  
296 N N   . LYS A 39 ? 0.8768 0.5800 0.6449 0.1512  0.0654  0.0174  513 LYS A N   
297 C CA  . LYS A 39 ? 0.8635 0.5606 0.6342 0.1547  0.0765  0.0142  513 LYS A CA  
298 C C   . LYS A 39 ? 0.8358 0.5366 0.6409 0.1496  0.0887  0.0230  513 LYS A C   
299 O O   . LYS A 39 ? 0.9854 0.6775 0.7905 0.1554  0.1060  0.0263  513 LYS A O   
300 C CB  . LYS A 39 ? 0.9625 0.6620 0.7381 0.1505  0.0676  0.0005  513 LYS A CB  
301 C CG  . LYS A 39 ? 1.1067 0.8076 0.8500 0.1558  0.0639  -0.0176 513 LYS A CG  
302 C CD  . LYS A 39 ? 1.2133 0.9227 0.9641 0.1463  0.0491  -0.0332 513 LYS A CD  
303 C CE  . LYS A 39 ? 1.3377 1.0453 1.0867 0.1428  0.0562  -0.0588 513 LYS A CE  
304 N NZ  . LYS A 39 ? 1.2747 0.9894 1.0370 0.1312  0.0469  -0.0773 513 LYS A NZ  
305 N N   . ILE A 40 ? 0.7646 0.4846 0.5999 0.1393  0.0798  0.0253  514 ILE A N   
306 C CA  . ILE A 40 ? 0.8277 0.5675 0.6991 0.1342  0.0889  0.0294  514 ILE A CA  
307 C C   . ILE A 40 ? 0.8858 0.6165 0.7603 0.1318  0.1084  0.0309  514 ILE A C   
308 O O   . ILE A 40 ? 0.8720 0.6065 0.7656 0.1319  0.1254  0.0323  514 ILE A O   
309 C CB  . ILE A 40 ? 0.8288 0.6028 0.7283 0.1253  0.0734  0.0285  514 ILE A CB  
310 C CG1 . ILE A 40 ? 0.8100 0.5884 0.7104 0.1314  0.0624  0.0323  514 ILE A CG1 
311 C CG2 . ILE A 40 ? 0.7423 0.5526 0.6809 0.1195  0.0809  0.0273  514 ILE A CG2 
312 C CD1 . ILE A 40 ? 0.7302 0.5422 0.6497 0.1274  0.0474  0.0348  514 ILE A CD1 
313 N N   . LYS A 41 ? 0.8609 0.5778 0.7189 0.1305  0.1102  0.0314  515 LYS A N   
314 C CA  . LYS A 41 ? 0.8466 0.5469 0.7098 0.1296  0.1367  0.0351  515 LYS A CA  
315 C C   . LYS A 41 ? 0.9513 0.6256 0.7882 0.1459  0.1574  0.0446  515 LYS A C   
316 O O   . LYS A 41 ? 0.9847 0.6506 0.8399 0.1443  0.1837  0.0472  515 LYS A O   
317 C CB  . LYS A 41 ? 0.8194 0.5063 0.6690 0.1295  0.1381  0.0379  515 LYS A CB  
318 C CG  . LYS A 41 ? 0.8959 0.5506 0.7346 0.1392  0.1719  0.0497  515 LYS A CG  
319 C CD  . LYS A 41 ? 0.8100 0.4519 0.6401 0.1410  0.1759  0.0548  515 LYS A CD  
320 C CE  . LYS A 41 ? 1.0055 0.6145 0.7984 0.1672  0.2026  0.0772  515 LYS A CE  
321 N NZ  . LYS A 41 ? 0.9562 0.5525 0.7424 0.1729  0.2098  0.0859  515 LYS A NZ  
322 N N   . ALA A 42 ? 0.9832 0.6481 0.7785 0.1610  0.1474  0.0472  516 ALA A N   
323 C CA  . ALA A 42 ? 0.9637 0.6110 0.7291 0.1782  0.1654  0.0540  516 ALA A CA  
324 C C   . ALA A 42 ? 1.0810 0.7315 0.8704 0.1740  0.1752  0.0505  516 ALA A C   
325 O O   . ALA A 42 ? 1.1705 0.8057 0.9557 0.1820  0.2006  0.0577  516 ALA A O   
326 C CB  . ALA A 42 ? 1.1112 0.7624 0.8313 0.1921  0.1493  0.0491  516 ALA A CB  
327 N N   . LEU A 43 ? 1.0473 0.7176 0.8624 0.1641  0.1580  0.0420  517 LEU A N   
328 C CA  . LEU A 43 ? 1.0753 0.7537 0.9188 0.1628  0.1682  0.0419  517 LEU A CA  
329 C C   . LEU A 43 ? 0.9731 0.6648 0.8572 0.1531  0.1851  0.0435  517 LEU A C   
330 O O   . LEU A 43 ? 1.0334 0.7217 0.9314 0.1561  0.2058  0.0460  517 LEU A O   
331 C CB  . LEU A 43 ? 0.9536 0.6519 0.8171 0.1591  0.1499  0.0378  517 LEU A CB  
332 C CG  . LEU A 43 ? 1.2028 0.9013 1.0811 0.1659  0.1606  0.0395  517 LEU A CG  
333 C CD1 . LEU A 43 ? 1.0167 0.7154 0.8957 0.1678  0.1490  0.0364  517 LEU A CD1 
334 C CD2 . LEU A 43 ? 1.3664 1.0950 1.2905 0.1631  0.1691  0.0455  517 LEU A CD2 
335 N N   . ALA A 44 ? 0.8872 0.5962 0.7935 0.1398  0.1782  0.0388  518 ALA A N   
336 C CA  . ALA A 44 ? 0.9770 0.7058 0.9286 0.1258  0.1959  0.0319  518 ALA A CA  
337 C C   . ALA A 44 ? 1.0420 0.7347 0.9857 0.1295  0.2312  0.0376  518 ALA A C   
338 O O   . ALA A 44 ? 1.0987 0.7978 1.0759 0.1232  0.2550  0.0335  518 ALA A O   
339 C CB  . ALA A 44 ? 0.8384 0.5944 0.8137 0.1092  0.1823  0.0205  518 ALA A CB  
340 N N   . LEU A 45 ? 1.1142 0.7712 1.0145 0.1419  0.2373  0.0488  519 LEU A N   
341 C CA  . LEU A 45 ? 1.1559 0.7760 1.0439 0.1518  0.2757  0.0610  519 LEU A CA  
342 C C   . LEU A 45 ? 1.1886 0.7942 1.0600 0.1665  0.2929  0.0693  519 LEU A C   
343 O O   . LEU A 45 ? 1.1839 0.7671 1.0653 0.1698  0.3304  0.0765  519 LEU A O   
344 C CB  . LEU A 45 ? 1.0601 0.6537 0.9003 0.1693  0.2767  0.0759  519 LEU A CB  
345 C CG  . LEU A 45 ? 1.0163 0.6080 0.8752 0.1576  0.2793  0.0725  519 LEU A CG  
346 C CD1 . LEU A 45 ? 1.0915 0.6652 0.8993 0.1801  0.2745  0.0898  519 LEU A CD1 
347 C CD2 . LEU A 45 ? 1.0631 0.6362 0.9651 0.1447  0.3236  0.0697  519 LEU A CD2 
348 N N   . GLU A 46 ? 1.0927 0.7085 0.9412 0.1749  0.2702  0.0673  520 GLU A N   
349 C CA  . GLU A 46 ? 1.2398 0.8419 1.0706 0.1884  0.2870  0.0727  520 GLU A CA  
350 C C   . GLU A 46 ? 1.3656 0.9824 1.2492 0.1765  0.3036  0.0668  520 GLU A C   
351 O O   . GLU A 46 ? 1.5063 1.1040 1.3910 0.1833  0.3352  0.0737  520 GLU A O   
352 C CB  . GLU A 46 ? 1.4065 1.0153 1.2050 0.1972  0.2621  0.0665  520 GLU A CB  
353 C CG  . GLU A 46 ? 1.6150 1.2147 1.4038 0.2071  0.2778  0.0663  520 GLU A CG  
354 C CD  . GLU A 46 ? 1.8292 1.4132 1.5565 0.2283  0.2841  0.0693  520 GLU A CD  
355 O OE1 . GLU A 46 ? 1.9014 1.4769 1.5966 0.2407  0.2898  0.0805  520 GLU A OE1 
356 O OE2 . GLU A 46 ? 1.8941 1.4776 1.6052 0.2340  0.2848  0.0600  520 GLU A OE2 
357 N N   . HIS A 47 ? 1.3615 1.0169 1.2892 0.1606  0.2836  0.0550  521 HIS A N   
358 C CA  . HIS A 47 ? 1.3444 1.0297 1.3244 0.1517  0.2941  0.0482  521 HIS A CA  
359 C C   . HIS A 47 ? 1.4965 1.2008 1.5278 0.1320  0.3137  0.0364  521 HIS A C   
360 O O   . HIS A 47 ? 1.6059 1.3510 1.6889 0.1216  0.3188  0.0252  521 HIS A O   
361 C CB  . HIS A 47 ? 1.1823 0.9093 1.1834 0.1504  0.2646  0.0440  521 HIS A CB  
362 N N   . HIS A 48 ? 1.4836 1.1620 1.5050 0.1268  0.3271  0.0369  522 HIS A N   
363 C CA  . HIS A 48 ? 1.4045 1.0949 1.4787 0.1048  0.3527  0.0207  522 HIS A CA  
364 C C   . HIS A 48 ? 1.5129 1.1511 1.5822 0.1098  0.4026  0.0311  522 HIS A C   
365 O O   . HIS A 48 ? 1.5148 1.1614 1.6384 0.0920  0.4353  0.0158  522 HIS A O   
366 C CB  . HIS A 48 ? 1.3043 1.0092 1.3851 0.0907  0.3346  0.0096  522 HIS A CB  
367 C CG  . HIS A 48 ? 1.4129 1.1357 1.5537 0.0634  0.3612  -0.0150 522 HIS A CG  
368 N ND1 . HIS A 48 ? 1.5120 1.1881 1.6528 0.0592  0.3981  -0.0128 522 HIS A ND1 
369 C CD2 . HIS A 48 ? 1.4277 1.2142 1.6332 0.0390  0.3588  -0.0452 522 HIS A CD2 
370 C CE1 . HIS A 48 ? 1.5062 1.2105 1.7125 0.0295  0.4200  -0.0437 522 HIS A CE1 
371 N NE2 . HIS A 48 ? 1.4680 1.2447 1.7141 0.0160  0.3944  -0.0661 522 HIS A NE2 
372 N N   . HIS A 49 ? 1.6010 1.1897 1.6082 0.1350  0.4115  0.0560  523 HIS A N   
373 C CA  . HIS A 49 ? 1.5987 1.1362 1.5939 0.1476  0.4624  0.0735  523 HIS A CA  
374 C C   . HIS A 49 ? 1.7085 1.2245 1.6645 0.1722  0.4755  0.0918  523 HIS A C   
375 O O   . HIS A 49 ? 1.7233 1.2651 1.6930 0.1688  0.4607  0.0829  523 HIS A O   
376 C CB  . HIS A 49 ? 1.5078 1.0101 1.4608 0.1633  0.4695  0.0921  523 HIS A CB  
377 C CG  . HIS A 49 ? 1.5016 1.0178 1.4920 0.1394  0.4633  0.0743  523 HIS A CG  
378 N ND1 . HIS A 49 ? 1.5006 1.0041 1.5475 0.1179  0.5064  0.0604  523 HIS A ND1 
379 C CD2 . HIS A 49 ? 1.4970 1.0390 1.4783 0.1327  0.4218  0.0655  523 HIS A CD2 
380 C CE1 . HIS A 49 ? 1.4927 1.0152 1.5623 0.0985  0.4904  0.0425  523 HIS A CE1 
381 N NE2 . HIS A 49 ? 1.4629 1.0088 1.4919 0.1082  0.4385  0.0471  523 HIS A NE2 
382 N N   . SER B 3  ? 1.5284 1.2568 1.5774 0.2552  0.2392  0.1253  477 SER B N   
383 C CA  . SER B 3  ? 1.4458 1.1675 1.4658 0.2332  0.2214  0.1008  477 SER B CA  
384 C C   . SER B 3  ? 1.2366 0.9409 1.2285 0.2169  0.2024  0.0838  477 SER B C   
385 O O   . SER B 3  ? 1.1216 0.8300 1.1206 0.2202  0.1972  0.0918  477 SER B O   
386 C CB  . SER B 3  ? 1.4459 1.2207 1.4807 0.2308  0.2050  0.1058  477 SER B CB  
387 O OG  . SER B 3  ? 1.5163 1.2879 1.5264 0.2112  0.1859  0.0879  477 SER B OG  
388 N N   . GLN B 4  ? 1.1148 0.8016 1.0746 0.2019  0.1938  0.0624  478 GLN B N   
389 C CA  . GLN B 4  ? 1.0275 0.7052 0.9609 0.1886  0.1746  0.0468  478 GLN B CA  
390 C C   . GLN B 4  ? 0.9611 0.6744 0.9032 0.1849  0.1508  0.0566  478 GLN B C   
391 O O   . GLN B 4  ? 1.0904 0.8007 1.0213 0.1776  0.1364  0.0503  478 GLN B O   
392 C CB  . GLN B 4  ? 0.9980 0.6594 0.8940 0.1803  0.1718  0.0276  478 GLN B CB  
393 N N   . LEU B 5  ? 0.8664 0.6174 0.8308 0.1884  0.1473  0.0687  479 LEU B N   
394 C CA  . LEU B 5  ? 0.9420 0.7344 0.9182 0.1831  0.1266  0.0728  479 LEU B CA  
395 C C   . LEU B 5  ? 0.8469 0.6574 0.8374 0.1938  0.1217  0.0875  479 LEU B C   
396 O O   . LEU B 5  ? 0.7948 0.6215 0.7809 0.1874  0.1039  0.0859  479 LEU B O   
397 C CB  . LEU B 5  ? 0.9002 0.7375 0.9041 0.1829  0.1275  0.0759  479 LEU B CB  
398 C CG  . LEU B 5  ? 0.9828 0.8437 0.9889 0.1657  0.1142  0.0630  479 LEU B CG  
399 C CD1 . LEU B 5  ? 0.9595 0.7729 0.9288 0.1548  0.1140  0.0512  479 LEU B CD1 
400 C CD2 . LEU B 5  ? 0.8812 0.7802 0.9198 0.1617  0.1236  0.0585  479 LEU B CD2 
401 N N   . LEU B 6  ? 0.7681 0.5738 0.7758 0.2122  0.1411  0.1041  480 LEU B N   
402 C CA  . LEU B 6  ? 0.7186 0.5370 0.7398 0.2279  0.1441  0.1241  480 LEU B CA  
403 C C   . LEU B 6  ? 0.7982 0.5729 0.8004 0.2178  0.1437  0.1129  480 LEU B C   
404 O O   . LEU B 6  ? 0.8705 0.6606 0.8743 0.2204  0.1338  0.1215  480 LEU B O   
405 C CB  . LEU B 6  ? 0.7460 0.5616 0.7914 0.2533  0.1727  0.1476  480 LEU B CB  
406 C CG  . LEU B 6  ? 0.7579 0.5752 0.8176 0.2763  0.1875  0.1749  480 LEU B CG  
407 C CD1 . LEU B 6  ? 0.7773 0.6647 0.8440 0.2869  0.1644  0.1914  480 LEU B CD1 
408 C CD2 . LEU B 6  ? 0.8441 0.6509 0.9282 0.3037  0.2228  0.1999  480 LEU B CD2 
409 N N   . ALA B 7  ? 0.8420 0.5675 0.8269 0.2059  0.1548  0.0914  481 ALA B N   
410 C CA  . ALA B 7  ? 0.7442 0.4362 0.7156 0.1939  0.1550  0.0741  481 ALA B CA  
411 C C   . ALA B 7  ? 0.6974 0.4057 0.6481 0.1787  0.1247  0.0621  481 ALA B C   
412 O O   . ALA B 7  ? 0.8646 0.5702 0.8152 0.1748  0.1185  0.0612  481 ALA B O   
413 C CB  . ALA B 7  ? 0.8202 0.4703 0.7788 0.1843  0.1724  0.0477  481 ALA B CB  
414 N N   . LEU B 8  ? 0.7640 0.4866 0.6990 0.1707  0.1096  0.0541  482 LEU B N   
415 C CA  . LEU B 8  ? 0.7716 0.5055 0.6885 0.1582  0.0862  0.0444  482 LEU B CA  
416 C C   . LEU B 8  ? 0.7187 0.4911 0.6520 0.1604  0.0720  0.0589  482 LEU B C   
417 O O   . LEU B 8  ? 0.7822 0.5580 0.7071 0.1525  0.0575  0.0538  482 LEU B O   
418 C CB  . LEU B 8  ? 0.7949 0.5288 0.6938 0.1524  0.0825  0.0359  482 LEU B CB  
419 C CG  . LEU B 8  ? 0.8733 0.5775 0.7475 0.1523  0.0937  0.0207  482 LEU B CG  
420 C CD1 . LEU B 8  ? 0.9609 0.6665 0.8235 0.1536  0.0987  0.0222  482 LEU B CD1 
421 C CD2 . LEU B 8  ? 0.8730 0.5660 0.7219 0.1451  0.0832  0.0020  482 LEU B CD2 
422 N N   . ALA B 9  ? 0.6946 0.5027 0.6517 0.1718  0.0760  0.0753  483 ALA B N   
423 C CA  . ALA B 9  ? 0.7496 0.6073 0.7217 0.1760  0.0622  0.0865  483 ALA B CA  
424 C C   . ALA B 9  ? 0.8484 0.7007 0.8236 0.1875  0.0663  0.1013  483 ALA B C   
425 O O   . ALA B 9  ? 0.8043 0.6797 0.7772 0.1849  0.0518  0.1030  483 ALA B O   
426 C CB  . ALA B 9  ? 0.7148 0.6248 0.7133 0.1880  0.0655  0.0982  483 ALA B CB  
427 N N   . SER B 10 ? 0.6783 0.4976 0.6605 0.2002  0.0900  0.1117  484 SER B N   
428 C CA  . SER B 10 ? 0.6599 0.4629 0.6482 0.2110  0.1028  0.1258  484 SER B CA  
429 C C   . SER B 10 ? 0.7123 0.4832 0.6833 0.1908  0.0936  0.1039  484 SER B C   
430 O O   . SER B 10 ? 0.7452 0.5235 0.7174 0.1928  0.0893  0.1116  484 SER B O   
431 C CB  . SER B 10 ? 0.8742 0.6403 0.8785 0.2266  0.1382  0.1382  484 SER B CB  
432 O OG  . SER B 10 ? 0.9168 0.6477 0.9279 0.2299  0.1582  0.1429  484 SER B OG  
433 N N   . LEU B 11 ? 0.6691 0.4095 0.6237 0.1732  0.0910  0.0768  485 LEU B N   
434 C CA  . LEU B 11 ? 0.7897 0.5109 0.7288 0.1558  0.0802  0.0542  485 LEU B CA  
435 C C   . LEU B 11 ? 0.7734 0.5249 0.7009 0.1482  0.0527  0.0536  485 LEU B C   
436 O O   . LEU B 11 ? 0.8767 0.6251 0.8010 0.1415  0.0450  0.0486  485 LEU B O   
437 C CB  . LEU B 11 ? 0.6693 0.3665 0.5904 0.1437  0.0817  0.0266  485 LEU B CB  
438 C CG  . LEU B 11 ? 0.7947 0.4863 0.6974 0.1282  0.0670  0.0011  485 LEU B CG  
439 C CD1 . LEU B 11 ? 0.7577 0.4294 0.6773 0.1227  0.0812  -0.0090 485 LEU B CD1 
440 C CD2 . LEU B 11 ? 0.6970 0.3825 0.5759 0.1227  0.0649  -0.0219 485 LEU B CD2 
441 N N   . LEU B 12 ? 0.7302 0.5099 0.6548 0.1477  0.0410  0.0568  486 LEU B N   
442 C CA  . LEU B 12 ? 0.7335 0.5401 0.6521 0.1385  0.0206  0.0530  486 LEU B CA  
443 C C   . LEU B 12 ? 0.6766 0.5140 0.6073 0.1459  0.0152  0.0679  486 LEU B C   
444 O O   . LEU B 12 ? 0.7236 0.5657 0.6472 0.1375  0.0027  0.0621  486 LEU B O   
445 C CB  . LEU B 12 ? 0.7232 0.5533 0.6452 0.1351  0.0172  0.0503  486 LEU B CB  
446 C CG  . LEU B 12 ? 0.7185 0.5806 0.6440 0.1243  0.0030  0.0439  486 LEU B CG  
447 C CD1 . LEU B 12 ? 0.6713 0.5073 0.5759 0.1128  -0.0050 0.0315  486 LEU B CD1 
448 C CD2 . LEU B 12 ? 0.6059 0.4921 0.5457 0.1195  0.0077  0.0385  486 LEU B CD2 
449 N N   . GLY B 13 ? 0.6516 0.5134 0.5998 0.1643  0.0257  0.0890  487 GLY B N   
450 C CA  . GLY B 13 ? 0.7651 0.6625 0.7212 0.1776  0.0229  0.1075  487 GLY B CA  
451 C C   . GLY B 13 ? 0.8158 0.6772 0.7679 0.1785  0.0320  0.1114  487 GLY B C   
452 O O   . GLY B 13 ? 0.7150 0.5952 0.6635 0.1786  0.0227  0.1156  487 GLY B O   
453 N N   . GLN B 14 ? 0.7906 0.6012 0.7457 0.1776  0.0525  0.1070  488 GLN B N   
454 C CA  . GLN B 14 ? 0.6855 0.4602 0.6436 0.1737  0.0655  0.1035  488 GLN B CA  
455 C C   . GLN B 14 ? 0.6712 0.4400 0.6138 0.1512  0.0439  0.0780  488 GLN B C   
456 O O   . GLN B 14 ? 0.7142 0.4820 0.6578 0.1490  0.0423  0.0800  488 GLN B O   
457 C CB  . GLN B 14 ? 0.7795 0.5051 0.7497 0.1730  0.0950  0.0953  488 GLN B CB  
458 C CG  . GLN B 14 ? 1.0455 0.7574 1.0389 0.1978  0.1305  0.1254  488 GLN B CG  
459 C CD  . GLN B 14 ? 1.3152 0.9710 1.3259 0.1914  0.1657  0.1098  488 GLN B CD  
460 O OE1 . GLN B 14 ? 1.3302 0.9645 1.3347 0.1671  0.1601  0.0728  488 GLN B OE1 
461 N NE2 . GLN B 14 ? 1.4354 1.0711 1.4691 0.2145  0.2042  0.1372  488 GLN B NE2 
462 N N   . GLN B 15 ? 0.6491 0.4144 0.5765 0.1370  0.0294  0.0565  489 GLN B N   
463 C CA  . GLN B 15 ? 0.6914 0.4538 0.6034 0.1207  0.0112  0.0360  489 GLN B CA  
464 C C   . GLN B 15 ? 0.7710 0.5659 0.6787 0.1189  -0.0071 0.0428  489 GLN B C   
465 O O   . GLN B 15 ? 0.7657 0.5587 0.6686 0.1108  -0.0160 0.0353  489 GLN B O   
466 C CB  . GLN B 15 ? 0.7153 0.4694 0.6102 0.1131  0.0045  0.0177  489 GLN B CB  
467 C CG  . GLN B 15 ? 0.7463 0.4732 0.6413 0.1104  0.0195  0.0004  489 GLN B CG  
468 C CD  . GLN B 15 ? 0.7702 0.4963 0.6443 0.1088  0.0147  -0.0124 489 GLN B CD  
469 O OE1 . GLN B 15 ? 0.8297 0.5676 0.6964 0.1129  0.0092  -0.0020 489 GLN B OE1 
470 N NE2 . GLN B 15 ? 0.7315 0.4472 0.5973 0.1032  0.0189  -0.0367 489 GLN B NE2 
471 N N   . GLN B 16 ? 0.8056 0.6340 0.7175 0.1251  -0.0118 0.0539  490 GLN B N   
472 C CA  . GLN B 16 ? 0.8052 0.6710 0.7167 0.1212  -0.0264 0.0548  490 GLN B CA  
473 C C   . GLN B 16 ? 0.7832 0.6650 0.7004 0.1318  -0.0239 0.0707  490 GLN B C   
474 O O   . GLN B 16 ? 0.7387 0.6379 0.6513 0.1252  -0.0351 0.0663  490 GLN B O   
475 C CB  . GLN B 16 ? 0.7471 0.6540 0.6679 0.1232  -0.0298 0.0562  490 GLN B CB  
476 C CG  . GLN B 16 ? 0.9107 0.8609 0.8348 0.1138  -0.0429 0.0469  490 GLN B CG  
477 C CD  . GLN B 16 ? 0.9724 0.8977 0.8858 0.0956  -0.0488 0.0285  490 GLN B CD  
478 O OE1 . GLN B 16 ? 0.8638 0.7531 0.7678 0.0910  -0.0445 0.0217  490 GLN B OE1 
479 N NE2 . GLN B 16 ? 1.0443 0.9909 0.9579 0.0880  -0.0571 0.0217  490 GLN B NE2 
480 N N   . ALA B 17 ? 0.7457 0.6196 0.6730 0.1497  -0.0054 0.0908  491 ALA B N   
481 C CA  . ALA B 17 ? 0.7392 0.6217 0.6710 0.1641  0.0038  0.1109  491 ALA B CA  
482 C C   . ALA B 17 ? 0.7701 0.6138 0.6994 0.1506  0.0065  0.0983  491 ALA B C   
483 O O   . ALA B 17 ? 0.7053 0.5612 0.6326 0.1535  0.0046  0.1059  491 ALA B O   
484 C CB  . ALA B 17 ? 0.7778 0.6526 0.7233 0.1896  0.0310  0.1389  491 ALA B CB  
485 N N   . GLU B 18 ? 0.8212 0.6236 0.7509 0.1364  0.0109  0.0774  492 GLU B N   
486 C CA  . GLU B 18 ? 0.7388 0.5149 0.6695 0.1220  0.0113  0.0597  492 GLU B CA  
487 C C   . GLU B 18 ? 0.7366 0.5319 0.6527 0.1090  -0.0142 0.0465  492 GLU B C   
488 O O   . GLU B 18 ? 0.7363 0.5272 0.6540 0.1029  -0.0161 0.0418  492 GLU B O   
489 C CB  . GLU B 18 ? 0.8651 0.6075 0.8005 0.1106  0.0207  0.0357  492 GLU B CB  
490 C CG  . GLU B 18 ? 1.1892 0.8974 1.1486 0.1114  0.0521  0.0338  492 GLU B CG  
491 C CD  . GLU B 18 ? 1.3101 1.0095 1.2789 0.1005  0.0545  0.0225  492 GLU B CD  
492 O OE1 . GLU B 18 ? 1.3887 1.0588 1.3826 0.0996  0.0852  0.0204  492 GLU B OE1 
493 O OE2 . GLU B 18 ? 1.2229 0.9432 1.1773 0.0926  0.0293  0.0151  492 GLU B OE2 
494 N N   . VAL B 19 ? 0.7400 0.5540 0.6446 0.1047  -0.0297 0.0405  493 VAL B N   
495 C CA  . VAL B 19 ? 0.6832 0.5110 0.5771 0.0937  -0.0472 0.0294  493 VAL B CA  
496 C C   . VAL B 19 ? 0.6886 0.5468 0.5848 0.0969  -0.0516 0.0399  493 VAL B C   
497 O O   . VAL B 19 ? 0.8212 0.6797 0.7139 0.0891  -0.0586 0.0329  493 VAL B O   
498 C CB  . VAL B 19 ? 0.7617 0.5977 0.6481 0.0893  -0.0538 0.0222  493 VAL B CB  
499 C CG1 . VAL B 19 ? 0.7714 0.6245 0.6537 0.0798  -0.0639 0.0146  493 VAL B CG1 
500 C CG2 . VAL B 19 ? 0.6628 0.4715 0.5392 0.0867  -0.0518 0.0102  493 VAL B CG2 
501 N N   . GLN B 20 ? 0.6903 0.5800 0.5921 0.1105  -0.0474 0.0569  494 GLN B N   
502 C CA  . GLN B 20 ? 0.8511 0.7826 0.7520 0.1167  -0.0524 0.0658  494 GLN B CA  
503 C C   . GLN B 20 ? 0.8657 0.7807 0.7678 0.1247  -0.0415 0.0791  494 GLN B C   
504 O O   . GLN B 20 ? 0.7494 0.6826 0.6461 0.1222  -0.0476 0.0781  494 GLN B O   
505 C CB  . GLN B 20 ? 0.9428 0.9246 0.8489 0.1337  -0.0510 0.0811  494 GLN B CB  
506 C CG  . GLN B 20 ? 1.2335 1.2792 1.1369 0.1367  -0.0619 0.0802  494 GLN B CG  
507 C CD  . GLN B 20 ? 1.4496 1.4969 1.3497 0.1119  -0.0746 0.0521  494 GLN B CD  
508 O OE1 . GLN B 20 ? 1.4550 1.5113 1.3487 0.1089  -0.0780 0.0498  494 GLN B OE1 
509 N NE2 . GLN B 20 ? 1.4973 1.5330 1.4024 0.0953  -0.0776 0.0322  494 GLN B NE2 
510 N N   . ARG B 21 ? 0.7350 0.6138 0.6465 0.1335  -0.0215 0.0902  495 ARG B N   
511 C CA  . ARG B 21 ? 0.7339 0.5885 0.6525 0.1384  -0.0042 0.1000  495 ARG B CA  
512 C C   . ARG B 21 ? 0.8135 0.6474 0.7310 0.1170  -0.0143 0.0760  495 ARG B C   
513 O O   . ARG B 21 ? 0.8177 0.6535 0.7358 0.1174  -0.0112 0.0804  495 ARG B O   
514 C CB  . ARG B 21 ? 0.7861 0.6000 0.7220 0.1475  0.0253  0.1099  495 ARG B CB  
515 C CG  . ARG B 21 ? 1.0068 0.8380 0.9472 0.1779  0.0459  0.1458  495 ARG B CG  
516 C CD  . ARG B 21 ? 1.0929 0.8727 1.0557 0.1870  0.0855  0.1572  495 ARG B CD  
517 N NE  . ARG B 21 ? 0.9980 0.7450 0.9704 0.1719  0.0897  0.1336  495 ARG B NE  
518 C CZ  . ARG B 21 ? 1.0307 0.7836 1.0041 0.1827  0.0938  0.1422  495 ARG B CZ  
519 N NH1 . ARG B 21 ? 0.9923 0.7871 0.9600 0.2092  0.0932  0.1734  495 ARG B NH1 
520 N NH2 . ARG B 21 ? 1.0157 0.7386 0.9960 0.1679  0.0984  0.1182  495 ARG B NH2 
521 N N   . CYS B 22 ? 0.7981 0.6158 0.7133 0.1010  -0.0255 0.0520  496 CYS B N   
522 C CA  . CYS B 22 ? 0.7990 0.6061 0.7127 0.0850  -0.0361 0.0309  496 CYS B CA  
523 C C   . CYS B 22 ? 0.7276 0.5613 0.6291 0.0803  -0.0530 0.0290  496 CYS B C   
524 O O   . CYS B 22 ? 0.8562 0.6874 0.7590 0.0737  -0.0561 0.0226  496 CYS B O   
525 C CB  . CYS B 22 ? 0.7622 0.5552 0.6728 0.0755  -0.0429 0.0096  496 CYS B CB  
526 S SG  . CYS B 22 ? 0.8450 0.6386 0.7514 0.0626  -0.0578 -0.0135 496 CYS B SG  
527 N N   . ARG B 23 ? 0.7648 0.6251 0.6581 0.0823  -0.0618 0.0317  497 ARG B N   
528 C CA  . ARG B 23 ? 0.7351 0.6207 0.6219 0.0745  -0.0731 0.0241  497 ARG B CA  
529 C C   . ARG B 23 ? 0.8000 0.7110 0.6860 0.0811  -0.0707 0.0350  497 ARG B C   
530 O O   . ARG B 23 ? 0.7197 0.6353 0.6030 0.0728  -0.0755 0.0264  497 ARG B O   
531 C CB  . ARG B 23 ? 0.7714 0.6821 0.6568 0.0721  -0.0781 0.0189  497 ARG B CB  
532 C CG  . ARG B 23 ? 0.8494 0.7935 0.7346 0.0625  -0.0840 0.0069  497 ARG B CG  
533 C CD  . ARG B 23 ? 0.8752 0.8372 0.7665 0.0544  -0.0839 -0.0060 497 ARG B CD  
534 N NE  . ARG B 23 ? 0.8611 0.7830 0.7503 0.0488  -0.0800 -0.0123 497 ARG B NE  
535 C CZ  . ARG B 23 ? 0.9280 0.8396 0.8180 0.0524  -0.0759 -0.0097 497 ARG B CZ  
536 N NH1 . ARG B 23 ? 0.8520 0.7892 0.7481 0.0607  -0.0754 -0.0017 497 ARG B NH1 
537 N NH2 . ARG B 23 ? 0.8512 0.7298 0.7350 0.0508  -0.0712 -0.0133 497 ARG B NH2 
538 N N   . GLU B 24 ? 0.6804 0.6091 0.5679 0.0989  -0.0611 0.0562  498 GLU B N   
539 C CA  . GLU B 24 ? 0.6619 0.6193 0.5447 0.1112  -0.0563 0.0716  498 GLU B CA  
540 C C   . GLU B 24 ? 0.7290 0.6507 0.6167 0.1084  -0.0456 0.0739  498 GLU B C   
541 O O   . GLU B 24 ? 0.7434 0.6814 0.6252 0.1081  -0.0470 0.0746  498 GLU B O   
542 C CB  . GLU B 24 ? 0.8068 0.7912 0.6894 0.1378  -0.0443 0.1001  498 GLU B CB  
543 C CG  . GLU B 24 ? 1.0610 1.1066 0.9396 0.1433  -0.0568 0.0974  498 GLU B CG  
544 C CD  . GLU B 24 ? 1.2729 1.3498 1.1521 0.1745  -0.0444 0.1288  498 GLU B CD  
545 O OE1 . GLU B 24 ? 1.3273 1.3742 1.2088 0.1935  -0.0221 0.1559  498 GLU B OE1 
546 O OE2 . GLU B 24 ? 1.3338 1.4658 1.2138 0.1809  -0.0541 0.1267  498 GLU B OE2 
547 N N   . ASP B 25 ? 0.7554 0.6318 0.6562 0.1051  -0.0336 0.0716  499 ASP B N   
548 C CA  . ASP B 25 ? 0.7604 0.6061 0.6730 0.0982  -0.0225 0.0665  499 ASP B CA  
549 C C   . ASP B 25 ? 0.7568 0.6029 0.6659 0.0797  -0.0403 0.0432  499 ASP B C   
550 O O   . ASP B 25 ? 0.7087 0.5506 0.6222 0.0759  -0.0364 0.0414  499 ASP B O   
551 C CB  . ASP B 25 ? 0.8753 0.6804 0.8077 0.0947  -0.0049 0.0602  499 ASP B CB  
552 C CG  . ASP B 25 ? 0.9326 0.7117 0.8843 0.0827  0.0069  0.0463  499 ASP B CG  
553 O OD1 . ASP B 25 ? 1.0512 0.8211 1.0124 0.0914  0.0287  0.0627  499 ASP B OD1 
554 O OD2 . ASP B 25 ? 0.9160 0.6881 0.8745 0.0662  -0.0045 0.0190  499 ASP B OD2 
555 N N   . LEU B 26 ? 0.7340 0.5845 0.6363 0.0703  -0.0566 0.0275  500 LEU B N   
556 C CA  . LEU B 26 ? 0.7488 0.5985 0.6479 0.0577  -0.0690 0.0102  500 LEU B CA  
557 C C   . LEU B 26 ? 0.6395 0.5152 0.5302 0.0558  -0.0736 0.0110  500 LEU B C   
558 O O   . LEU B 26 ? 0.7315 0.6034 0.6243 0.0492  -0.0749 0.0037  500 LEU B O   
559 C CB  . LEU B 26 ? 0.7370 0.5822 0.6301 0.0531  -0.0787 -0.0013 500 LEU B CB  
560 C CG  . LEU B 26 ? 0.7474 0.5937 0.6354 0.0459  -0.0866 -0.0127 500 LEU B CG  
561 C CD1 . LEU B 26 ? 0.7028 0.5390 0.5984 0.0431  -0.0879 -0.0208 500 LEU B CD1 
562 C CD2 . LEU B 26 ? 0.7038 0.5445 0.5843 0.0466  -0.0896 -0.0172 500 LEU B CD2 
563 N N   . GLN B 27 ? 0.7667 0.6744 0.6495 0.0612  -0.0757 0.0171  501 GLN B N   
564 C CA  . GLN B 27 ? 0.7101 0.6522 0.5860 0.0571  -0.0796 0.0110  501 GLN B CA  
565 C C   . GLN B 27 ? 0.7910 0.7409 0.6640 0.0652  -0.0720 0.0231  501 GLN B C   
566 O O   . GLN B 27 ? 0.7523 0.7162 0.6213 0.0580  -0.0739 0.0134  501 GLN B O   
567 C CB  . GLN B 27 ? 0.6789 0.6666 0.5503 0.0612  -0.0838 0.0103  501 GLN B CB  
568 C CG  . GLN B 27 ? 0.7097 0.6921 0.5864 0.0499  -0.0879 -0.0056 501 GLN B CG  
569 C CD  . GLN B 27 ? 0.8157 0.8493 0.6945 0.0519  -0.0910 -0.0102 501 GLN B CD  
570 O OE1 . GLN B 27 ? 0.9289 1.0060 0.8026 0.0668  -0.0920 0.0026  501 GLN B OE1 
571 N NE2 . GLN B 27 ? 0.8428 0.8751 0.7302 0.0391  -0.0906 -0.0278 501 GLN B NE2 
572 N N   . LYS B 28 ? 0.7722 0.7104 0.6484 0.0805  -0.0593 0.0447  502 LYS B N   
573 C CA  . LYS B 28 ? 0.7701 0.7078 0.6454 0.0899  -0.0458 0.0593  502 LYS B CA  
574 C C   . LYS B 28 ? 0.7667 0.6704 0.6540 0.0754  -0.0438 0.0456  502 LYS B C   
575 O O   . LYS B 28 ? 0.7250 0.6373 0.6088 0.0741  -0.0408 0.0452  502 LYS B O   
576 C CB  . LYS B 28 ? 0.7000 0.6240 0.5808 0.1110  -0.0243 0.0873  502 LYS B CB  
577 N N   . LYS B 29 ? 0.6526 0.5238 0.5543 0.0653  -0.0458 0.0330  503 LYS B N   
578 C CA  . LYS B 29 ? 0.7292 0.5801 0.6448 0.0531  -0.0463 0.0177  503 LYS B CA  
579 C C   . LYS B 29 ? 0.7426 0.6058 0.6501 0.0433  -0.0605 0.0030  503 LYS B C   
580 O O   . LYS B 29 ? 0.7092 0.5667 0.6242 0.0374  -0.0589 -0.0042 503 LYS B O   
581 C CB  . LYS B 29 ? 0.6853 0.5128 0.6173 0.0470  -0.0461 0.0049  503 LYS B CB  
582 C CG  . LYS B 29 ? 0.7513 0.5568 0.7029 0.0512  -0.0232 0.0121  503 LYS B CG  
583 C CD  . LYS B 29 ? 0.8319 0.6239 0.7943 0.0468  -0.0230 -0.0011 503 LYS B CD  
584 C CE  . LYS B 29 ? 0.8744 0.6397 0.8623 0.0481  0.0067  0.0020  503 LYS B CE  
585 N NZ  . LYS B 29 ? 0.9574 0.7113 0.9542 0.0446  0.0101  -0.0107 503 LYS B NZ  
586 N N   . GLU B 30 ? 0.6889 0.5672 0.5845 0.0411  -0.0703 -0.0022 504 GLU B N   
587 C CA  . GLU B 30 ? 0.7075 0.5936 0.5994 0.0317  -0.0755 -0.0161 504 GLU B CA  
588 C C   . GLU B 30 ? 0.6611 0.5708 0.5464 0.0305  -0.0710 -0.0162 504 GLU B C   
589 O O   . GLU B 30 ? 0.7721 0.6776 0.6605 0.0230  -0.0689 -0.0262 504 GLU B O   
590 C CB  . GLU B 30 ? 0.7336 0.6282 0.6200 0.0280  -0.0803 -0.0236 504 GLU B CB  
591 C CG  . GLU B 30 ? 0.7135 0.5842 0.6029 0.0291  -0.0837 -0.0258 504 GLU B CG  
592 C CD  . GLU B 30 ? 0.7834 0.6593 0.6690 0.0263  -0.0835 -0.0309 504 GLU B CD  
593 O OE1 . GLU B 30 ? 0.7989 0.7017 0.6825 0.0229  -0.0826 -0.0343 504 GLU B OE1 
594 O OE2 . GLU B 30 ? 0.9294 0.7868 0.8143 0.0285  -0.0832 -0.0322 504 GLU B OE2 
595 N N   . SER B 31 ? 0.6518 0.5905 0.5270 0.0404  -0.0685 -0.0043 505 SER B N   
596 C CA  . SER B 31 ? 0.7584 0.7290 0.6231 0.0430  -0.0643 -0.0036 505 SER B CA  
597 C C   . SER B 31 ? 0.8688 0.8175 0.7393 0.0456  -0.0539 0.0047  505 SER B C   
598 O O   . SER B 31 ? 0.8224 0.7843 0.6880 0.0414  -0.0507 -0.0024 505 SER B O   
599 C CB  . SER B 31 ? 0.8098 0.8246 0.6603 0.0601  -0.0634 0.0123  505 SER B CB  
600 O OG  . SER B 31 ? 0.9406 0.9870 0.7889 0.0553  -0.0732 -0.0005 505 SER B OG  
601 N N   . LEU B 32 ? 0.7150 0.6310 0.5988 0.0509  -0.0462 0.0165  506 LEU B N   
602 C CA  . LEU B 32 ? 0.7027 0.5969 0.5995 0.0503  -0.0335 0.0202  506 LEU B CA  
603 C C   . LEU B 32 ? 0.6917 0.5736 0.5994 0.0356  -0.0402 0.0002  506 LEU B C   
604 O O   . LEU B 32 ? 0.7483 0.6286 0.6602 0.0333  -0.0327 -0.0014 506 LEU B O   
605 C CB  . LEU B 32 ? 0.6963 0.5599 0.6127 0.0547  -0.0202 0.0295  506 LEU B CB  
606 C CG  . LEU B 32 ? 0.8949 0.7551 0.8108 0.0727  0.0040  0.0563  506 LEU B CG  
607 C CD1 . LEU B 32 ? 0.8956 0.7932 0.7850 0.0908  0.0011  0.0751  506 LEU B CD1 
608 C CD2 . LEU B 32 ? 0.9105 0.7344 0.8528 0.0724  0.0219  0.0588  506 LEU B CD2 
609 N N   . VAL B 33 ? 0.6543 0.5281 0.5663 0.0286  -0.0521 -0.0126 507 VAL B N   
610 C CA  . VAL B 33 ? 0.6626 0.5279 0.5834 0.0207  -0.0561 -0.0266 507 VAL B CA  
611 C C   . VAL B 33 ? 0.6518 0.5314 0.5623 0.0150  -0.0531 -0.0342 507 VAL B C   
612 O O   . VAL B 33 ? 0.7432 0.6172 0.6616 0.0113  -0.0477 -0.0401 507 VAL B O   
613 C CB  . VAL B 33 ? 0.6262 0.4829 0.5492 0.0203  -0.0660 -0.0332 507 VAL B CB  
614 C CG1 . VAL B 33 ? 0.6724 0.5247 0.5989 0.0180  -0.0659 -0.0417 507 VAL B CG1 
615 C CG2 . VAL B 33 ? 0.6292 0.4765 0.5671 0.0229  -0.0683 -0.0340 507 VAL B CG2 
616 N N   . MET B 34 ? 0.6787 0.5810 0.5744 0.0136  -0.0552 -0.0372 508 MET B N   
617 C CA  . MET B 34 ? 0.7439 0.6664 0.6332 0.0046  -0.0502 -0.0525 508 MET B CA  
618 C C   . MET B 34 ? 0.7928 0.7303 0.6757 0.0074  -0.0425 -0.0487 508 MET B C   
619 O O   . MET B 34 ? 0.7305 0.6682 0.6160 -0.0009 -0.0350 -0.0618 508 MET B O   
620 C CB  . MET B 34 ? 0.7235 0.6791 0.6024 0.0012  -0.0542 -0.0617 508 MET B CB  
621 C CG  . MET B 34 ? 0.9157 0.8551 0.8020 -0.0038 -0.0570 -0.0685 508 MET B CG  
622 S SD  . MET B 34 ? 1.2592 1.2429 1.1424 -0.0139 -0.0572 -0.0887 508 MET B SD  
623 C CE  . MET B 34 ? 1.1820 1.1793 1.0567 0.0023  -0.0695 -0.0668 508 MET B CE  
624 N N   . GLU B 35 ? 0.6996 0.6479 0.5742 0.0207  -0.0405 -0.0292 509 GLU B N   
625 C CA  . GLU B 35 ? 0.7801 0.7417 0.6463 0.0275  -0.0294 -0.0207 509 GLU B CA  
626 C C   . GLU B 35 ? 0.8128 0.7406 0.6982 0.0227  -0.0210 -0.0215 509 GLU B C   
627 O O   . GLU B 35 ? 0.7788 0.7134 0.6609 0.0204  -0.0121 -0.0260 509 GLU B O   
628 C CB  . GLU B 35 ? 0.8395 0.8139 0.6946 0.0477  -0.0226 0.0064  509 GLU B CB  
629 C CG  . GLU B 35 ? 1.1038 1.1254 0.9390 0.0573  -0.0307 0.0099  509 GLU B CG  
630 C CD  . GLU B 35 ? 1.3038 1.3321 1.1307 0.0826  -0.0203 0.0430  509 GLU B CD  
631 O OE1 . GLU B 35 ? 1.3464 1.3503 1.1781 0.0933  -0.0017 0.0630  509 GLU B OE1 
632 O OE2 . GLU B 35 ? 1.3357 1.3925 1.1538 0.0926  -0.0273 0.0497  509 GLU B OE2 
633 N N   . THR B 36 ? 0.7424 0.6392 0.6486 0.0213  -0.0236 -0.0194 510 THR B N   
634 C CA  . THR B 36 ? 0.7795 0.6548 0.7084 0.0168  -0.0175 -0.0238 510 THR B CA  
635 C C   . THR B 36 ? 0.7854 0.6593 0.7182 0.0081  -0.0198 -0.0401 510 THR B C   
636 O O   . THR B 36 ? 0.8700 0.7396 0.8121 0.0057  -0.0106 -0.0435 510 THR B O   
637 C CB  . THR B 36 ? 0.7727 0.6293 0.7243 0.0167  -0.0216 -0.0241 510 THR B CB  
638 O OG1 . THR B 36 ? 0.8200 0.6713 0.7723 0.0241  -0.0126 -0.0098 510 THR B OG1 
639 C CG2 . THR B 36 ? 0.6956 0.5428 0.6749 0.0122  -0.0162 -0.0324 510 THR B CG2 
640 N N   . ILE B 37 ? 0.7396 0.6141 0.6673 0.0043  -0.0277 -0.0491 511 ILE B N   
641 C CA  . ILE B 37 ? 0.7337 0.6005 0.6676 -0.0019 -0.0223 -0.0619 511 ILE B CA  
642 C C   . ILE B 37 ? 0.7466 0.6287 0.6704 -0.0096 -0.0107 -0.0732 511 ILE B C   
643 O O   . ILE B 37 ? 0.7874 0.6598 0.7210 -0.0133 0.0005  -0.0803 511 ILE B O   
644 C CB  . ILE B 37 ? 0.7404 0.6008 0.6724 -0.0031 -0.0265 -0.0671 511 ILE B CB  
645 C CG1 . ILE B 37 ? 0.7065 0.5551 0.6483 0.0064  -0.0367 -0.0580 511 ILE B CG1 
646 C CG2 . ILE B 37 ? 0.7425 0.5917 0.6810 -0.0095 -0.0115 -0.0798 511 ILE B CG2 
647 C CD1 . ILE B 37 ? 0.7838 0.6257 0.7202 0.0086  -0.0397 -0.0584 511 ILE B CD1 
648 N N   . ALA B 38 ? 0.7754 0.6870 0.6795 -0.0110 -0.0129 -0.0759 512 ALA B N   
649 C CA  . ALA B 38 ? 0.8094 0.7484 0.7011 -0.0179 -0.0034 -0.0905 512 ALA B CA  
650 C C   . ALA B 38 ? 0.8751 0.8119 0.7661 -0.0119 0.0056  -0.0803 512 ALA B C   
651 O O   . ALA B 38 ? 0.7798 0.7261 0.6677 -0.0187 0.0171  -0.0943 512 ALA B O   
652 C CB  . ALA B 38 ? 0.7671 0.7530 0.6369 -0.0161 -0.0104 -0.0944 512 ALA B CB  
653 N N   . LYS B 39 ? 0.7588 0.6819 0.6551 -0.0002 0.0040  -0.0580 513 LYS B N   
654 C CA  . LYS B 39 ? 0.7819 0.6977 0.6835 0.0049  0.0171  -0.0481 513 LYS B CA  
655 C C   . LYS B 39 ? 0.7873 0.6774 0.7144 -0.0023 0.0230  -0.0573 513 LYS B C   
656 O O   . LYS B 39 ? 0.7928 0.6830 0.7218 -0.0039 0.0361  -0.0603 513 LYS B O   
657 C CB  . LYS B 39 ? 0.7929 0.6966 0.7010 0.0169  0.0204  -0.0249 513 LYS B CB  
658 C CG  . LYS B 39 ? 0.9826 0.9133 0.8639 0.0322  0.0261  -0.0063 513 LYS B CG  
659 C CD  . LYS B 39 ? 1.0127 0.9207 0.9069 0.0444  0.0384  0.0177  513 LYS B CD  
660 C CE  . LYS B 39 ? 1.1027 1.0363 0.9695 0.0667  0.0509  0.0439  513 LYS B CE  
661 N NZ  . LYS B 39 ? 1.2211 1.1248 1.1044 0.0794  0.0702  0.0687  513 LYS B NZ  
662 N N   . ILE B 40 ? 0.6666 0.5385 0.6125 -0.0040 0.0142  -0.0604 514 ILE B N   
663 C CA  . ILE B 40 ? 0.6879 0.5437 0.6576 -0.0053 0.0195  -0.0661 514 ILE B CA  
664 C C   . ILE B 40 ? 0.7754 0.6301 0.7404 -0.0127 0.0317  -0.0812 514 ILE B C   
665 O O   . ILE B 40 ? 0.8707 0.7175 0.8489 -0.0136 0.0445  -0.0848 514 ILE B O   
666 C CB  . ILE B 40 ? 0.6635 0.5107 0.6496 0.0001  0.0071  -0.0638 514 ILE B CB  
667 C CG1 . ILE B 40 ? 0.7051 0.5546 0.7022 0.0038  -0.0010 -0.0559 514 ILE B CG1 
668 C CG2 . ILE B 40 ? 0.6352 0.4755 0.6438 0.0047  0.0128  -0.0664 514 ILE B CG2 
669 C CD1 . ILE B 40 ? 0.6746 0.5255 0.6825 0.0088  -0.0153 -0.0572 514 ILE B CD1 
670 N N   . LYS B 41 ? 0.7270 0.5900 0.6768 -0.0197 0.0308  -0.0927 515 LYS B N   
671 C CA  . LYS B 41 ? 0.7511 0.6119 0.7016 -0.0309 0.0478  -0.1134 515 LYS B CA  
672 C C   . LYS B 41 ? 0.7440 0.6246 0.6826 -0.0369 0.0592  -0.1239 515 LYS B C   
673 O O   . LYS B 41 ? 0.8833 0.7526 0.8324 -0.0428 0.0775  -0.1358 515 LYS B O   
674 C CB  . LYS B 41 ? 0.6898 0.5605 0.6316 -0.0403 0.0465  -0.1286 515 LYS B CB  
675 C CG  . LYS B 41 ? 0.7096 0.5861 0.6539 -0.0575 0.0682  -0.1589 515 LYS B CG  
676 C CD  . LYS B 41 ? 0.7924 0.6741 0.7389 -0.0687 0.0712  -0.1766 515 LYS B CD  
677 C CE  . LYS B 41 ? 0.9607 0.8548 0.9148 -0.0908 0.0961  -0.2154 515 LYS B CE  
678 N NZ  . LYS B 41 ? 1.1012 1.0558 1.0329 -0.0998 0.0873  -0.2361 515 LYS B NZ  
679 N N   . ALA B 42 ? 0.8742 0.7859 0.7898 -0.0331 0.0508  -0.1178 516 ALA B N   
680 C CA  . ALA B 42 ? 0.8839 0.8215 0.7822 -0.0344 0.0616  -0.1247 516 ALA B CA  
681 C C   . ALA B 42 ? 0.8864 0.8013 0.7993 -0.0282 0.0727  -0.1116 516 ALA B C   
682 O O   . ALA B 42 ? 0.7358 0.6565 0.6454 -0.0330 0.0884  -0.1231 516 ALA B O   
683 C CB  . ALA B 42 ? 0.9046 0.8840 0.7733 -0.0238 0.0518  -0.1133 516 ALA B CB  
684 N N   . LEU B 43 ? 0.8163 0.7082 0.7479 -0.0189 0.0661  -0.0908 517 LEU B N   
685 C CA  . LEU B 43 ? 0.8511 0.7253 0.8041 -0.0148 0.0771  -0.0819 517 LEU B CA  
686 C C   . LEU B 43 ? 0.8346 0.6899 0.8111 -0.0200 0.0871  -0.0941 517 LEU B C   
687 O O   . LEU B 43 ? 0.9079 0.7584 0.8934 -0.0208 0.1028  -0.0965 517 LEU B O   
688 C CB  . LEU B 43 ? 0.8891 0.7509 0.8624 -0.0070 0.0688  -0.0645 517 LEU B CB  
689 C CG  . LEU B 43 ? 0.8982 0.7659 0.8605 0.0015  0.0749  -0.0463 517 LEU B CG  
690 C CD1 . LEU B 43 ? 0.9625 0.8136 0.9558 0.0039  0.0726  -0.0376 517 LEU B CD1 
691 C CD2 . LEU B 43 ? 0.9152 0.7875 0.8702 0.0045  0.0958  -0.0421 517 LEU B CD2 
692 N N   . ALA B 44 ? 0.7316 0.5750 0.7185 -0.0210 0.0812  -0.0990 518 ALA B N   
693 C CA  . ALA B 44 ? 0.8315 0.6554 0.8403 -0.0206 0.0957  -0.1055 518 ALA B CA  
694 C C   . ALA B 44 ? 0.8307 0.6547 0.8306 -0.0330 0.1178  -0.1269 518 ALA B C   
695 O O   . ALA B 44 ? 0.8249 0.6343 0.8421 -0.0326 0.1370  -0.1308 518 ALA B O   
696 C CB  . ALA B 44 ? 0.7655 0.5768 0.7834 -0.0150 0.0894  -0.1020 518 ALA B CB  
697 N N   . LEU B 45 ? 0.8611 0.7060 0.8359 -0.0445 0.1163  -0.1435 519 LEU B N   
698 C CA  . LEU B 45 ? 0.9035 0.7599 0.8694 -0.0593 0.1370  -0.1716 519 LEU B CA  
699 C C   . LEU B 45 ? 0.9700 0.8422 0.9245 -0.0570 0.1442  -0.1695 519 LEU B C   
700 O O   . LEU B 45 ? 0.9408 0.8113 0.8982 -0.0661 0.1663  -0.1890 519 LEU B O   
701 C CB  . LEU B 45 ? 0.8702 0.7604 0.8141 -0.0720 0.1309  -0.1941 519 LEU B CB  
702 C CG  . LEU B 45 ? 0.9115 0.7844 0.8700 -0.0806 0.1355  -0.2069 519 LEU B CG  
703 C CD1 . LEU B 45 ? 0.8578 0.7748 0.7977 -0.0948 0.1288  -0.2331 519 LEU B CD1 
704 C CD2 . LEU B 45 ? 0.8343 0.6704 0.8202 -0.0890 0.1686  -0.2233 519 LEU B CD2 
705 N N   . GLU B 46 ? 0.9984 0.8830 0.9411 -0.0448 0.1300  -0.1460 520 GLU B N   
706 C CA  . GLU B 46 ? 1.0170 0.9119 0.9501 -0.0394 0.1410  -0.1389 520 GLU B CA  
707 C C   . GLU B 46 ? 1.0877 0.9516 1.0531 -0.0374 0.1565  -0.1341 520 GLU B C   
708 O O   . GLU B 46 ? 1.1966 1.0620 1.1601 -0.0414 0.1761  -0.1447 520 GLU B O   
709 C CB  . GLU B 46 ? 1.1444 1.0513 1.0637 -0.0249 0.1295  -0.1115 520 GLU B CB  
710 C CG  . GLU B 46 ? 1.3394 1.2912 1.2179 -0.0202 0.1232  -0.1122 520 GLU B CG  
711 C CD  . GLU B 46 ? 1.3930 1.3500 1.2599 -0.0011 0.1220  -0.0794 520 GLU B CD  
712 O OE1 . GLU B 46 ? 1.3603 1.2884 1.2494 0.0047  0.1331  -0.0621 520 GLU B OE1 
713 O OE2 . GLU B 46 ? 1.3950 1.3856 1.2335 0.0088  0.1128  -0.0710 520 GLU B OE2 
714 N N   . HIS B 47 ? 1.0346 0.8759 1.0302 -0.0302 0.1477  -0.1195 521 HIS B N   
715 C CA  . HIS B 47 ? 1.1521 0.9744 1.1820 -0.0253 0.1601  -0.1145 521 HIS B CA  
716 C C   . HIS B 47 ? 1.1776 0.9836 1.2184 -0.0309 0.1811  -0.1315 521 HIS B C   
717 O O   . HIS B 47 ? 1.1365 0.9313 1.1988 -0.0278 0.1988  -0.1310 521 HIS B O   
718 C CB  . HIS B 47 ? 1.2114 1.0281 1.2703 -0.0150 0.1438  -0.0992 521 HIS B CB  
719 C CG  . HIS B 47 ? 1.5189 1.3447 1.5826 -0.0112 0.1337  -0.0857 521 HIS B CG  
720 N ND1 . HIS B 47 ? 1.6056 1.4311 1.6955 -0.0087 0.1444  -0.0802 521 HIS B ND1 
721 C CD2 . HIS B 47 ? 1.5853 1.4182 1.6351 -0.0101 0.1187  -0.0776 521 HIS B CD2 
722 C CE1 . HIS B 47 ? 1.6220 1.4514 1.7156 -0.0075 0.1390  -0.0707 521 HIS B CE1 
723 N NE2 . HIS B 47 ? 1.5933 1.4262 1.6620 -0.0074 0.1237  -0.0679 521 HIS B NE2 
724 N N   . HIS B 48 ? 1.1581 0.9608 1.1882 -0.0395 0.1833  -0.1472 522 HIS B N   
725 C CA  . HIS B 48 ? 1.0315 0.8127 1.0759 -0.0465 0.2113  -0.1656 522 HIS B CA  
726 C C   . HIS B 48 ? 1.0059 0.7994 1.0340 -0.0616 0.2323  -0.1915 522 HIS B C   
727 O O   . HIS B 48 ? 1.1421 0.9182 1.1879 -0.0622 0.2577  -0.1976 522 HIS B O   
728 C CB  . HIS B 48 ? 0.9503 0.7211 0.9942 -0.0526 0.2129  -0.1763 522 HIS B CB  
729 C CG  . HIS B 48 ? 1.0159 0.7613 1.0757 -0.0638 0.2497  -0.2001 522 HIS B CG  
730 N ND1 . HIS B 48 ? 0.9394 0.6481 1.0310 -0.0504 0.2731  -0.1874 522 HIS B ND1 
731 C CD2 . HIS B 48 ? 1.0839 0.8375 1.1346 -0.0868 0.2706  -0.2377 522 HIS B CD2 
732 C CE1 . HIS B 48 ? 1.1102 0.7962 1.2131 -0.0649 0.3108  -0.2140 522 HIS B CE1 
733 N NE2 . HIS B 48 ? 1.0303 0.7444 1.1105 -0.0898 0.3095  -0.2486 522 HIS B NE2 
734 N N   . HIS B 49 ? 1.1097 0.9386 1.1038 -0.0722 0.2225  -0.2073 523 HIS B N   
735 C CA  . HIS B 49 ? 1.2616 1.1154 1.2361 -0.0859 0.2407  -0.2365 523 HIS B CA  
736 C C   . HIS B 49 ? 1.4271 1.2903 1.3917 -0.0762 0.2445  -0.2217 523 HIS B C   
737 O O   . HIS B 49 ? 1.4394 1.3178 1.3917 -0.0849 0.2645  -0.2436 523 HIS B O   
738 C CB  . HIS B 49 ? 1.3009 1.2040 1.2416 -0.0968 0.2273  -0.2587 523 HIS B CB  
739 C CG  . HIS B 49 ? 1.4037 1.3015 1.3571 -0.1139 0.2344  -0.2870 523 HIS B CG  
740 N ND1 . HIS B 49 ? 1.4432 1.3061 1.4262 -0.1278 0.2678  -0.3118 523 HIS B ND1 
741 C CD2 . HIS B 49 ? 1.4000 1.3201 1.3440 -0.1188 0.2168  -0.2941 523 HIS B CD2 
742 C CE1 . HIS B 49 ? 1.4506 1.3127 1.4431 -0.1418 0.2725  -0.3336 523 HIS B CE1 
743 N NE2 . HIS B 49 ? 1.4408 1.3391 1.4097 -0.1372 0.2402  -0.3242 523 HIS B NE2 
744 N N   . HIS B 50 ? 1.4517 1.3067 1.4235 -0.0595 0.2290  -0.1874 524 HIS B N   
745 C CA  . HIS B 50 ? 1.4529 1.3105 1.4230 -0.0507 0.2386  -0.1725 524 HIS B CA  
746 C C   . HIS B 50 ? 1.5921 1.4198 1.5958 -0.0516 0.2628  -0.1764 524 HIS B C   
747 O O   . HIS B 50 ? 1.7396 1.5724 1.7357 -0.0540 0.2834  -0.1851 524 HIS B O   
748 C CB  . HIS B 50 ? 1.2228 1.0773 1.2001 -0.0361 0.2211  -0.1398 524 HIS B CB  
749 N N   . HIS B 51 ? 1.5361 1.3360 1.5766 -0.0468 0.2617  -0.1685 525 HIS B N   
750 C CA  . HIS B 51 ? 1.6145 1.3891 1.6895 -0.0431 0.2859  -0.1690 525 HIS B CA  
751 C C   . HIS B 51 ? 1.7485 1.5096 1.8219 -0.0570 0.3148  -0.1993 525 HIS B C   
752 O O   . HIS B 51 ? 1.7835 1.5404 1.8588 -0.0625 0.3406  -0.2130 525 HIS B O   
753 C CB  . HIS B 51 ? 1.4863 1.2461 1.5990 -0.0276 0.2752  -0.1479 525 HIS B CB  
754 N N   . HIS B 52 ? 1.8034 1.5563 1.8762 -0.0642 0.3142  -0.2119 526 HIS B N   
755 C CA  . HIS B 52 ? 1.8318 1.5682 1.9104 -0.0809 0.3473  -0.2453 526 HIS B CA  
756 C C   . HIS B 52 ? 1.7926 1.5676 1.8339 -0.1030 0.3457  -0.2817 526 HIS B C   
757 O O   . HIS B 52 ? 1.7316 1.5093 1.7717 -0.1190 0.3530  -0.3091 526 HIS B O   
758 C CB  . HIS B 52 ? 1.8535 1.5583 1.9562 -0.0768 0.3554  -0.2410 526 HIS B CB  
759 C CG  . HIS B 52 ? 1.8784 1.5687 2.0060 -0.0497 0.3407  -0.2005 526 HIS B CG  
760 N ND1 . HIS B 52 ? 1.8687 1.5798 1.9860 -0.0393 0.3022  -0.1781 526 HIS B ND1 
761 C CD2 . HIS B 52 ? 1.8950 1.5590 2.0580 -0.0298 0.3599  -0.1802 526 HIS B CD2 
762 C CE1 . HIS B 52 ? 1.8378 1.5407 1.9827 -0.0161 0.2966  -0.1498 526 HIS B CE1 
763 N NE2 . HIS B 52 ? 1.8766 1.5540 2.0486 -0.0080 0.3300  -0.1485 526 HIS B NE2 
764 O O   . HOH C .  ? 1.3385 0.9295 1.3314 0.1668  0.4303  0.0700  601 HOH A O   
765 O O   . HOH C .  ? 1.1028 0.9753 1.3844 0.0040  0.1714  -0.0887 602 HOH A O   
766 O O   . HOH C .  ? 0.7926 0.5483 0.6756 0.0918  -0.0216 -0.0097 603 HOH A O   
767 O O   . HOH C .  ? 0.9825 0.7663 0.6839 0.1627  -0.0283 -0.0052 604 HOH A O   
768 O O   . HOH C .  ? 0.7442 0.5785 0.6321 0.0429  -0.0357 -0.0255 605 HOH A O   
769 O O   . HOH C .  ? 0.9913 0.7791 1.0308 0.0022  -0.0140 -0.1252 606 HOH A O   
770 O O   . HOH C .  ? 0.8158 0.5460 0.6218 0.1123  0.0083  -0.0553 607 HOH A O   
771 O O   . HOH C .  ? 0.8716 0.4714 0.7596 0.1169  0.2372  0.0502  608 HOH A O   
772 O O   . HOH C .  ? 0.8275 0.5922 0.8587 0.0363  0.0561  0.0136  609 HOH A O   
773 O O   . HOH C .  ? 0.9887 0.8940 1.1341 -0.0535 -0.0154 -0.2784 610 HOH A O   
774 O O   . HOH C .  ? 1.0642 0.9441 0.8087 0.1418  -0.0973 -0.0515 611 HOH A O   
775 O O   . HOH C .  ? 0.8346 0.8621 0.9593 0.0382  -0.0919 -0.1288 612 HOH A O   
776 O O   . HOH C .  ? 0.9148 0.5984 0.7183 0.1343  0.0973  0.0413  613 HOH A O   
777 O O   . HOH C .  ? 1.1353 0.9467 0.9667 0.0989  -0.0764 -0.0065 614 HOH A O   
778 O O   . HOH C .  ? 1.1558 0.9175 0.9207 0.1293  -0.0304 0.0128  615 HOH A O   
779 O O   . HOH C .  ? 1.4044 0.8852 1.1357 0.2691  0.4519  0.1383  616 HOH A O   
780 O O   . HOH C .  ? 1.0204 0.7332 0.9356 0.0830  0.0176  -0.0423 617 HOH A O   
781 O O   . HOH C .  ? 1.2559 1.0413 0.8121 0.2325  0.0627  -0.0402 618 HOH A O   
782 O O   . HOH C .  ? 1.3835 1.1673 0.9075 0.2458  0.0906  -0.0539 619 HOH A O   
783 O O   . HOH D .  ? 1.3059 0.9377 1.2853 0.1227  0.1252  0.0048  601 HOH B O   
784 O O   . HOH D .  ? 0.7832 0.7984 0.6498 -0.0416 0.0245  -0.1454 602 HOH B O   
785 O O   . HOH D .  ? 0.7381 0.6080 0.6383 0.0133  -0.0694 -0.0450 603 HOH B O   
786 O O   . HOH D .  ? 0.7854 0.7282 0.6816 -0.0290 -0.0210 -0.1084 604 HOH B O   
787 O O   . HOH D .  ? 0.8188 0.6093 0.7502 0.0582  -0.0425 -0.0048 605 HOH B O   
788 O O   . HOH D .  ? 0.7311 0.5647 0.8119 -0.0042 0.1066  -0.0522 606 HOH B O   
789 O O   . HOH D .  ? 0.7801 0.7045 0.6710 0.0121  -0.0760 -0.0519 607 HOH B O   
790 O O   . HOH D .  ? 0.7507 0.7396 0.6263 0.0232  -0.0837 -0.0384 608 HOH B O   
791 O O   . HOH D .  ? 0.9442 0.9349 0.8354 -0.0714 0.0681  -0.1960 609 HOH B O   
792 O O   . HOH D .  ? 1.0084 0.6950 1.0649 0.0515  0.0936  0.0065  610 HOH B O   
793 O O   . HOH D .  ? 0.8265 0.5161 0.7358 0.0844  0.0450  -0.0706 611 HOH B O   
794 O O   . HOH D .  ? 0.7349 0.5758 0.6114 0.0739  -0.0512 0.0023  612 HOH B O   
795 O O   . HOH D .  ? 0.9329 1.0103 0.7869 0.1277  -0.0641 0.0810  613 HOH B O   
796 O O   . HOH D .  ? 0.8111 0.7224 0.8074 0.2450  0.0800  0.1763  614 HOH B O   
797 O O   . HOH D .  ? 1.1158 1.0009 1.0998 -0.1760 0.3844  -0.4265 615 HOH B O   
798 O O   . HOH D .  ? 1.0777 0.9524 0.9616 0.0259  -0.0771 -0.0361 616 HOH B O   
799 O O   . HOH D .  ? 1.0281 0.7587 0.9985 0.0966  0.0402  0.0452  617 HOH B O   
800 O O   . HOH D .  ? 0.8712 0.9822 0.7335 0.0363  -0.0902 -0.0400 618 HOH B O   
801 O O   . HOH D .  ? 0.9144 0.7442 0.7882 0.0388  -0.0743 -0.0286 619 HOH B O   
802 O O   . HOH D .  ? 0.7381 0.6534 0.6578 -0.0513 0.0175  -0.1446 620 HOH B O   
803 O O   . HOH D .  ? 0.9201 0.9844 0.7981 0.0030  -0.0803 -0.0770 621 HOH B O   
804 O O   . HOH D .  ? 1.0380 1.1142 0.8950 -0.0214 -0.0418 -0.1168 622 HOH B O   
805 O O   . HOH D .  ? 1.0410 1.1806 0.8480 -0.0197 0.0149  -0.1402 623 HOH B O   
806 O O   . HOH D .  ? 0.9706 1.2847 0.8053 0.1265  -0.0988 0.0336  624 HOH B O   
807 O O   . HOH D .  ? 0.8559 0.5729 0.7585 0.0577  0.0411  -0.1555 625 HOH B O   
# 
loop_
_pdbx_poly_seq_scheme.asym_id 
_pdbx_poly_seq_scheme.entity_id 
_pdbx_poly_seq_scheme.seq_id 
_pdbx_poly_seq_scheme.mon_id 
_pdbx_poly_seq_scheme.ndb_seq_num 
_pdbx_poly_seq_scheme.pdb_seq_num 
_pdbx_poly_seq_scheme.auth_seq_num 
_pdbx_poly_seq_scheme.pdb_mon_id 
_pdbx_poly_seq_scheme.auth_mon_id 
_pdbx_poly_seq_scheme.pdb_strand_id 
_pdbx_poly_seq_scheme.pdb_ins_code 
_pdbx_poly_seq_scheme.hetero 
A 1 1  GLU 1  475 475 GLU GLU A . n 
A 1 2  PHE 2  476 476 PHE PHE A . n 
A 1 3  SER 3  477 477 SER SER A . n 
A 1 4  GLN 4  478 478 GLN GLN A . n 
A 1 5  LEU 5  479 479 LEU LEU A . n 
A 1 6  LEU 6  480 480 LEU LEU A . n 
A 1 7  ALA 7  481 481 ALA ALA A . n 
A 1 8  LEU 8  482 482 LEU LEU A . n 
A 1 9  ALA 9  483 483 ALA ALA A . n 
A 1 10 SER 10 484 484 SER SER A . n 
A 1 11 LEU 11 485 485 LEU LEU A . n 
A 1 12 LEU 12 486 486 LEU LEU A . n 
A 1 13 GLY 13 487 487 GLY GLY A . n 
A 1 14 GLN 14 488 488 GLN GLN A . n 
A 1 15 GLN 15 489 489 GLN GLN A . n 
A 1 16 GLN 16 490 490 GLN GLN A . n 
A 1 17 ALA 17 491 491 ALA ALA A . n 
A 1 18 GLU 18 492 492 GLU GLU A . n 
A 1 19 VAL 19 493 493 VAL VAL A . n 
A 1 20 GLN 20 494 494 GLN GLN A . n 
A 1 21 ARG 21 495 495 ARG ARG A . n 
A 1 22 CYS 22 496 496 CYS CYS A . n 
A 1 23 ARG 23 497 497 ARG ARG A . n 
A 1 24 GLU 24 498 498 GLU GLU A . n 
A 1 25 ASP 25 499 499 ASP ASP A . n 
A 1 26 LEU 26 500 500 LEU LEU A . n 
A 1 27 GLN 27 501 501 GLN GLN A . n 
A 1 28 LYS 28 502 502 LYS LYS A . n 
A 1 29 LYS 29 503 503 LYS LYS A . n 
A 1 30 GLU 30 504 504 GLU GLU A . n 
A 1 31 SER 31 505 505 SER SER A . n 
A 1 32 LEU 32 506 506 LEU LEU A . n 
A 1 33 VAL 33 507 507 VAL VAL A . n 
A 1 34 MET 34 508 508 MET MET A . n 
A 1 35 GLU 35 509 509 GLU GLU A . n 
A 1 36 THR 36 510 510 THR THR A . n 
A 1 37 ILE 37 511 511 ILE ILE A . n 
A 1 38 ALA 38 512 512 ALA ALA A . n 
A 1 39 LYS 39 513 513 LYS LYS A . n 
A 1 40 ILE 40 514 514 ILE ILE A . n 
A 1 41 LYS 41 515 515 LYS LYS A . n 
A 1 42 ALA 42 516 516 ALA ALA A . n 
A 1 43 LEU 43 517 517 LEU LEU A . n 
A 1 44 ALA 44 518 518 ALA ALA A . n 
A 1 45 LEU 45 519 519 LEU LEU A . n 
A 1 46 GLU 46 520 520 GLU GLU A . n 
A 1 47 HIS 47 521 521 HIS HIS A . n 
A 1 48 HIS 48 522 522 HIS HIS A . n 
A 1 49 HIS 49 523 523 HIS HIS A . n 
A 1 50 HIS 50 524 ?   ?   ?   A . n 
A 1 51 HIS 51 525 ?   ?   ?   A . n 
A 1 52 HIS 52 526 ?   ?   ?   A . n 
B 1 1  GLU 1  475 ?   ?   ?   B . n 
B 1 2  PHE 2  476 ?   ?   ?   B . n 
B 1 3  SER 3  477 477 SER SER B . n 
B 1 4  GLN 4  478 478 GLN GLN B . n 
B 1 5  LEU 5  479 479 LEU LEU B . n 
B 1 6  LEU 6  480 480 LEU LEU B . n 
B 1 7  ALA 7  481 481 ALA ALA B . n 
B 1 8  LEU 8  482 482 LEU LEU B . n 
B 1 9  ALA 9  483 483 ALA ALA B . n 
B 1 10 SER 10 484 484 SER SER B . n 
B 1 11 LEU 11 485 485 LEU LEU B . n 
B 1 12 LEU 12 486 486 LEU LEU B . n 
B 1 13 GLY 13 487 487 GLY GLY B . n 
B 1 14 GLN 14 488 488 GLN GLN B . n 
B 1 15 GLN 15 489 489 GLN GLN B . n 
B 1 16 GLN 16 490 490 GLN GLN B . n 
B 1 17 ALA 17 491 491 ALA ALA B . n 
B 1 18 GLU 18 492 492 GLU GLU B . n 
B 1 19 VAL 19 493 493 VAL VAL B . n 
B 1 20 GLN 20 494 494 GLN GLN B . n 
B 1 21 ARG 21 495 495 ARG ARG B . n 
B 1 22 CYS 22 496 496 CYS CYS B . n 
B 1 23 ARG 23 497 497 ARG ARG B . n 
B 1 24 GLU 24 498 498 GLU GLU B . n 
B 1 25 ASP 25 499 499 ASP ASP B . n 
B 1 26 LEU 26 500 500 LEU LEU B . n 
B 1 27 GLN 27 501 501 GLN GLN B . n 
B 1 28 LYS 28 502 502 LYS LYS B . n 
B 1 29 LYS 29 503 503 LYS LYS B . n 
B 1 30 GLU 30 504 504 GLU GLU B . n 
B 1 31 SER 31 505 505 SER SER B . n 
B 1 32 LEU 32 506 506 LEU LEU B . n 
B 1 33 VAL 33 507 507 VAL VAL B . n 
B 1 34 MET 34 508 508 MET MET B . n 
B 1 35 GLU 35 509 509 GLU GLU B . n 
B 1 36 THR 36 510 510 THR THR B . n 
B 1 37 ILE 37 511 511 ILE ILE B . n 
B 1 38 ALA 38 512 512 ALA ALA B . n 
B 1 39 LYS 39 513 513 LYS LYS B . n 
B 1 40 ILE 40 514 514 ILE ILE B . n 
B 1 41 LYS 41 515 515 LYS LYS B . n 
B 1 42 ALA 42 516 516 ALA ALA B . n 
B 1 43 LEU 43 517 517 LEU LEU B . n 
B 1 44 ALA 44 518 518 ALA ALA B . n 
B 1 45 LEU 45 519 519 LEU LEU B . n 
B 1 46 GLU 46 520 520 GLU GLU B . n 
B 1 47 HIS 47 521 521 HIS HIS B . n 
B 1 48 HIS 48 522 522 HIS HIS B . n 
B 1 49 HIS 49 523 523 HIS HIS B . n 
B 1 50 HIS 50 524 524 HIS HIS B . n 
B 1 51 HIS 51 525 525 HIS HIS B . n 
B 1 52 HIS 52 526 526 HIS HIS B . n 
# 
loop_
_pdbx_nonpoly_scheme.asym_id 
_pdbx_nonpoly_scheme.entity_id 
_pdbx_nonpoly_scheme.mon_id 
_pdbx_nonpoly_scheme.ndb_seq_num 
_pdbx_nonpoly_scheme.pdb_seq_num 
_pdbx_nonpoly_scheme.auth_seq_num 
_pdbx_nonpoly_scheme.pdb_mon_id 
_pdbx_nonpoly_scheme.auth_mon_id 
_pdbx_nonpoly_scheme.pdb_strand_id 
_pdbx_nonpoly_scheme.pdb_ins_code 
C 2 HOH 1  601 602 HOH HOH A . 
C 2 HOH 2  602 601 HOH HOH A . 
C 2 HOH 3  603 603 HOH HOH A . 
C 2 HOH 4  604 604 HOH HOH A . 
C 2 HOH 5  605 605 HOH HOH A . 
C 2 HOH 6  606 606 HOH HOH A . 
C 2 HOH 7  607 607 HOH HOH A . 
C 2 HOH 8  608 608 HOH HOH A . 
C 2 HOH 9  609 609 HOH HOH A . 
C 2 HOH 10 610 610 HOH HOH A . 
C 2 HOH 11 611 611 HOH HOH A . 
C 2 HOH 12 612 612 HOH HOH A . 
C 2 HOH 13 613 613 HOH HOH A . 
C 2 HOH 14 614 614 HOH HOH A . 
C 2 HOH 15 615 615 HOH HOH A . 
C 2 HOH 16 616 616 HOH HOH A . 
C 2 HOH 17 617 617 HOH HOH A . 
C 2 HOH 18 618 618 HOH HOH A . 
C 2 HOH 19 619 619 HOH HOH A . 
D 2 HOH 1  601 601 HOH HOH B . 
D 2 HOH 2  602 602 HOH HOH B . 
D 2 HOH 3  603 603 HOH HOH B . 
D 2 HOH 4  604 604 HOH HOH B . 
D 2 HOH 5  605 605 HOH HOH B . 
D 2 HOH 6  606 606 HOH HOH B . 
D 2 HOH 7  607 607 HOH HOH B . 
D 2 HOH 8  608 608 HOH HOH B . 
D 2 HOH 9  609 609 HOH HOH B . 
D 2 HOH 10 610 610 HOH HOH B . 
D 2 HOH 11 611 611 HOH HOH B . 
D 2 HOH 12 612 612 HOH HOH B . 
D 2 HOH 13 613 613 HOH HOH B . 
D 2 HOH 14 614 614 HOH HOH B . 
D 2 HOH 15 615 615 HOH HOH B . 
D 2 HOH 16 616 616 HOH HOH B . 
D 2 HOH 17 617 617 HOH HOH B . 
D 2 HOH 18 618 618 HOH HOH B . 
D 2 HOH 19 619 619 HOH HOH B . 
D 2 HOH 20 620 620 HOH HOH B . 
D 2 HOH 21 621 621 HOH HOH B . 
D 2 HOH 22 622 622 HOH HOH B . 
D 2 HOH 23 623 623 HOH HOH B . 
D 2 HOH 24 624 624 HOH HOH B . 
D 2 HOH 25 625 625 HOH HOH B . 
# 
_pdbx_struct_assembly.id                   1 
_pdbx_struct_assembly.details              author_and_software_defined_assembly 
_pdbx_struct_assembly.method_details       PISA 
_pdbx_struct_assembly.oligomeric_details   tetrameric 
_pdbx_struct_assembly.oligomeric_count     4 
# 
_pdbx_struct_assembly_gen.assembly_id       1 
_pdbx_struct_assembly_gen.oper_expression   1,2 
_pdbx_struct_assembly_gen.asym_id_list      A,B,C,D 
# 
loop_
_pdbx_struct_assembly_prop.biol_id 
_pdbx_struct_assembly_prop.type 
_pdbx_struct_assembly_prop.value 
_pdbx_struct_assembly_prop.details 
1 'ABSA (A^2)' 8740  ? 
1 MORE         -83   ? 
1 'SSA (A^2)'  10340 ? 
# 
loop_
_pdbx_struct_oper_list.id 
_pdbx_struct_oper_list.type 
_pdbx_struct_oper_list.name 
_pdbx_struct_oper_list.symmetry_operation 
_pdbx_struct_oper_list.matrix[1][1] 
_pdbx_struct_oper_list.matrix[1][2] 
_pdbx_struct_oper_list.matrix[1][3] 
_pdbx_struct_oper_list.vector[1] 
_pdbx_struct_oper_list.matrix[2][1] 
_pdbx_struct_oper_list.matrix[2][2] 
_pdbx_struct_oper_list.matrix[2][3] 
_pdbx_struct_oper_list.vector[2] 
_pdbx_struct_oper_list.matrix[3][1] 
_pdbx_struct_oper_list.matrix[3][2] 
_pdbx_struct_oper_list.matrix[3][3] 
_pdbx_struct_oper_list.vector[3] 
1 'identity operation'         1_555 x,y,z   1.0000000000  0.0000000000  0.0000000000 0.0000000000  0.0000000000  1.0000000000  0.0000000000  0.0000000000  0.0000000000 0.0000000000  1.0000000000 0.0000000000 
2 'crystal symmetry operation' 5_555 -x,y,-z -0.5545993826 -0.1463393653 0.8191485305 -2.9105747890 -0.1463393653 -0.9519192183 -0.2691367532 -8.4474737244 0.8191485305 -0.2691367532 0.5065186009 0.0734590403 
# 
loop_
_pdbx_struct_special_symmetry.id 
_pdbx_struct_special_symmetry.PDB_model_num 
_pdbx_struct_special_symmetry.auth_asym_id 
_pdbx_struct_special_symmetry.auth_comp_id 
_pdbx_struct_special_symmetry.auth_seq_id 
_pdbx_struct_special_symmetry.PDB_ins_code 
_pdbx_struct_special_symmetry.label_asym_id 
_pdbx_struct_special_symmetry.label_comp_id 
_pdbx_struct_special_symmetry.label_seq_id 
1 1 A HOH 614 ? C HOH . 
2 1 B HOH 616 ? D HOH . 
3 1 B HOH 619 ? D HOH . 
# 
loop_
_pdbx_audit_revision_history.ordinal 
_pdbx_audit_revision_history.data_content_type 
_pdbx_audit_revision_history.major_revision 
_pdbx_audit_revision_history.minor_revision 
_pdbx_audit_revision_history.revision_date 
1 'Structure model' 1 0 2021-11-10 
2 'Structure model' 1 1 2023-11-29 
# 
_pdbx_audit_revision_details.ordinal             1 
_pdbx_audit_revision_details.revision_ordinal    1 
_pdbx_audit_revision_details.data_content_type   'Structure model' 
_pdbx_audit_revision_details.provider            repository 
_pdbx_audit_revision_details.type                'Initial release' 
_pdbx_audit_revision_details.description         ? 
_pdbx_audit_revision_details.details             ? 
# 
loop_
_pdbx_audit_revision_group.ordinal 
_pdbx_audit_revision_group.revision_ordinal 
_pdbx_audit_revision_group.data_content_type 
_pdbx_audit_revision_group.group 
1 2 'Structure model' 'Data collection'        
2 2 'Structure model' 'Refinement description' 
# 
loop_
_pdbx_audit_revision_category.ordinal 
_pdbx_audit_revision_category.revision_ordinal 
_pdbx_audit_revision_category.data_content_type 
_pdbx_audit_revision_category.category 
1 2 'Structure model' chem_comp_atom                
2 2 'Structure model' chem_comp_bond                
3 2 'Structure model' pdbx_initial_refinement_model 
# 
_pdbx_refine_tls.id               1 
_pdbx_refine_tls.pdbx_refine_id   'X-RAY DIFFRACTION' 
_pdbx_refine_tls.details          ? 
_pdbx_refine_tls.method           refined 
_pdbx_refine_tls.origin_x         0.1267 
_pdbx_refine_tls.origin_y         -0.2490 
_pdbx_refine_tls.origin_z         -0.1533 
_pdbx_refine_tls.T[1][1]          0.4784 
_pdbx_refine_tls.T[1][1]_esd      ? 
_pdbx_refine_tls.T[1][2]          0.0469 
_pdbx_refine_tls.T[1][2]_esd      ? 
_pdbx_refine_tls.T[1][3]          -0.0888 
_pdbx_refine_tls.T[1][3]_esd      ? 
_pdbx_refine_tls.T[2][2]          0.3186 
_pdbx_refine_tls.T[2][2]_esd      ? 
_pdbx_refine_tls.T[2][3]          -0.0159 
_pdbx_refine_tls.T[2][3]_esd      ? 
_pdbx_refine_tls.T[3][3]          0.3623 
_pdbx_refine_tls.T[3][3]_esd      ? 
_pdbx_refine_tls.L[1][1]          5.8854 
_pdbx_refine_tls.L[1][1]_esd      ? 
_pdbx_refine_tls.L[1][2]          -1.4397 
_pdbx_refine_tls.L[1][2]_esd      ? 
_pdbx_refine_tls.L[1][3]          -4.0795 
_pdbx_refine_tls.L[1][3]_esd      ? 
_pdbx_refine_tls.L[2][2]          1.9918 
_pdbx_refine_tls.L[2][2]_esd      ? 
_pdbx_refine_tls.L[2][3]          0.9637 
_pdbx_refine_tls.L[2][3]_esd      ? 
_pdbx_refine_tls.L[3][3]          3.4343 
_pdbx_refine_tls.L[3][3]_esd      ? 
_pdbx_refine_tls.S[1][1]          0.0145 
_pdbx_refine_tls.S[1][1]_esd      ? 
_pdbx_refine_tls.S[1][2]          0.2105 
_pdbx_refine_tls.S[1][2]_esd      ? 
_pdbx_refine_tls.S[1][3]          0.2188 
_pdbx_refine_tls.S[1][3]_esd      ? 
_pdbx_refine_tls.S[2][1]          0.0637 
_pdbx_refine_tls.S[2][1]_esd      ? 
_pdbx_refine_tls.S[2][2]          0.1068 
_pdbx_refine_tls.S[2][2]_esd      ? 
_pdbx_refine_tls.S[2][3]          -0.1017 
_pdbx_refine_tls.S[2][3]_esd      ? 
_pdbx_refine_tls.S[3][1]          -0.0894 
_pdbx_refine_tls.S[3][1]_esd      ? 
_pdbx_refine_tls.S[3][2]          -0.1633 
_pdbx_refine_tls.S[3][2]_esd      ? 
_pdbx_refine_tls.S[3][3]          -0.1251 
_pdbx_refine_tls.S[3][3]_esd      ? 
# 
_pdbx_refine_tls_group.id                  1 
_pdbx_refine_tls_group.pdbx_refine_id      'X-RAY DIFFRACTION' 
_pdbx_refine_tls_group.refine_tls_id       1 
_pdbx_refine_tls_group.beg_label_asym_id   ? 
_pdbx_refine_tls_group.beg_label_seq_id    ? 
_pdbx_refine_tls_group.beg_auth_asym_id    ? 
_pdbx_refine_tls_group.beg_auth_seq_id     ? 
_pdbx_refine_tls_group.beg_PDB_ins_code    ? 
_pdbx_refine_tls_group.end_label_asym_id   ? 
_pdbx_refine_tls_group.end_label_seq_id    ? 
_pdbx_refine_tls_group.end_auth_asym_id    ? 
_pdbx_refine_tls_group.end_auth_seq_id     ? 
_pdbx_refine_tls_group.end_PDB_ins_code    ? 
_pdbx_refine_tls_group.selection           ? 
_pdbx_refine_tls_group.selection_details   ALL 
# 
loop_
_software.citation_id 
_software.classification 
_software.compiler_name 
_software.compiler_version 
_software.contact_author 
_software.contact_author_email 
_software.date 
_software.description 
_software.dependencies 
_software.hardware 
_software.language 
_software.location 
_software.mods 
_software.name 
_software.os 
_software.os_version 
_software.type 
_software.version 
_software.pdbx_ordinal 
? refinement       ? ? ? ? ? ? ? ? ? ? ? PHENIX   ? ? ? '(1.13_2998: ???)' 1 
? 'data reduction' ? ? ? ? ? ? ? ? ? ? ? DENZO    ? ? ? .                  2 
? 'data scaling'   ? ? ? ? ? ? ? ? ? ? ? HKL-2000 ? ? ? .                  3 
? phasing          ? ? ? ? ? ? ? ? ? ? ? PHASER   ? ? ? .                  4 
# 
loop_
_pdbx_distant_solvent_atoms.id 
_pdbx_distant_solvent_atoms.PDB_model_num 
_pdbx_distant_solvent_atoms.auth_atom_id 
_pdbx_distant_solvent_atoms.label_alt_id 
_pdbx_distant_solvent_atoms.auth_asym_id 
_pdbx_distant_solvent_atoms.auth_comp_id 
_pdbx_distant_solvent_atoms.auth_seq_id 
_pdbx_distant_solvent_atoms.PDB_ins_code 
_pdbx_distant_solvent_atoms.neighbor_macromolecule_distance 
_pdbx_distant_solvent_atoms.neighbor_ligand_distance 
1 1 O ? A HOH 618 ? 7.28 . 
2 1 O ? A HOH 619 ? 8.60 . 
# 
loop_
_pdbx_unobs_or_zero_occ_atoms.id 
_pdbx_unobs_or_zero_occ_atoms.PDB_model_num 
_pdbx_unobs_or_zero_occ_atoms.polymer_flag 
_pdbx_unobs_or_zero_occ_atoms.occupancy_flag 
_pdbx_unobs_or_zero_occ_atoms.auth_asym_id 
_pdbx_unobs_or_zero_occ_atoms.auth_comp_id 
_pdbx_unobs_or_zero_occ_atoms.auth_seq_id 
_pdbx_unobs_or_zero_occ_atoms.PDB_ins_code 
_pdbx_unobs_or_zero_occ_atoms.auth_atom_id 
_pdbx_unobs_or_zero_occ_atoms.label_alt_id 
_pdbx_unobs_or_zero_occ_atoms.label_asym_id 
_pdbx_unobs_or_zero_occ_atoms.label_comp_id 
_pdbx_unobs_or_zero_occ_atoms.label_seq_id 
_pdbx_unobs_or_zero_occ_atoms.label_atom_id 
1  1 Y 1 A LYS 502 ? CG  ? A LYS 28 CG  
2  1 Y 1 A LYS 502 ? CD  ? A LYS 28 CD  
3  1 Y 1 A LYS 502 ? CE  ? A LYS 28 CE  
4  1 Y 1 A LYS 502 ? NZ  ? A LYS 28 NZ  
5  1 Y 1 A HIS 521 ? CG  ? A HIS 47 CG  
6  1 Y 1 A HIS 521 ? ND1 ? A HIS 47 ND1 
7  1 Y 1 A HIS 521 ? CD2 ? A HIS 47 CD2 
8  1 Y 1 A HIS 521 ? CE1 ? A HIS 47 CE1 
9  1 Y 1 A HIS 521 ? NE2 ? A HIS 47 NE2 
10 1 Y 1 B GLN 478 ? CG  ? B GLN 4  CG  
11 1 Y 1 B GLN 478 ? CD  ? B GLN 4  CD  
12 1 Y 1 B GLN 478 ? OE1 ? B GLN 4  OE1 
13 1 Y 1 B GLN 478 ? NE2 ? B GLN 4  NE2 
14 1 Y 1 B LYS 502 ? CG  ? B LYS 28 CG  
15 1 Y 1 B LYS 502 ? CD  ? B LYS 28 CD  
16 1 Y 1 B LYS 502 ? CE  ? B LYS 28 CE  
17 1 Y 1 B LYS 502 ? NZ  ? B LYS 28 NZ  
18 1 Y 1 B HIS 524 ? CG  ? B HIS 50 CG  
19 1 Y 1 B HIS 524 ? ND1 ? B HIS 50 ND1 
20 1 Y 1 B HIS 524 ? CD2 ? B HIS 50 CD2 
21 1 Y 1 B HIS 524 ? CE1 ? B HIS 50 CE1 
22 1 Y 1 B HIS 524 ? NE2 ? B HIS 50 NE2 
23 1 Y 1 B HIS 525 ? CG  ? B HIS 51 CG  
24 1 Y 1 B HIS 525 ? ND1 ? B HIS 51 ND1 
25 1 Y 1 B HIS 525 ? CD2 ? B HIS 51 CD2 
26 1 Y 1 B HIS 525 ? CE1 ? B HIS 51 CE1 
27 1 Y 1 B HIS 525 ? NE2 ? B HIS 51 NE2 
# 
loop_
_pdbx_unobs_or_zero_occ_residues.id 
_pdbx_unobs_or_zero_occ_residues.PDB_model_num 
_pdbx_unobs_or_zero_occ_residues.polymer_flag 
_pdbx_unobs_or_zero_occ_residues.occupancy_flag 
_pdbx_unobs_or_zero_occ_residues.auth_asym_id 
_pdbx_unobs_or_zero_occ_residues.auth_comp_id 
_pdbx_unobs_or_zero_occ_residues.auth_seq_id 
_pdbx_unobs_or_zero_occ_residues.PDB_ins_code 
_pdbx_unobs_or_zero_occ_residues.label_asym_id 
_pdbx_unobs_or_zero_occ_residues.label_comp_id 
_pdbx_unobs_or_zero_occ_residues.label_seq_id 
1 1 Y 1 A HIS 524 ? A HIS 50 
2 1 Y 1 A HIS 525 ? A HIS 51 
3 1 Y 1 A HIS 526 ? A HIS 52 
4 1 Y 1 B GLU 475 ? B GLU 1  
5 1 Y 1 B PHE 476 ? B PHE 2  
# 
loop_
_chem_comp_atom.comp_id 
_chem_comp_atom.atom_id 
_chem_comp_atom.type_symbol 
_chem_comp_atom.pdbx_aromatic_flag 
_chem_comp_atom.pdbx_stereo_config 
_chem_comp_atom.pdbx_ordinal 
ALA N    N N N 1   
ALA CA   C N S 2   
ALA C    C N N 3   
ALA O    O N N 4   
ALA CB   C N N 5   
ALA OXT  O N N 6   
ALA H    H N N 7   
ALA H2   H N N 8   
ALA HA   H N N 9   
ALA HB1  H N N 10  
ALA HB2  H N N 11  
ALA HB3  H N N 12  
ALA HXT  H N N 13  
ARG N    N N N 14  
ARG CA   C N S 15  
ARG C    C N N 16  
ARG O    O N N 17  
ARG CB   C N N 18  
ARG CG   C N N 19  
ARG CD   C N N 20  
ARG NE   N N N 21  
ARG CZ   C N N 22  
ARG NH1  N N N 23  
ARG NH2  N N N 24  
ARG OXT  O N N 25  
ARG H    H N N 26  
ARG H2   H N N 27  
ARG HA   H N N 28  
ARG HB2  H N N 29  
ARG HB3  H N N 30  
ARG HG2  H N N 31  
ARG HG3  H N N 32  
ARG HD2  H N N 33  
ARG HD3  H N N 34  
ARG HE   H N N 35  
ARG HH11 H N N 36  
ARG HH12 H N N 37  
ARG HH21 H N N 38  
ARG HH22 H N N 39  
ARG HXT  H N N 40  
ASP N    N N N 41  
ASP CA   C N S 42  
ASP C    C N N 43  
ASP O    O N N 44  
ASP CB   C N N 45  
ASP CG   C N N 46  
ASP OD1  O N N 47  
ASP OD2  O N N 48  
ASP OXT  O N N 49  
ASP H    H N N 50  
ASP H2   H N N 51  
ASP HA   H N N 52  
ASP HB2  H N N 53  
ASP HB3  H N N 54  
ASP HD2  H N N 55  
ASP HXT  H N N 56  
CYS N    N N N 57  
CYS CA   C N R 58  
CYS C    C N N 59  
CYS O    O N N 60  
CYS CB   C N N 61  
CYS SG   S N N 62  
CYS OXT  O N N 63  
CYS H    H N N 64  
CYS H2   H N N 65  
CYS HA   H N N 66  
CYS HB2  H N N 67  
CYS HB3  H N N 68  
CYS HG   H N N 69  
CYS HXT  H N N 70  
GLN N    N N N 71  
GLN CA   C N S 72  
GLN C    C N N 73  
GLN O    O N N 74  
GLN CB   C N N 75  
GLN CG   C N N 76  
GLN CD   C N N 77  
GLN OE1  O N N 78  
GLN NE2  N N N 79  
GLN OXT  O N N 80  
GLN H    H N N 81  
GLN H2   H N N 82  
GLN HA   H N N 83  
GLN HB2  H N N 84  
GLN HB3  H N N 85  
GLN HG2  H N N 86  
GLN HG3  H N N 87  
GLN HE21 H N N 88  
GLN HE22 H N N 89  
GLN HXT  H N N 90  
GLU N    N N N 91  
GLU CA   C N S 92  
GLU C    C N N 93  
GLU O    O N N 94  
GLU CB   C N N 95  
GLU CG   C N N 96  
GLU CD   C N N 97  
GLU OE1  O N N 98  
GLU OE2  O N N 99  
GLU OXT  O N N 100 
GLU H    H N N 101 
GLU H2   H N N 102 
GLU HA   H N N 103 
GLU HB2  H N N 104 
GLU HB3  H N N 105 
GLU HG2  H N N 106 
GLU HG3  H N N 107 
GLU HE2  H N N 108 
GLU HXT  H N N 109 
GLY N    N N N 110 
GLY CA   C N N 111 
GLY C    C N N 112 
GLY O    O N N 113 
GLY OXT  O N N 114 
GLY H    H N N 115 
GLY H2   H N N 116 
GLY HA2  H N N 117 
GLY HA3  H N N 118 
GLY HXT  H N N 119 
HIS N    N N N 120 
HIS CA   C N S 121 
HIS C    C N N 122 
HIS O    O N N 123 
HIS CB   C N N 124 
HIS CG   C Y N 125 
HIS ND1  N Y N 126 
HIS CD2  C Y N 127 
HIS CE1  C Y N 128 
HIS NE2  N Y N 129 
HIS OXT  O N N 130 
HIS H    H N N 131 
HIS H2   H N N 132 
HIS HA   H N N 133 
HIS HB2  H N N 134 
HIS HB3  H N N 135 
HIS HD1  H N N 136 
HIS HD2  H N N 137 
HIS HE1  H N N 138 
HIS HE2  H N N 139 
HIS HXT  H N N 140 
HOH O    O N N 141 
HOH H1   H N N 142 
HOH H2   H N N 143 
ILE N    N N N 144 
ILE CA   C N S 145 
ILE C    C N N 146 
ILE O    O N N 147 
ILE CB   C N S 148 
ILE CG1  C N N 149 
ILE CG2  C N N 150 
ILE CD1  C N N 151 
ILE OXT  O N N 152 
ILE H    H N N 153 
ILE H2   H N N 154 
ILE HA   H N N 155 
ILE HB   H N N 156 
ILE HG12 H N N 157 
ILE HG13 H N N 158 
ILE HG21 H N N 159 
ILE HG22 H N N 160 
ILE HG23 H N N 161 
ILE HD11 H N N 162 
ILE HD12 H N N 163 
ILE HD13 H N N 164 
ILE HXT  H N N 165 
LEU N    N N N 166 
LEU CA   C N S 167 
LEU C    C N N 168 
LEU O    O N N 169 
LEU CB   C N N 170 
LEU CG   C N N 171 
LEU CD1  C N N 172 
LEU CD2  C N N 173 
LEU OXT  O N N 174 
LEU H    H N N 175 
LEU H2   H N N 176 
LEU HA   H N N 177 
LEU HB2  H N N 178 
LEU HB3  H N N 179 
LEU HG   H N N 180 
LEU HD11 H N N 181 
LEU HD12 H N N 182 
LEU HD13 H N N 183 
LEU HD21 H N N 184 
LEU HD22 H N N 185 
LEU HD23 H N N 186 
LEU HXT  H N N 187 
LYS N    N N N 188 
LYS CA   C N S 189 
LYS C    C N N 190 
LYS O    O N N 191 
LYS CB   C N N 192 
LYS CG   C N N 193 
LYS CD   C N N 194 
LYS CE   C N N 195 
LYS NZ   N N N 196 
LYS OXT  O N N 197 
LYS H    H N N 198 
LYS H2   H N N 199 
LYS HA   H N N 200 
LYS HB2  H N N 201 
LYS HB3  H N N 202 
LYS HG2  H N N 203 
LYS HG3  H N N 204 
LYS HD2  H N N 205 
LYS HD3  H N N 206 
LYS HE2  H N N 207 
LYS HE3  H N N 208 
LYS HZ1  H N N 209 
LYS HZ2  H N N 210 
LYS HZ3  H N N 211 
LYS HXT  H N N 212 
MET N    N N N 213 
MET CA   C N S 214 
MET C    C N N 215 
MET O    O N N 216 
MET CB   C N N 217 
MET CG   C N N 218 
MET SD   S N N 219 
MET CE   C N N 220 
MET OXT  O N N 221 
MET H    H N N 222 
MET H2   H N N 223 
MET HA   H N N 224 
MET HB2  H N N 225 
MET HB3  H N N 226 
MET HG2  H N N 227 
MET HG3  H N N 228 
MET HE1  H N N 229 
MET HE2  H N N 230 
MET HE3  H N N 231 
MET HXT  H N N 232 
PHE N    N N N 233 
PHE CA   C N S 234 
PHE C    C N N 235 
PHE O    O N N 236 
PHE CB   C N N 237 
PHE CG   C Y N 238 
PHE CD1  C Y N 239 
PHE CD2  C Y N 240 
PHE CE1  C Y N 241 
PHE CE2  C Y N 242 
PHE CZ   C Y N 243 
PHE OXT  O N N 244 
PHE H    H N N 245 
PHE H2   H N N 246 
PHE HA   H N N 247 
PHE HB2  H N N 248 
PHE HB3  H N N 249 
PHE HD1  H N N 250 
PHE HD2  H N N 251 
PHE HE1  H N N 252 
PHE HE2  H N N 253 
PHE HZ   H N N 254 
PHE HXT  H N N 255 
SER N    N N N 256 
SER CA   C N S 257 
SER C    C N N 258 
SER O    O N N 259 
SER CB   C N N 260 
SER OG   O N N 261 
SER OXT  O N N 262 
SER H    H N N 263 
SER H2   H N N 264 
SER HA   H N N 265 
SER HB2  H N N 266 
SER HB3  H N N 267 
SER HG   H N N 268 
SER HXT  H N N 269 
THR N    N N N 270 
THR CA   C N S 271 
THR C    C N N 272 
THR O    O N N 273 
THR CB   C N R 274 
THR OG1  O N N 275 
THR CG2  C N N 276 
THR OXT  O N N 277 
THR H    H N N 278 
THR H2   H N N 279 
THR HA   H N N 280 
THR HB   H N N 281 
THR HG1  H N N 282 
THR HG21 H N N 283 
THR HG22 H N N 284 
THR HG23 H N N 285 
THR HXT  H N N 286 
VAL N    N N N 287 
VAL CA   C N S 288 
VAL C    C N N 289 
VAL O    O N N 290 
VAL CB   C N N 291 
VAL CG1  C N N 292 
VAL CG2  C N N 293 
VAL OXT  O N N 294 
VAL H    H N N 295 
VAL H2   H N N 296 
VAL HA   H N N 297 
VAL HB   H N N 298 
VAL HG11 H N N 299 
VAL HG12 H N N 300 
VAL HG13 H N N 301 
VAL HG21 H N N 302 
VAL HG22 H N N 303 
VAL HG23 H N N 304 
VAL HXT  H N N 305 
# 
loop_
_chem_comp_bond.comp_id 
_chem_comp_bond.atom_id_1 
_chem_comp_bond.atom_id_2 
_chem_comp_bond.value_order 
_chem_comp_bond.pdbx_aromatic_flag 
_chem_comp_bond.pdbx_stereo_config 
_chem_comp_bond.pdbx_ordinal 
ALA N   CA   sing N N 1   
ALA N   H    sing N N 2   
ALA N   H2   sing N N 3   
ALA CA  C    sing N N 4   
ALA CA  CB   sing N N 5   
ALA CA  HA   sing N N 6   
ALA C   O    doub N N 7   
ALA C   OXT  sing N N 8   
ALA CB  HB1  sing N N 9   
ALA CB  HB2  sing N N 10  
ALA CB  HB3  sing N N 11  
ALA OXT HXT  sing N N 12  
ARG N   CA   sing N N 13  
ARG N   H    sing N N 14  
ARG N   H2   sing N N 15  
ARG CA  C    sing N N 16  
ARG CA  CB   sing N N 17  
ARG CA  HA   sing N N 18  
ARG C   O    doub N N 19  
ARG C   OXT  sing N N 20  
ARG CB  CG   sing N N 21  
ARG CB  HB2  sing N N 22  
ARG CB  HB3  sing N N 23  
ARG CG  CD   sing N N 24  
ARG CG  HG2  sing N N 25  
ARG CG  HG3  sing N N 26  
ARG CD  NE   sing N N 27  
ARG CD  HD2  sing N N 28  
ARG CD  HD3  sing N N 29  
ARG NE  CZ   sing N N 30  
ARG NE  HE   sing N N 31  
ARG CZ  NH1  sing N N 32  
ARG CZ  NH2  doub N N 33  
ARG NH1 HH11 sing N N 34  
ARG NH1 HH12 sing N N 35  
ARG NH2 HH21 sing N N 36  
ARG NH2 HH22 sing N N 37  
ARG OXT HXT  sing N N 38  
ASP N   CA   sing N N 39  
ASP N   H    sing N N 40  
ASP N   H2   sing N N 41  
ASP CA  C    sing N N 42  
ASP CA  CB   sing N N 43  
ASP CA  HA   sing N N 44  
ASP C   O    doub N N 45  
ASP C   OXT  sing N N 46  
ASP CB  CG   sing N N 47  
ASP CB  HB2  sing N N 48  
ASP CB  HB3  sing N N 49  
ASP CG  OD1  doub N N 50  
ASP CG  OD2  sing N N 51  
ASP OD2 HD2  sing N N 52  
ASP OXT HXT  sing N N 53  
CYS N   CA   sing N N 54  
CYS N   H    sing N N 55  
CYS N   H2   sing N N 56  
CYS CA  C    sing N N 57  
CYS CA  CB   sing N N 58  
CYS CA  HA   sing N N 59  
CYS C   O    doub N N 60  
CYS C   OXT  sing N N 61  
CYS CB  SG   sing N N 62  
CYS CB  HB2  sing N N 63  
CYS CB  HB3  sing N N 64  
CYS SG  HG   sing N N 65  
CYS OXT HXT  sing N N 66  
GLN N   CA   sing N N 67  
GLN N   H    sing N N 68  
GLN N   H2   sing N N 69  
GLN CA  C    sing N N 70  
GLN CA  CB   sing N N 71  
GLN CA  HA   sing N N 72  
GLN C   O    doub N N 73  
GLN C   OXT  sing N N 74  
GLN CB  CG   sing N N 75  
GLN CB  HB2  sing N N 76  
GLN CB  HB3  sing N N 77  
GLN CG  CD   sing N N 78  
GLN CG  HG2  sing N N 79  
GLN CG  HG3  sing N N 80  
GLN CD  OE1  doub N N 81  
GLN CD  NE2  sing N N 82  
GLN NE2 HE21 sing N N 83  
GLN NE2 HE22 sing N N 84  
GLN OXT HXT  sing N N 85  
GLU N   CA   sing N N 86  
GLU N   H    sing N N 87  
GLU N   H2   sing N N 88  
GLU CA  C    sing N N 89  
GLU CA  CB   sing N N 90  
GLU CA  HA   sing N N 91  
GLU C   O    doub N N 92  
GLU C   OXT  sing N N 93  
GLU CB  CG   sing N N 94  
GLU CB  HB2  sing N N 95  
GLU CB  HB3  sing N N 96  
GLU CG  CD   sing N N 97  
GLU CG  HG2  sing N N 98  
GLU CG  HG3  sing N N 99  
GLU CD  OE1  doub N N 100 
GLU CD  OE2  sing N N 101 
GLU OE2 HE2  sing N N 102 
GLU OXT HXT  sing N N 103 
GLY N   CA   sing N N 104 
GLY N   H    sing N N 105 
GLY N   H2   sing N N 106 
GLY CA  C    sing N N 107 
GLY CA  HA2  sing N N 108 
GLY CA  HA3  sing N N 109 
GLY C   O    doub N N 110 
GLY C   OXT  sing N N 111 
GLY OXT HXT  sing N N 112 
HIS N   CA   sing N N 113 
HIS N   H    sing N N 114 
HIS N   H2   sing N N 115 
HIS CA  C    sing N N 116 
HIS CA  CB   sing N N 117 
HIS CA  HA   sing N N 118 
HIS C   O    doub N N 119 
HIS C   OXT  sing N N 120 
HIS CB  CG   sing N N 121 
HIS CB  HB2  sing N N 122 
HIS CB  HB3  sing N N 123 
HIS CG  ND1  sing Y N 124 
HIS CG  CD2  doub Y N 125 
HIS ND1 CE1  doub Y N 126 
HIS ND1 HD1  sing N N 127 
HIS CD2 NE2  sing Y N 128 
HIS CD2 HD2  sing N N 129 
HIS CE1 NE2  sing Y N 130 
HIS CE1 HE1  sing N N 131 
HIS NE2 HE2  sing N N 132 
HIS OXT HXT  sing N N 133 
HOH O   H1   sing N N 134 
HOH O   H2   sing N N 135 
ILE N   CA   sing N N 136 
ILE N   H    sing N N 137 
ILE N   H2   sing N N 138 
ILE CA  C    sing N N 139 
ILE CA  CB   sing N N 140 
ILE CA  HA   sing N N 141 
ILE C   O    doub N N 142 
ILE C   OXT  sing N N 143 
ILE CB  CG1  sing N N 144 
ILE CB  CG2  sing N N 145 
ILE CB  HB   sing N N 146 
ILE CG1 CD1  sing N N 147 
ILE CG1 HG12 sing N N 148 
ILE CG1 HG13 sing N N 149 
ILE CG2 HG21 sing N N 150 
ILE CG2 HG22 sing N N 151 
ILE CG2 HG23 sing N N 152 
ILE CD1 HD11 sing N N 153 
ILE CD1 HD12 sing N N 154 
ILE CD1 HD13 sing N N 155 
ILE OXT HXT  sing N N 156 
LEU N   CA   sing N N 157 
LEU N   H    sing N N 158 
LEU N   H2   sing N N 159 
LEU CA  C    sing N N 160 
LEU CA  CB   sing N N 161 
LEU CA  HA   sing N N 162 
LEU C   O    doub N N 163 
LEU C   OXT  sing N N 164 
LEU CB  CG   sing N N 165 
LEU CB  HB2  sing N N 166 
LEU CB  HB3  sing N N 167 
LEU CG  CD1  sing N N 168 
LEU CG  CD2  sing N N 169 
LEU CG  HG   sing N N 170 
LEU CD1 HD11 sing N N 171 
LEU CD1 HD12 sing N N 172 
LEU CD1 HD13 sing N N 173 
LEU CD2 HD21 sing N N 174 
LEU CD2 HD22 sing N N 175 
LEU CD2 HD23 sing N N 176 
LEU OXT HXT  sing N N 177 
LYS N   CA   sing N N 178 
LYS N   H    sing N N 179 
LYS N   H2   sing N N 180 
LYS CA  C    sing N N 181 
LYS CA  CB   sing N N 182 
LYS CA  HA   sing N N 183 
LYS C   O    doub N N 184 
LYS C   OXT  sing N N 185 
LYS CB  CG   sing N N 186 
LYS CB  HB2  sing N N 187 
LYS CB  HB3  sing N N 188 
LYS CG  CD   sing N N 189 
LYS CG  HG2  sing N N 190 
LYS CG  HG3  sing N N 191 
LYS CD  CE   sing N N 192 
LYS CD  HD2  sing N N 193 
LYS CD  HD3  sing N N 194 
LYS CE  NZ   sing N N 195 
LYS CE  HE2  sing N N 196 
LYS CE  HE3  sing N N 197 
LYS NZ  HZ1  sing N N 198 
LYS NZ  HZ2  sing N N 199 
LYS NZ  HZ3  sing N N 200 
LYS OXT HXT  sing N N 201 
MET N   CA   sing N N 202 
MET N   H    sing N N 203 
MET N   H2   sing N N 204 
MET CA  C    sing N N 205 
MET CA  CB   sing N N 206 
MET CA  HA   sing N N 207 
MET C   O    doub N N 208 
MET C   OXT  sing N N 209 
MET CB  CG   sing N N 210 
MET CB  HB2  sing N N 211 
MET CB  HB3  sing N N 212 
MET CG  SD   sing N N 213 
MET CG  HG2  sing N N 214 
MET CG  HG3  sing N N 215 
MET SD  CE   sing N N 216 
MET CE  HE1  sing N N 217 
MET CE  HE2  sing N N 218 
MET CE  HE3  sing N N 219 
MET OXT HXT  sing N N 220 
PHE N   CA   sing N N 221 
PHE N   H    sing N N 222 
PHE N   H2   sing N N 223 
PHE CA  C    sing N N 224 
PHE CA  CB   sing N N 225 
PHE CA  HA   sing N N 226 
PHE C   O    doub N N 227 
PHE C   OXT  sing N N 228 
PHE CB  CG   sing N N 229 
PHE CB  HB2  sing N N 230 
PHE CB  HB3  sing N N 231 
PHE CG  CD1  doub Y N 232 
PHE CG  CD2  sing Y N 233 
PHE CD1 CE1  sing Y N 234 
PHE CD1 HD1  sing N N 235 
PHE CD2 CE2  doub Y N 236 
PHE CD2 HD2  sing N N 237 
PHE CE1 CZ   doub Y N 238 
PHE CE1 HE1  sing N N 239 
PHE CE2 CZ   sing Y N 240 
PHE CE2 HE2  sing N N 241 
PHE CZ  HZ   sing N N 242 
PHE OXT HXT  sing N N 243 
SER N   CA   sing N N 244 
SER N   H    sing N N 245 
SER N   H2   sing N N 246 
SER CA  C    sing N N 247 
SER CA  CB   sing N N 248 
SER CA  HA   sing N N 249 
SER C   O    doub N N 250 
SER C   OXT  sing N N 251 
SER CB  OG   sing N N 252 
SER CB  HB2  sing N N 253 
SER CB  HB3  sing N N 254 
SER OG  HG   sing N N 255 
SER OXT HXT  sing N N 256 
THR N   CA   sing N N 257 
THR N   H    sing N N 258 
THR N   H2   sing N N 259 
THR CA  C    sing N N 260 
THR CA  CB   sing N N 261 
THR CA  HA   sing N N 262 
THR C   O    doub N N 263 
THR C   OXT  sing N N 264 
THR CB  OG1  sing N N 265 
THR CB  CG2  sing N N 266 
THR CB  HB   sing N N 267 
THR OG1 HG1  sing N N 268 
THR CG2 HG21 sing N N 269 
THR CG2 HG22 sing N N 270 
THR CG2 HG23 sing N N 271 
THR OXT HXT  sing N N 272 
VAL N   CA   sing N N 273 
VAL N   H    sing N N 274 
VAL N   H2   sing N N 275 
VAL CA  C    sing N N 276 
VAL CA  CB   sing N N 277 
VAL CA  HA   sing N N 278 
VAL C   O    doub N N 279 
VAL C   OXT  sing N N 280 
VAL CB  CG1  sing N N 281 
VAL CB  CG2  sing N N 282 
VAL CB  HB   sing N N 283 
VAL CG1 HG11 sing N N 284 
VAL CG1 HG12 sing N N 285 
VAL CG1 HG13 sing N N 286 
VAL CG2 HG21 sing N N 287 
VAL CG2 HG22 sing N N 288 
VAL CG2 HG23 sing N N 289 
VAL OXT HXT  sing N N 290 
# 
_pdbx_entity_nonpoly.entity_id   2 
_pdbx_entity_nonpoly.name        water 
_pdbx_entity_nonpoly.comp_id     HOH 
# 
_pdbx_initial_refinement_model.id               1 
_pdbx_initial_refinement_model.entity_id_list   ? 
_pdbx_initial_refinement_model.type             'experimental model' 
_pdbx_initial_refinement_model.source_name      PDB 
_pdbx_initial_refinement_model.accession_code   5CX2 
_pdbx_initial_refinement_model.details          ? 
# 
_pdbx_struct_assembly_auth_evidence.id                     1 
_pdbx_struct_assembly_auth_evidence.assembly_id            1 
_pdbx_struct_assembly_auth_evidence.experimental_support   none 
_pdbx_struct_assembly_auth_evidence.details                ? 
# 
